data_7WIZ
#
_entry.id   7WIZ
#
_cell.length_a   1.00
_cell.length_b   1.00
_cell.length_c   1.00
_cell.angle_alpha   90.00
_cell.angle_beta   90.00
_cell.angle_gamma   90.00
#
_symmetry.space_group_name_H-M   'P 1'
#
loop_
_entity.id
_entity.type
_entity.pdbx_description
1 polymer 'CTP synthase'
2 non-polymer GLUTAMINE
3 non-polymer 'PHOSPHOMETHYLPHOSPHONIC ACID ADENYLATE ESTER'
4 non-polymer "URIDINE 5'-TRIPHOSPHATE"
#
_entity_poly.entity_id   1
_entity_poly.type   'polypeptide(L)'
_entity_poly.pdbx_seq_one_letter_code
;MKYILVTGGVISGVGKGVIASSFGTLLKSCGLDVTSIKIDPYINIDAGTFSPYEHGEVYVLDDGAEVDLDLGNYERFLDV
TLHRDNNITTGKIYKLVIEKERTGEYLGKTVQVVPHITDAIQEWVERVAQTPVQGSSKPQVCIVELGGTIGDIEGMPFVE
AFRQFQFRVKRENFCLAHVSLVPLPKATGEPKTKPTQSSVRELRGCGLSPDLIVCRSEKPIGLEVKEKISNFCHVGPDQV
ICIHDLNSIYHVPLLMEQNGVIEYLNERLQLNIDMSKRTKCLQQWRDLARRTETVRREVCIAVVGKYTKFTDSYASVVKA
LQHAALAVNRKLELVFIESCLLEEETLHSEPSKYHKEWQKLCDSHGILVPGGFGSRGMEGKIRACQWARENQKPLLGICL
GLQAAVIEFARNKLGLKDANTTEIDPNTANALVIDMPEHHTGQLGGTMRLGKRITVFSDGPSVIRQLYGNPKSVQERHRH
RYEVNPKYVHLLEEQGMRFVGTDVDKTRMEIIELSGHPYFVATQYHPEYLSRPLKPSPPFLGLILASVDRLNQYIQ
;
_entity_poly.pdbx_strand_id   A,B,C,D
#
# COMPACT_ATOMS: atom_id res chain seq x y z
N MET A 1 -19.55 0.61 -27.55
CA MET A 1 -18.85 -0.69 -27.41
C MET A 1 -18.82 -1.13 -25.96
N LYS A 2 -18.58 -2.42 -25.75
CA LYS A 2 -18.56 -3.01 -24.42
C LYS A 2 -17.25 -3.78 -24.23
N TYR A 3 -16.61 -3.56 -23.10
CA TYR A 3 -15.27 -4.05 -22.85
C TYR A 3 -15.26 -5.05 -21.70
N ILE A 4 -14.36 -6.01 -21.79
CA ILE A 4 -14.19 -7.04 -20.78
C ILE A 4 -12.69 -7.15 -20.51
N LEU A 5 -12.22 -6.45 -19.48
CA LEU A 5 -10.83 -6.56 -19.09
C LEU A 5 -10.63 -7.86 -18.31
N VAL A 6 -9.59 -8.60 -18.67
CA VAL A 6 -9.22 -9.84 -18.01
C VAL A 6 -7.88 -9.63 -17.33
N THR A 7 -7.83 -9.88 -16.04
CA THR A 7 -6.66 -9.64 -15.23
C THR A 7 -6.21 -10.93 -14.57
N GLY A 8 -4.95 -10.94 -14.14
CA GLY A 8 -4.36 -12.10 -13.51
C GLY A 8 -3.99 -11.84 -12.06
N GLY A 9 -3.85 -12.91 -11.30
CA GLY A 9 -3.64 -12.80 -9.88
C GLY A 9 -2.32 -13.32 -9.36
N VAL A 10 -2.36 -14.49 -8.74
CA VAL A 10 -1.23 -14.98 -7.96
C VAL A 10 0.02 -15.07 -8.81
N ILE A 11 -0.08 -15.74 -9.96
CA ILE A 11 1.08 -15.99 -10.81
C ILE A 11 0.73 -15.66 -12.25
N SER A 12 1.78 -15.57 -13.07
CA SER A 12 1.64 -15.46 -14.51
C SER A 12 1.80 -16.83 -15.14
N GLY A 13 0.83 -17.22 -15.95
CA GLY A 13 0.82 -18.56 -16.52
C GLY A 13 -0.28 -19.41 -15.92
N VAL A 14 -1.42 -18.79 -15.66
CA VAL A 14 -2.53 -19.48 -15.02
C VAL A 14 -3.71 -19.69 -15.96
N GLY A 15 -3.76 -19.02 -17.10
CA GLY A 15 -4.72 -19.35 -18.15
C GLY A 15 -5.55 -18.22 -18.69
N LYS A 16 -5.13 -16.98 -18.46
CA LYS A 16 -5.92 -15.84 -18.94
C LYS A 16 -6.17 -15.92 -20.44
N GLY A 17 -5.22 -16.45 -21.21
CA GLY A 17 -5.41 -16.52 -22.65
C GLY A 17 -6.61 -17.35 -23.03
N VAL A 18 -6.73 -18.53 -22.45
CA VAL A 18 -7.85 -19.41 -22.78
C VAL A 18 -9.15 -18.86 -22.21
N ILE A 19 -9.11 -18.30 -21.00
CA ILE A 19 -10.29 -17.65 -20.44
C ILE A 19 -10.82 -16.59 -21.40
N ALA A 20 -9.93 -15.73 -21.89
CA ALA A 20 -10.35 -14.63 -22.75
C ALA A 20 -10.85 -15.15 -24.09
N SER A 21 -10.11 -16.07 -24.71
CA SER A 21 -10.58 -16.65 -25.96
C SER A 21 -11.92 -17.35 -25.79
N SER A 22 -12.19 -17.89 -24.60
CA SER A 22 -13.46 -18.55 -24.37
C SER A 22 -14.60 -17.55 -24.25
N PHE A 23 -14.39 -16.47 -23.49
CA PHE A 23 -15.36 -15.39 -23.51
C PHE A 23 -15.64 -14.97 -24.94
N GLY A 24 -14.59 -14.84 -25.74
CA GLY A 24 -14.76 -14.39 -27.11
C GLY A 24 -15.59 -15.34 -27.94
N THR A 25 -15.29 -16.63 -27.88
CA THR A 25 -16.03 -17.59 -28.69
C THR A 25 -17.47 -17.74 -28.21
N LEU A 26 -17.70 -17.63 -26.89
CA LEU A 26 -19.08 -17.61 -26.40
C LEU A 26 -19.85 -16.45 -27.00
N LEU A 27 -19.34 -15.23 -26.82
CA LEU A 27 -20.03 -14.07 -27.34
C LEU A 27 -20.17 -14.13 -28.86
N LYS A 28 -19.23 -14.79 -29.54
CA LYS A 28 -19.27 -14.85 -31.00
C LYS A 28 -20.24 -15.91 -31.49
N SER A 29 -20.52 -16.92 -30.67
CA SER A 29 -21.52 -17.90 -31.04
C SER A 29 -22.93 -17.37 -30.83
N CYS A 30 -23.08 -16.40 -29.94
CA CYS A 30 -24.36 -15.78 -29.65
C CYS A 30 -24.71 -14.66 -30.61
N GLY A 31 -24.00 -14.55 -31.74
CA GLY A 31 -24.36 -13.62 -32.78
C GLY A 31 -23.63 -12.28 -32.75
N LEU A 32 -22.58 -12.15 -31.96
CA LEU A 32 -21.88 -10.88 -31.82
C LEU A 32 -20.64 -10.86 -32.72
N ASP A 33 -19.97 -9.71 -32.71
CA ASP A 33 -18.72 -9.48 -33.44
C ASP A 33 -17.67 -9.03 -32.43
N VAL A 34 -16.81 -9.93 -32.05
CA VAL A 34 -15.82 -9.68 -31.00
C VAL A 34 -14.50 -9.27 -31.62
N THR A 35 -13.75 -8.47 -30.88
CA THR A 35 -12.35 -8.21 -31.14
C THR A 35 -11.57 -8.39 -29.84
N SER A 36 -10.26 -8.35 -29.95
CA SER A 36 -9.42 -8.70 -28.83
C SER A 36 -8.18 -7.83 -28.81
N ILE A 37 -7.58 -7.70 -27.63
CA ILE A 37 -6.39 -6.91 -27.44
C ILE A 37 -5.56 -7.56 -26.34
N LYS A 38 -4.25 -7.53 -26.52
CA LYS A 38 -3.31 -8.09 -25.57
C LYS A 38 -2.36 -6.99 -25.15
N ILE A 39 -2.21 -6.80 -23.84
CA ILE A 39 -1.39 -5.75 -23.28
C ILE A 39 -0.19 -6.39 -22.61
N ASP A 40 0.96 -6.31 -23.26
CA ASP A 40 2.20 -6.84 -22.71
C ASP A 40 2.95 -5.71 -22.04
N PRO A 41 3.11 -5.72 -20.72
CA PRO A 41 3.74 -4.57 -20.05
C PRO A 41 5.24 -4.48 -20.23
N TYR A 42 5.81 -5.24 -21.16
CA TYR A 42 7.25 -5.20 -21.36
C TYR A 42 7.63 -4.10 -22.35
N ILE A 43 8.86 -3.63 -22.23
CA ILE A 43 9.36 -2.52 -23.05
C ILE A 43 9.95 -3.14 -24.30
N ASN A 44 9.08 -3.44 -25.25
CA ASN A 44 9.48 -4.05 -26.51
C ASN A 44 8.42 -3.73 -27.55
N ILE A 45 8.83 -3.04 -28.61
CA ILE A 45 7.88 -2.67 -29.65
C ILE A 45 7.17 -3.92 -30.19
N ASP A 46 7.90 -5.00 -30.36
CA ASP A 46 7.35 -6.23 -30.90
C ASP A 46 8.26 -7.38 -30.49
N ALA A 47 7.90 -8.59 -30.91
CA ALA A 47 8.64 -9.80 -30.56
C ALA A 47 9.54 -10.28 -31.69
N GLY A 48 10.15 -9.36 -32.43
CA GLY A 48 11.05 -9.76 -33.49
C GLY A 48 12.42 -10.14 -32.95
N THR A 49 12.87 -9.46 -31.89
CA THR A 49 14.17 -9.70 -31.29
C THR A 49 14.12 -10.72 -30.17
N PHE A 50 13.16 -11.64 -30.21
CA PHE A 50 12.92 -12.57 -29.12
C PHE A 50 13.38 -13.97 -29.49
N SER A 51 13.70 -14.74 -28.47
CA SER A 51 13.98 -16.14 -28.62
C SER A 51 12.82 -16.97 -28.08
N PRO A 52 12.51 -18.10 -28.70
CA PRO A 52 11.35 -18.90 -28.25
C PRO A 52 11.39 -19.26 -26.77
N TYR A 53 12.58 -19.36 -26.18
CA TYR A 53 12.66 -19.68 -24.77
C TYR A 53 12.02 -18.60 -23.91
N GLU A 54 11.95 -17.38 -24.42
CA GLU A 54 11.46 -16.26 -23.61
C GLU A 54 9.95 -16.30 -23.47
N HIS A 55 9.23 -16.19 -24.60
CA HIS A 55 7.78 -16.03 -24.55
C HIS A 55 7.07 -16.95 -25.53
N GLY A 56 7.68 -18.06 -25.91
CA GLY A 56 6.91 -19.12 -26.53
C GLY A 56 6.42 -18.93 -27.95
N GLU A 57 7.31 -19.06 -28.93
CA GLU A 57 6.90 -19.18 -30.31
C GLU A 57 6.25 -17.92 -30.88
N VAL A 58 7.07 -16.91 -31.10
CA VAL A 58 6.66 -15.67 -31.75
C VAL A 58 5.68 -15.95 -32.88
N TYR A 59 4.53 -15.28 -32.85
CA TYR A 59 3.52 -15.38 -33.88
C TYR A 59 3.83 -14.42 -35.02
N VAL A 60 3.00 -14.47 -36.05
CA VAL A 60 3.16 -13.61 -37.22
C VAL A 60 1.78 -13.32 -37.79
N LEU A 61 1.52 -12.05 -38.05
CA LEU A 61 0.23 -11.60 -38.54
C LEU A 61 0.33 -11.25 -40.02
N ASP A 62 -0.83 -11.02 -40.63
CA ASP A 62 -0.89 -10.89 -42.07
C ASP A 62 -0.13 -9.68 -42.58
N ASP A 63 -0.08 -8.61 -41.79
CA ASP A 63 0.60 -7.39 -42.19
C ASP A 63 2.10 -7.42 -41.90
N GLY A 64 2.61 -8.50 -41.32
CA GLY A 64 4.02 -8.67 -41.12
C GLY A 64 4.51 -8.49 -39.70
N ALA A 65 3.62 -8.25 -38.76
CA ALA A 65 4.02 -8.01 -37.39
C ALA A 65 4.35 -9.31 -36.66
N GLU A 66 5.35 -9.23 -35.79
CA GLU A 66 5.75 -10.35 -34.94
C GLU A 66 5.31 -10.04 -33.52
N VAL A 67 4.40 -10.86 -32.99
CA VAL A 67 3.71 -10.57 -31.76
C VAL A 67 3.79 -11.78 -30.83
N ASP A 68 3.15 -11.65 -29.68
CA ASP A 68 3.02 -12.74 -28.74
C ASP A 68 2.21 -13.87 -29.36
N LEU A 69 2.16 -15.00 -28.66
CA LEU A 69 1.40 -16.14 -29.12
C LEU A 69 -0.05 -16.11 -28.69
N ASP A 70 -0.40 -15.29 -27.70
CA ASP A 70 -1.79 -15.23 -27.26
C ASP A 70 -2.70 -14.73 -28.37
N LEU A 71 -2.19 -13.84 -29.22
CA LEU A 71 -2.97 -13.45 -30.40
C LEU A 71 -3.23 -14.64 -31.29
N GLY A 72 -2.37 -15.65 -31.24
CA GLY A 72 -2.66 -16.88 -31.95
C GLY A 72 -3.85 -17.60 -31.37
N ASN A 73 -3.96 -17.63 -30.03
CA ASN A 73 -5.13 -18.22 -29.40
C ASN A 73 -6.39 -17.47 -29.81
N TYR A 74 -6.32 -16.13 -29.81
CA TYR A 74 -7.47 -15.35 -30.24
C TYR A 74 -7.85 -15.69 -31.67
N GLU A 75 -6.88 -15.73 -32.58
CA GLU A 75 -7.18 -15.99 -33.98
C GLU A 75 -7.73 -17.39 -34.17
N ARG A 76 -7.26 -18.36 -33.39
CA ARG A 76 -7.67 -19.74 -33.56
C ARG A 76 -9.04 -20.00 -32.96
N PHE A 77 -9.43 -19.24 -31.94
CA PHE A 77 -10.72 -19.44 -31.29
C PHE A 77 -11.83 -18.60 -31.92
N LEU A 78 -11.57 -17.35 -32.25
CA LEU A 78 -12.57 -16.47 -32.84
C LEU A 78 -12.59 -16.48 -34.36
N ASP A 79 -11.56 -17.02 -35.00
CA ASP A 79 -11.44 -17.01 -36.45
C ASP A 79 -11.49 -15.58 -36.98
N VAL A 80 -10.46 -14.82 -36.63
CA VAL A 80 -10.31 -13.44 -37.04
C VAL A 80 -8.87 -13.22 -37.50
N THR A 81 -8.63 -12.05 -38.08
CA THR A 81 -7.31 -11.67 -38.60
C THR A 81 -6.95 -10.33 -37.97
N LEU A 82 -6.26 -10.39 -36.83
CA LEU A 82 -5.92 -9.19 -36.10
C LEU A 82 -4.86 -8.39 -36.85
N HIS A 83 -4.47 -7.27 -36.26
CA HIS A 83 -3.51 -6.35 -36.83
C HIS A 83 -2.40 -6.08 -35.82
N ARG A 84 -1.54 -5.12 -36.18
CA ARG A 84 -0.40 -4.81 -35.33
C ARG A 84 -0.80 -4.02 -34.10
N ASP A 85 -1.78 -3.14 -34.23
CA ASP A 85 -2.23 -2.30 -33.13
C ASP A 85 -3.04 -3.06 -32.10
N ASN A 86 -3.25 -4.35 -32.30
CA ASN A 86 -3.94 -5.19 -31.34
C ASN A 86 -3.00 -5.82 -30.33
N ASN A 87 -1.78 -5.29 -30.22
CA ASN A 87 -0.75 -5.80 -29.30
C ASN A 87 -0.09 -4.57 -28.71
N ILE A 88 -0.58 -4.14 -27.56
CA ILE A 88 -0.08 -2.93 -26.92
C ILE A 88 1.09 -3.31 -26.03
N THR A 89 2.08 -2.43 -25.97
CA THR A 89 3.21 -2.57 -25.08
C THR A 89 3.50 -1.23 -24.45
N THR A 90 4.30 -1.27 -23.38
CA THR A 90 4.71 -0.03 -22.74
C THR A 90 5.61 0.78 -23.66
N GLY A 91 6.41 0.09 -24.49
CA GLY A 91 7.31 0.80 -25.38
C GLY A 91 6.57 1.54 -26.48
N LYS A 92 5.60 0.88 -27.10
CA LYS A 92 4.79 1.56 -28.11
C LYS A 92 4.20 2.85 -27.55
N ILE A 93 3.59 2.76 -26.37
CA ILE A 93 2.92 3.91 -25.78
C ILE A 93 3.92 5.03 -25.49
N TYR A 94 4.98 4.70 -24.76
CA TYR A 94 5.94 5.74 -24.40
C TYR A 94 6.60 6.35 -25.62
N LYS A 95 6.86 5.56 -26.65
CA LYS A 95 7.47 6.07 -27.86
C LYS A 95 6.53 7.01 -28.61
N LEU A 96 5.27 6.61 -28.73
CA LEU A 96 4.27 7.48 -29.33
C LEU A 96 4.20 8.81 -28.60
N VAL A 97 4.14 8.76 -27.28
CA VAL A 97 3.99 9.98 -26.50
C VAL A 97 5.24 10.85 -26.61
N ILE A 98 6.41 10.24 -26.62
CA ILE A 98 7.65 11.01 -26.72
C ILE A 98 7.76 11.66 -28.09
N GLU A 99 7.38 10.96 -29.15
CA GLU A 99 7.36 11.57 -30.47
C GLU A 99 6.39 12.73 -30.52
N LYS A 100 5.18 12.53 -29.99
CA LYS A 100 4.21 13.62 -29.93
C LYS A 100 4.79 14.83 -29.21
N GLU A 101 5.48 14.60 -28.10
CA GLU A 101 6.07 15.70 -27.34
C GLU A 101 7.13 16.42 -28.16
N ARG A 102 8.12 15.68 -28.67
CA ARG A 102 9.21 16.31 -29.40
C ARG A 102 8.67 17.09 -30.61
N THR A 103 7.63 16.59 -31.25
CA THR A 103 7.03 17.30 -32.36
C THR A 103 6.40 18.61 -31.90
N GLY A 104 5.58 18.55 -30.85
CA GLY A 104 4.95 19.73 -30.29
C GLY A 104 3.44 19.65 -30.24
N GLU A 105 2.91 18.43 -30.21
CA GLU A 105 1.47 18.23 -30.15
C GLU A 105 0.91 18.33 -28.73
N TYR A 106 1.79 18.43 -27.72
CA TYR A 106 1.40 18.70 -26.34
C TYR A 106 1.75 20.12 -25.97
N LEU A 107 1.56 21.04 -26.91
CA LEU A 107 2.17 22.36 -26.91
C LEU A 107 2.23 22.98 -25.53
N GLY A 108 3.44 23.31 -25.09
CA GLY A 108 3.66 24.14 -23.93
C GLY A 108 3.47 23.47 -22.59
N LYS A 109 2.77 22.35 -22.54
CA LYS A 109 2.38 21.77 -21.27
C LYS A 109 3.37 20.70 -20.82
N THR A 110 3.21 20.28 -19.57
CA THR A 110 4.04 19.24 -18.99
C THR A 110 3.38 17.89 -19.22
N VAL A 111 4.17 16.94 -19.72
CA VAL A 111 3.70 15.59 -19.98
C VAL A 111 4.06 14.71 -18.79
N GLN A 112 3.06 14.04 -18.25
CA GLN A 112 3.24 13.15 -17.10
C GLN A 112 2.58 11.82 -17.41
N VAL A 113 2.89 10.83 -16.59
CA VAL A 113 2.22 9.53 -16.71
C VAL A 113 0.73 9.71 -16.67
N VAL A 114 0.21 10.22 -15.56
CA VAL A 114 -1.17 10.66 -15.46
C VAL A 114 -1.20 12.15 -15.78
N PRO A 115 -2.03 12.61 -16.72
CA PRO A 115 -3.06 11.89 -17.47
C PRO A 115 -2.66 11.46 -18.87
N HIS A 116 -1.45 11.78 -19.32
CA HIS A 116 -1.15 11.71 -20.74
C HIS A 116 -0.93 10.27 -21.22
N ILE A 117 -0.11 9.51 -20.50
CA ILE A 117 0.11 8.12 -20.88
C ILE A 117 -1.19 7.33 -20.81
N THR A 118 -1.98 7.57 -19.77
CA THR A 118 -3.25 6.84 -19.63
C THR A 118 -4.25 7.28 -20.68
N ASP A 119 -4.23 8.54 -21.08
CA ASP A 119 -5.09 8.98 -22.18
C ASP A 119 -4.66 8.35 -23.49
N ALA A 120 -3.36 8.20 -23.70
CA ALA A 120 -2.88 7.50 -24.87
C ALA A 120 -3.36 6.06 -24.88
N ILE A 121 -3.28 5.39 -23.74
CA ILE A 121 -3.74 4.01 -23.66
C ILE A 121 -5.23 3.93 -23.96
N GLN A 122 -6.03 4.83 -23.37
CA GLN A 122 -7.47 4.81 -23.60
C GLN A 122 -7.80 5.06 -25.06
N GLU A 123 -7.19 6.08 -25.66
CA GLU A 123 -7.45 6.38 -27.07
C GLU A 123 -7.03 5.23 -27.96
N TRP A 124 -5.90 4.60 -27.66
CA TRP A 124 -5.47 3.43 -28.40
C TRP A 124 -6.52 2.34 -28.35
N VAL A 125 -6.98 2.01 -27.14
CA VAL A 125 -7.94 0.93 -26.99
C VAL A 125 -9.23 1.24 -27.74
N GLU A 126 -9.72 2.48 -27.61
CA GLU A 126 -10.97 2.84 -28.27
C GLU A 126 -10.82 2.82 -29.79
N ARG A 127 -9.71 3.35 -30.31
CA ARG A 127 -9.48 3.36 -31.75
C ARG A 127 -9.35 1.95 -32.29
N VAL A 128 -8.69 1.07 -31.54
CA VAL A 128 -8.43 -0.28 -32.03
C VAL A 128 -9.68 -1.14 -31.97
N ALA A 129 -10.52 -0.95 -30.95
CA ALA A 129 -11.70 -1.79 -30.84
C ALA A 129 -12.75 -1.47 -31.90
N GLN A 130 -12.49 -0.50 -32.77
CA GLN A 130 -13.42 -0.13 -33.83
C GLN A 130 -12.87 -0.44 -35.22
N THR A 131 -11.74 -1.13 -35.31
CA THR A 131 -11.17 -1.49 -36.59
C THR A 131 -11.80 -2.78 -37.08
N PRO A 132 -12.52 -2.79 -38.20
CA PRO A 132 -13.14 -4.04 -38.67
C PRO A 132 -12.10 -5.13 -38.82
N VAL A 133 -12.29 -6.22 -38.08
CA VAL A 133 -11.30 -7.27 -37.96
C VAL A 133 -11.71 -8.56 -38.63
N GLN A 134 -12.96 -8.71 -39.02
CA GLN A 134 -13.44 -9.87 -39.77
C GLN A 134 -14.15 -9.43 -41.03
N GLY A 135 -13.52 -8.51 -41.77
CA GLY A 135 -14.08 -7.98 -42.98
C GLY A 135 -14.38 -6.50 -42.87
N SER A 136 -15.65 -6.15 -42.91
CA SER A 136 -16.09 -4.77 -42.73
C SER A 136 -17.01 -4.59 -41.54
N SER A 137 -17.35 -5.68 -40.84
CA SER A 137 -18.23 -5.58 -39.70
C SER A 137 -17.53 -4.86 -38.54
N LYS A 138 -18.26 -3.96 -37.90
CA LYS A 138 -17.68 -3.22 -36.79
C LYS A 138 -17.85 -4.01 -35.49
N PRO A 139 -16.82 -4.14 -34.67
CA PRO A 139 -16.95 -4.90 -33.44
C PRO A 139 -18.00 -4.32 -32.51
N GLN A 140 -18.47 -5.16 -31.59
CA GLN A 140 -19.38 -4.77 -30.54
C GLN A 140 -18.83 -5.04 -29.16
N VAL A 141 -17.96 -6.04 -29.01
CA VAL A 141 -17.29 -6.34 -27.76
C VAL A 141 -15.78 -6.37 -28.02
N CYS A 142 -15.01 -5.93 -27.04
CA CYS A 142 -13.56 -5.96 -27.10
C CYS A 142 -13.04 -6.59 -25.82
N ILE A 143 -12.27 -7.66 -25.97
CA ILE A 143 -11.71 -8.36 -24.82
C ILE A 143 -10.26 -7.95 -24.64
N VAL A 144 -10.00 -7.15 -23.62
CA VAL A 144 -8.64 -6.77 -23.29
C VAL A 144 -8.08 -7.75 -22.28
N GLU A 145 -6.87 -8.23 -22.54
CA GLU A 145 -6.16 -9.13 -21.64
C GLU A 145 -4.90 -8.44 -21.18
N LEU A 146 -4.84 -8.15 -19.88
CA LEU A 146 -3.73 -7.42 -19.27
C LEU A 146 -2.72 -8.44 -18.77
N GLY A 147 -1.64 -8.61 -19.52
CA GLY A 147 -0.62 -9.55 -19.13
C GLY A 147 0.08 -9.13 -17.85
N GLY A 148 0.63 -10.12 -17.16
CA GLY A 148 1.28 -9.91 -15.90
C GLY A 148 0.40 -10.30 -14.72
N THR A 149 0.72 -9.69 -13.59
CA THR A 149 -0.03 -9.89 -12.36
C THR A 149 -0.30 -8.53 -11.72
N ILE A 150 -1.48 -8.37 -11.16
CA ILE A 150 -1.85 -7.10 -10.56
C ILE A 150 -1.01 -6.89 -9.30
N GLY A 151 -0.21 -5.84 -9.31
CA GLY A 151 0.66 -5.54 -8.18
C GLY A 151 2.04 -5.14 -8.63
N ASP A 152 2.42 -5.59 -9.83
CA ASP A 152 3.75 -5.32 -10.35
C ASP A 152 3.88 -3.87 -10.79
N ILE A 153 5.12 -3.39 -10.77
CA ILE A 153 5.40 -2.01 -11.13
C ILE A 153 5.31 -1.79 -12.63
N GLU A 154 5.21 -2.86 -13.42
CA GLU A 154 5.20 -2.72 -14.88
C GLU A 154 3.83 -2.32 -15.38
N GLY A 155 2.77 -2.74 -14.69
CA GLY A 155 1.43 -2.56 -15.21
C GLY A 155 0.53 -1.68 -14.36
N MET A 156 1.11 -0.66 -13.76
CA MET A 156 0.32 0.32 -13.00
C MET A 156 -0.29 1.36 -13.93
N PRO A 157 0.44 1.86 -14.92
CA PRO A 157 -0.19 2.75 -15.90
C PRO A 157 -1.47 2.19 -16.46
N PHE A 158 -1.48 0.90 -16.80
CA PHE A 158 -2.65 0.30 -17.44
C PHE A 158 -3.80 0.16 -16.44
N VAL A 159 -3.50 -0.26 -15.22
CA VAL A 159 -4.55 -0.38 -14.21
C VAL A 159 -5.18 0.97 -13.93
N GLU A 160 -4.37 2.02 -13.80
CA GLU A 160 -4.92 3.36 -13.63
C GLU A 160 -5.74 3.78 -14.83
N ALA A 161 -5.24 3.50 -16.03
CA ALA A 161 -5.99 3.83 -17.24
C ALA A 161 -7.37 3.20 -17.23
N PHE A 162 -7.46 1.95 -16.80
CA PHE A 162 -8.75 1.28 -16.83
C PHE A 162 -9.64 1.69 -15.67
N ARG A 163 -9.03 2.04 -14.54
CA ARG A 163 -9.77 2.67 -13.46
C ARG A 163 -10.50 3.91 -13.94
N GLN A 164 -9.83 4.70 -14.77
CA GLN A 164 -10.50 5.86 -15.37
C GLN A 164 -11.44 5.46 -16.51
N PHE A 165 -11.13 4.37 -17.20
CA PHE A 165 -11.92 3.94 -18.34
C PHE A 165 -13.31 3.50 -17.92
N GLN A 166 -13.42 2.88 -16.75
CA GLN A 166 -14.73 2.39 -16.33
C GLN A 166 -15.69 3.55 -16.06
N PHE A 167 -15.15 4.69 -15.63
CA PHE A 167 -15.98 5.89 -15.50
C PHE A 167 -16.19 6.56 -16.85
N ARG A 168 -15.18 6.52 -17.71
CA ARG A 168 -15.29 7.15 -19.02
C ARG A 168 -16.30 6.47 -19.91
N VAL A 169 -16.55 5.18 -19.69
CA VAL A 169 -17.44 4.41 -20.57
C VAL A 169 -18.62 3.82 -19.79
N LYS A 170 -19.07 4.48 -18.73
CA LYS A 170 -20.42 4.17 -18.25
C LYS A 170 -20.56 2.71 -17.85
N ARG A 171 -20.08 2.38 -16.64
CA ARG A 171 -19.80 1.02 -16.20
C ARG A 171 -20.74 -0.04 -16.77
N GLU A 172 -21.96 0.33 -17.15
CA GLU A 172 -22.81 -0.62 -17.85
C GLU A 172 -22.20 -1.09 -19.17
N ASN A 173 -21.10 -0.49 -19.61
CA ASN A 173 -20.34 -0.94 -20.77
C ASN A 173 -18.92 -1.32 -20.38
N PHE A 174 -18.78 -2.08 -19.30
CA PHE A 174 -17.46 -2.47 -18.82
C PHE A 174 -17.54 -3.56 -17.77
N CYS A 175 -16.79 -4.64 -17.96
CA CYS A 175 -16.70 -5.72 -17.01
C CYS A 175 -15.23 -6.07 -16.78
N LEU A 176 -14.95 -6.67 -15.64
CA LEU A 176 -13.59 -7.04 -15.25
C LEU A 176 -13.63 -8.44 -14.64
N ALA A 177 -12.89 -9.36 -15.24
CA ALA A 177 -12.80 -10.74 -14.79
C ALA A 177 -11.39 -11.00 -14.30
N HIS A 178 -11.29 -11.51 -13.07
CA HIS A 178 -10.03 -11.75 -12.40
C HIS A 178 -9.76 -13.25 -12.33
N VAL A 179 -8.64 -13.68 -12.88
CA VAL A 179 -8.25 -15.08 -12.90
C VAL A 179 -7.20 -15.28 -11.83
N SER A 180 -7.48 -16.16 -10.88
CA SER A 180 -6.60 -16.40 -9.75
C SER A 180 -6.36 -17.89 -9.59
N LEU A 181 -5.37 -18.22 -8.77
CA LEU A 181 -4.94 -19.59 -8.54
C LEU A 181 -5.30 -20.01 -7.13
N VAL A 182 -5.84 -21.22 -7.00
CA VAL A 182 -6.20 -21.78 -5.70
C VAL A 182 -5.26 -22.96 -5.44
N PRO A 183 -4.12 -22.73 -4.78
CA PRO A 183 -3.16 -23.82 -4.59
C PRO A 183 -3.68 -24.84 -3.61
N LEU A 184 -3.37 -26.11 -3.89
CA LEU A 184 -3.76 -27.24 -3.04
C LEU A 184 -2.48 -27.99 -2.68
N PRO A 185 -1.74 -27.53 -1.67
CA PRO A 185 -0.48 -28.20 -1.32
C PRO A 185 -0.75 -29.64 -0.90
N LYS A 186 0.32 -30.44 -0.97
CA LYS A 186 0.22 -31.85 -0.62
C LYS A 186 0.41 -32.09 0.87
N ALA A 187 0.93 -31.09 1.60
CA ALA A 187 1.06 -31.21 3.05
C ALA A 187 -0.28 -30.98 3.73
N THR A 188 -0.86 -29.79 3.54
CA THR A 188 -2.13 -29.46 4.16
C THR A 188 -3.27 -30.27 3.55
N GLY A 189 -3.14 -30.67 2.29
CA GLY A 189 -4.20 -31.39 1.61
C GLY A 189 -5.52 -30.67 1.65
N GLU A 190 -5.48 -29.35 1.44
CA GLU A 190 -6.68 -28.54 1.50
C GLU A 190 -6.48 -27.32 0.61
N PRO A 191 -7.46 -26.93 -0.19
CA PRO A 191 -7.29 -25.73 -1.03
C PRO A 191 -7.17 -24.48 -0.20
N LYS A 192 -6.25 -23.61 -0.59
CA LYS A 192 -5.98 -22.37 0.12
C LYS A 192 -6.50 -21.19 -0.69
N THR A 193 -7.20 -20.28 -0.02
CA THR A 193 -7.85 -19.15 -0.65
C THR A 193 -7.16 -17.82 -0.35
N LYS A 194 -6.13 -17.83 0.46
CA LYS A 194 -5.51 -16.59 0.92
C LYS A 194 -4.80 -15.86 -0.22
N PRO A 195 -4.16 -16.57 -1.15
CA PRO A 195 -3.58 -15.87 -2.31
C PRO A 195 -4.61 -15.09 -3.09
N THR A 196 -5.77 -15.70 -3.38
CA THR A 196 -6.82 -14.99 -4.08
C THR A 196 -7.32 -13.79 -3.28
N GLN A 197 -7.38 -13.94 -1.96
CA GLN A 197 -7.79 -12.82 -1.11
C GLN A 197 -6.81 -11.66 -1.25
N SER A 198 -5.52 -11.93 -1.13
CA SER A 198 -4.52 -10.88 -1.26
C SER A 198 -4.56 -10.25 -2.64
N SER A 199 -4.79 -11.04 -3.68
CA SER A 199 -4.82 -10.49 -5.03
C SER A 199 -6.01 -9.58 -5.22
N VAL A 200 -7.18 -10.01 -4.77
CA VAL A 200 -8.37 -9.16 -4.87
C VAL A 200 -8.21 -7.90 -4.03
N ARG A 201 -7.53 -8.01 -2.88
CA ARG A 201 -7.28 -6.83 -2.06
C ARG A 201 -6.35 -5.85 -2.75
N GLU A 202 -5.26 -6.34 -3.33
CA GLU A 202 -4.36 -5.49 -4.09
C GLU A 202 -5.09 -4.83 -5.25
N LEU A 203 -5.95 -5.59 -5.94
CA LEU A 203 -6.72 -5.03 -7.03
C LEU A 203 -7.62 -3.90 -6.55
N ARG A 204 -8.49 -4.17 -5.57
CA ARG A 204 -9.37 -3.14 -5.04
C ARG A 204 -8.58 -1.96 -4.51
N GLY A 205 -7.35 -2.17 -4.06
CA GLY A 205 -6.49 -1.08 -3.70
C GLY A 205 -5.96 -0.28 -4.86
N CYS A 206 -6.39 -0.61 -6.07
CA CYS A 206 -6.03 0.14 -7.26
C CYS A 206 -7.24 0.80 -7.92
N GLY A 207 -8.44 0.61 -7.35
CA GLY A 207 -9.63 1.25 -7.85
C GLY A 207 -10.55 0.36 -8.65
N LEU A 208 -10.27 -0.92 -8.76
CA LEU A 208 -11.07 -1.84 -9.54
C LEU A 208 -11.63 -2.94 -8.66
N SER A 209 -12.86 -3.35 -8.96
CA SER A 209 -13.56 -4.37 -8.21
C SER A 209 -14.02 -5.45 -9.19
N PRO A 210 -13.67 -6.71 -8.95
CA PRO A 210 -14.05 -7.75 -9.91
C PRO A 210 -15.54 -7.99 -9.96
N ASP A 211 -16.01 -8.39 -11.15
CA ASP A 211 -17.36 -8.87 -11.35
C ASP A 211 -17.42 -10.38 -11.43
N LEU A 212 -16.42 -11.01 -12.06
CA LEU A 212 -16.23 -12.45 -12.03
C LEU A 212 -14.86 -12.75 -11.44
N ILE A 213 -14.76 -13.90 -10.78
CA ILE A 213 -13.51 -14.39 -10.23
C ILE A 213 -13.37 -15.83 -10.68
N VAL A 214 -12.60 -16.05 -11.74
CA VAL A 214 -12.36 -17.39 -12.26
C VAL A 214 -11.20 -17.99 -11.49
N CYS A 215 -11.48 -19.04 -10.71
CA CYS A 215 -10.49 -19.66 -9.85
C CYS A 215 -9.94 -20.89 -10.55
N ARG A 216 -8.65 -20.87 -10.85
CA ARG A 216 -7.98 -21.96 -11.55
C ARG A 216 -7.31 -22.86 -10.52
N SER A 217 -7.73 -24.11 -10.47
CA SER A 217 -7.14 -25.11 -9.59
C SER A 217 -6.83 -26.36 -10.41
N GLU A 218 -6.05 -27.26 -9.81
CA GLU A 218 -5.73 -28.50 -10.48
C GLU A 218 -6.89 -29.48 -10.44
N LYS A 219 -7.55 -29.59 -9.29
CA LYS A 219 -8.70 -30.45 -9.10
C LYS A 219 -9.91 -29.62 -8.71
N PRO A 220 -11.12 -30.13 -8.94
CA PRO A 220 -12.31 -29.35 -8.61
C PRO A 220 -12.40 -29.06 -7.12
N ILE A 221 -12.87 -27.86 -6.80
CA ILE A 221 -13.06 -27.44 -5.42
C ILE A 221 -14.55 -27.39 -5.14
N GLY A 222 -14.91 -27.50 -3.86
CA GLY A 222 -16.28 -27.63 -3.47
C GLY A 222 -16.96 -26.30 -3.20
N LEU A 223 -18.24 -26.38 -2.85
CA LEU A 223 -19.03 -25.18 -2.58
C LEU A 223 -18.52 -24.42 -1.36
N GLU A 224 -17.83 -25.11 -0.45
CA GLU A 224 -17.27 -24.43 0.72
C GLU A 224 -16.30 -23.33 0.31
N VAL A 225 -15.34 -23.68 -0.56
CA VAL A 225 -14.37 -22.69 -1.00
C VAL A 225 -15.03 -21.64 -1.87
N LYS A 226 -16.01 -22.03 -2.70
CA LYS A 226 -16.74 -21.07 -3.50
C LYS A 226 -17.39 -20.00 -2.63
N GLU A 227 -18.10 -20.42 -1.59
CA GLU A 227 -18.76 -19.45 -0.73
C GLU A 227 -17.77 -18.66 0.10
N LYS A 228 -16.64 -19.27 0.49
CA LYS A 228 -15.60 -18.51 1.16
C LYS A 228 -15.10 -17.37 0.27
N ILE A 229 -14.88 -17.67 -1.01
CA ILE A 229 -14.42 -16.64 -1.94
C ILE A 229 -15.49 -15.58 -2.12
N SER A 230 -16.75 -16.01 -2.26
CA SER A 230 -17.84 -15.06 -2.42
C SER A 230 -17.90 -14.09 -1.24
N ASN A 231 -17.79 -14.63 -0.02
CA ASN A 231 -17.77 -13.79 1.17
C ASN A 231 -16.60 -12.83 1.14
N PHE A 232 -15.38 -13.36 1.10
CA PHE A 232 -14.18 -12.55 1.22
C PHE A 232 -13.87 -11.74 -0.03
N CYS A 233 -14.77 -11.73 -1.02
CA CYS A 233 -14.60 -10.90 -2.20
C CYS A 233 -15.85 -10.12 -2.57
N HIS A 234 -16.92 -10.24 -1.78
CA HIS A 234 -18.16 -9.49 -1.99
C HIS A 234 -18.76 -9.73 -3.37
N VAL A 235 -18.40 -10.84 -4.00
CA VAL A 235 -19.05 -11.28 -5.21
C VAL A 235 -20.08 -12.33 -4.82
N GLY A 236 -21.09 -12.50 -5.66
CA GLY A 236 -22.12 -13.48 -5.42
C GLY A 236 -21.56 -14.89 -5.36
N PRO A 237 -22.43 -15.87 -5.20
CA PRO A 237 -22.00 -17.27 -5.24
C PRO A 237 -22.09 -17.90 -6.62
N ASP A 238 -22.69 -17.21 -7.59
CA ASP A 238 -22.82 -17.70 -8.94
C ASP A 238 -21.88 -17.01 -9.92
N GLN A 239 -21.26 -15.91 -9.54
CA GLN A 239 -20.26 -15.25 -10.36
C GLN A 239 -18.85 -15.54 -9.86
N VAL A 240 -18.64 -16.73 -9.31
CA VAL A 240 -17.33 -17.25 -8.96
C VAL A 240 -17.16 -18.54 -9.74
N ILE A 241 -16.56 -18.45 -10.91
CA ILE A 241 -16.40 -19.58 -11.80
C ILE A 241 -15.19 -20.40 -11.37
N CYS A 242 -15.34 -21.72 -11.39
CA CYS A 242 -14.28 -22.64 -11.01
C CYS A 242 -13.89 -23.45 -12.24
N ILE A 243 -12.62 -23.38 -12.60
CA ILE A 243 -12.11 -24.00 -13.83
C ILE A 243 -10.92 -24.85 -13.43
N HIS A 244 -11.13 -26.16 -13.36
CA HIS A 244 -10.06 -27.09 -13.00
C HIS A 244 -9.28 -27.47 -14.26
N ASP A 245 -8.31 -28.37 -14.11
CA ASP A 245 -7.50 -28.82 -15.23
C ASP A 245 -8.30 -29.83 -16.04
N LEU A 246 -8.74 -29.42 -17.22
CA LEU A 246 -9.55 -30.27 -18.08
C LEU A 246 -8.65 -31.05 -19.04
N ASN A 247 -9.26 -32.01 -19.74
CA ASN A 247 -8.53 -32.79 -20.71
C ASN A 247 -7.91 -31.90 -21.78
N SER A 248 -8.76 -31.23 -22.55
CA SER A 248 -8.35 -30.28 -23.57
C SER A 248 -8.86 -28.90 -23.21
N ILE A 249 -8.64 -27.94 -24.11
CA ILE A 249 -9.06 -26.56 -23.88
C ILE A 249 -10.36 -26.23 -24.59
N TYR A 250 -10.86 -27.11 -25.44
CA TYR A 250 -12.19 -26.96 -26.01
C TYR A 250 -13.29 -27.26 -24.99
N HIS A 251 -12.92 -27.63 -23.77
CA HIS A 251 -13.87 -27.83 -22.69
C HIS A 251 -14.16 -26.54 -21.94
N VAL A 252 -13.24 -25.57 -21.97
CA VAL A 252 -13.32 -24.36 -21.16
C VAL A 252 -14.56 -23.54 -21.55
N PRO A 253 -14.76 -23.21 -22.82
CA PRO A 253 -16.00 -22.51 -23.18
C PRO A 253 -17.26 -23.23 -22.71
N LEU A 254 -17.27 -24.56 -22.78
CA LEU A 254 -18.43 -25.30 -22.32
C LEU A 254 -18.57 -25.24 -20.82
N LEU A 255 -17.47 -25.42 -20.09
CA LEU A 255 -17.50 -25.33 -18.64
C LEU A 255 -17.88 -23.93 -18.17
N MET A 256 -17.72 -22.93 -19.04
CA MET A 256 -18.14 -21.57 -18.69
C MET A 256 -19.61 -21.36 -18.99
N GLU A 257 -20.07 -21.79 -20.17
CA GLU A 257 -21.48 -21.69 -20.50
C GLU A 257 -22.33 -22.42 -19.46
N GLN A 258 -21.94 -23.64 -19.11
CA GLN A 258 -22.70 -24.42 -18.14
C GLN A 258 -22.77 -23.71 -16.79
N ASN A 259 -21.80 -22.85 -16.49
CA ASN A 259 -21.78 -22.11 -15.25
C ASN A 259 -22.54 -20.79 -15.33
N GLY A 260 -23.26 -20.55 -16.44
CA GLY A 260 -24.11 -19.39 -16.52
C GLY A 260 -23.40 -18.07 -16.72
N VAL A 261 -22.29 -18.06 -17.45
CA VAL A 261 -21.58 -16.81 -17.69
C VAL A 261 -22.22 -16.03 -18.84
N ILE A 262 -22.78 -16.73 -19.82
CA ILE A 262 -23.44 -16.04 -20.94
C ILE A 262 -24.60 -15.21 -20.41
N GLU A 263 -25.43 -15.81 -19.58
CA GLU A 263 -26.59 -15.10 -19.03
C GLU A 263 -26.13 -13.93 -18.17
N TYR A 264 -25.15 -14.17 -17.31
CA TYR A 264 -24.62 -13.11 -16.46
C TYR A 264 -24.18 -11.91 -17.29
N LEU A 265 -23.38 -12.16 -18.33
CA LEU A 265 -22.90 -11.06 -19.16
C LEU A 265 -24.04 -10.38 -19.89
N ASN A 266 -24.97 -11.16 -20.46
CA ASN A 266 -26.11 -10.57 -21.15
C ASN A 266 -26.91 -9.66 -20.22
N GLU A 267 -26.91 -9.97 -18.93
CA GLU A 267 -27.64 -9.15 -17.97
C GLU A 267 -26.80 -7.99 -17.45
N ARG A 268 -25.48 -8.11 -17.51
CA ARG A 268 -24.58 -7.14 -16.89
C ARG A 268 -24.11 -6.08 -17.89
N LEU A 269 -23.78 -6.47 -19.11
CA LEU A 269 -23.41 -5.52 -20.15
C LEU A 269 -24.59 -5.09 -21.01
N GLN A 270 -25.76 -5.72 -20.83
CA GLN A 270 -26.95 -5.37 -21.60
C GLN A 270 -26.69 -5.51 -23.10
N LEU A 271 -26.42 -6.76 -23.52
CA LEU A 271 -26.08 -7.06 -24.90
C LEU A 271 -27.28 -7.42 -25.74
N ASN A 272 -28.43 -7.72 -25.14
CA ASN A 272 -29.64 -8.06 -25.87
C ASN A 272 -29.44 -9.34 -26.68
N ILE A 273 -29.12 -10.42 -25.94
CA ILE A 273 -28.91 -11.74 -26.53
C ILE A 273 -30.21 -12.51 -26.38
N ASP A 274 -30.78 -12.93 -27.51
CA ASP A 274 -32.03 -13.70 -27.50
C ASP A 274 -31.75 -15.11 -27.01
N MET A 275 -32.17 -15.40 -25.78
CA MET A 275 -31.85 -16.69 -25.16
C MET A 275 -32.39 -17.85 -25.98
N SER A 276 -33.65 -17.76 -26.41
CA SER A 276 -34.29 -18.88 -27.09
C SER A 276 -33.52 -19.34 -28.32
N LYS A 277 -32.74 -18.45 -28.93
CA LYS A 277 -31.97 -18.80 -30.12
C LYS A 277 -30.50 -19.08 -29.81
N ARG A 278 -30.02 -18.73 -28.63
CA ARG A 278 -28.64 -19.02 -28.27
C ARG A 278 -28.43 -20.46 -27.86
N THR A 279 -29.37 -21.34 -28.17
CA THR A 279 -29.17 -22.77 -27.97
C THR A 279 -28.64 -23.40 -29.26
N LYS A 280 -27.74 -24.37 -29.10
CA LYS A 280 -27.19 -25.13 -30.23
C LYS A 280 -26.35 -24.23 -31.14
N CYS A 281 -25.59 -23.33 -30.53
CA CYS A 281 -24.56 -22.58 -31.25
C CYS A 281 -23.17 -23.14 -31.00
N LEU A 282 -22.90 -23.65 -29.80
CA LEU A 282 -21.64 -24.30 -29.47
C LEU A 282 -21.63 -25.77 -29.87
N GLN A 283 -22.52 -26.18 -30.79
CA GLN A 283 -22.58 -27.58 -31.17
C GLN A 283 -21.27 -28.05 -31.77
N GLN A 284 -20.64 -27.22 -32.60
CA GLN A 284 -19.36 -27.58 -33.17
C GLN A 284 -18.32 -27.83 -32.08
N TRP A 285 -18.31 -26.98 -31.06
CA TRP A 285 -17.33 -27.15 -29.99
C TRP A 285 -17.64 -28.35 -29.11
N ARG A 286 -18.92 -28.66 -28.92
CA ARG A 286 -19.27 -29.89 -28.21
C ARG A 286 -18.81 -31.11 -28.98
N ASP A 287 -19.02 -31.11 -30.30
CA ASP A 287 -18.54 -32.20 -31.12
C ASP A 287 -17.03 -32.33 -31.05
N LEU A 288 -16.31 -31.22 -31.15
CA LEU A 288 -14.86 -31.26 -31.08
C LEU A 288 -14.38 -31.76 -29.73
N ALA A 289 -15.03 -31.32 -28.65
CA ALA A 289 -14.64 -31.75 -27.32
C ALA A 289 -14.94 -33.22 -27.10
N ARG A 290 -15.96 -33.76 -27.76
CA ARG A 290 -16.24 -35.18 -27.66
C ARG A 290 -15.24 -35.99 -28.48
N ARG A 291 -14.88 -35.51 -29.68
CA ARG A 291 -13.87 -36.17 -30.47
C ARG A 291 -12.50 -36.17 -29.80
N THR A 292 -12.31 -35.29 -28.82
CA THR A 292 -11.05 -35.29 -28.07
C THR A 292 -10.97 -36.46 -27.10
N GLU A 293 -12.11 -37.05 -26.76
CA GLU A 293 -12.16 -38.20 -25.87
C GLU A 293 -12.42 -39.51 -26.60
N THR A 294 -13.05 -39.46 -27.78
CA THR A 294 -13.47 -40.64 -28.51
C THR A 294 -12.51 -40.99 -29.65
N VAL A 295 -11.21 -40.80 -29.45
CA VAL A 295 -10.21 -41.13 -30.46
C VAL A 295 -9.16 -42.00 -29.80
N ARG A 296 -8.99 -43.22 -30.32
CA ARG A 296 -7.95 -44.15 -29.86
C ARG A 296 -7.36 -44.83 -31.10
N ARG A 297 -6.32 -44.23 -31.66
CA ARG A 297 -5.60 -44.82 -32.78
C ARG A 297 -4.09 -44.67 -32.68
N GLU A 298 -3.58 -43.71 -31.91
CA GLU A 298 -2.16 -43.62 -31.55
C GLU A 298 -1.31 -43.46 -32.81
N VAL A 299 -1.50 -42.32 -33.47
CA VAL A 299 -0.55 -41.85 -34.48
C VAL A 299 0.55 -41.09 -33.75
N CYS A 300 1.80 -41.43 -34.05
CA CYS A 300 2.96 -40.83 -33.39
C CYS A 300 3.73 -40.01 -34.41
N ILE A 301 4.12 -38.81 -34.00
CA ILE A 301 4.84 -37.88 -34.86
C ILE A 301 6.11 -37.45 -34.16
N ALA A 302 7.15 -37.18 -34.95
CA ALA A 302 8.44 -36.75 -34.43
C ALA A 302 8.65 -35.28 -34.72
N VAL A 303 8.96 -34.52 -33.69
CA VAL A 303 9.21 -33.09 -33.80
C VAL A 303 10.71 -32.89 -33.61
N VAL A 304 11.45 -32.85 -34.72
CA VAL A 304 12.90 -32.72 -34.68
C VAL A 304 13.21 -31.23 -34.59
N GLY A 305 13.31 -30.73 -33.35
CA GLY A 305 13.59 -29.33 -33.11
C GLY A 305 14.81 -29.15 -32.21
N LYS A 306 15.15 -27.88 -32.01
CA LYS A 306 16.30 -27.51 -31.20
C LYS A 306 15.93 -26.87 -29.86
N TYR A 307 14.69 -26.42 -29.70
CA TYR A 307 14.21 -25.86 -28.44
C TYR A 307 13.33 -26.85 -27.68
N THR A 308 13.47 -28.14 -27.97
CA THR A 308 12.50 -29.13 -27.50
C THR A 308 12.45 -29.23 -25.99
N LYS A 309 13.35 -28.53 -25.29
CA LYS A 309 13.24 -28.45 -23.84
C LYS A 309 12.01 -27.68 -23.40
N PHE A 310 11.35 -26.98 -24.32
CA PHE A 310 10.12 -26.25 -24.05
C PHE A 310 9.02 -26.78 -24.95
N THR A 311 7.80 -26.85 -24.41
CA THR A 311 6.64 -27.30 -25.16
C THR A 311 5.78 -26.12 -25.64
N ASP A 312 6.15 -24.90 -25.28
CA ASP A 312 5.44 -23.71 -25.74
C ASP A 312 6.14 -23.04 -26.92
N SER A 313 7.37 -23.43 -27.23
CA SER A 313 8.10 -22.89 -28.36
C SER A 313 7.63 -23.46 -29.68
N TYR A 314 6.68 -24.40 -29.67
CA TYR A 314 6.10 -24.97 -30.87
C TYR A 314 4.58 -24.98 -30.79
N ALA A 315 4.00 -24.06 -30.02
CA ALA A 315 2.58 -24.07 -29.75
C ALA A 315 1.74 -24.24 -31.00
N SER A 316 1.92 -23.35 -31.99
CA SER A 316 1.10 -23.41 -33.19
C SER A 316 1.30 -24.71 -33.94
N VAL A 317 2.52 -25.22 -33.97
CA VAL A 317 2.80 -26.48 -34.66
C VAL A 317 2.04 -27.63 -34.01
N VAL A 318 2.23 -27.78 -32.70
CA VAL A 318 1.54 -28.83 -31.95
C VAL A 318 0.03 -28.72 -32.15
N LYS A 319 -0.50 -27.50 -32.09
CA LYS A 319 -1.94 -27.34 -32.16
C LYS A 319 -2.47 -27.63 -33.56
N ALA A 320 -1.69 -27.32 -34.60
CA ALA A 320 -2.12 -27.67 -35.95
C ALA A 320 -2.09 -29.18 -36.14
N LEU A 321 -1.08 -29.84 -35.58
CA LEU A 321 -1.07 -31.30 -35.61
C LEU A 321 -2.29 -31.87 -34.90
N GLN A 322 -2.67 -31.28 -33.77
CA GLN A 322 -3.84 -31.76 -33.04
C GLN A 322 -5.10 -31.57 -33.86
N HIS A 323 -5.25 -30.40 -34.49
CA HIS A 323 -6.42 -30.16 -35.33
C HIS A 323 -6.50 -31.18 -36.46
N ALA A 324 -5.40 -31.39 -37.16
CA ALA A 324 -5.41 -32.35 -38.26
C ALA A 324 -5.74 -33.75 -37.77
N ALA A 325 -5.15 -34.17 -36.65
CA ALA A 325 -5.45 -35.48 -36.11
C ALA A 325 -6.93 -35.62 -35.78
N LEU A 326 -7.47 -34.66 -35.03
CA LEU A 326 -8.89 -34.69 -34.69
C LEU A 326 -9.75 -34.76 -35.94
N ALA A 327 -9.33 -34.11 -37.03
CA ALA A 327 -10.07 -34.23 -38.27
C ALA A 327 -9.89 -35.59 -38.93
N VAL A 328 -8.78 -36.28 -38.63
CA VAL A 328 -8.56 -37.64 -39.12
C VAL A 328 -9.05 -38.69 -38.14
N ASN A 329 -9.49 -38.28 -36.95
CA ASN A 329 -10.00 -39.20 -35.94
C ASN A 329 -8.89 -40.13 -35.43
N ARG A 330 -7.81 -39.51 -34.95
CA ARG A 330 -6.68 -40.23 -34.41
C ARG A 330 -6.19 -39.52 -33.15
N LYS A 331 -5.57 -40.30 -32.25
CA LYS A 331 -5.06 -39.77 -30.99
C LYS A 331 -3.58 -39.46 -31.17
N LEU A 332 -3.26 -38.18 -31.29
CA LEU A 332 -1.89 -37.77 -31.51
C LEU A 332 -1.02 -38.08 -30.29
N GLU A 333 0.20 -38.51 -30.55
CA GLU A 333 1.22 -38.67 -29.51
C GLU A 333 2.51 -38.08 -30.06
N LEU A 334 3.05 -37.08 -29.37
CA LEU A 334 4.18 -36.31 -29.85
C LEU A 334 5.43 -36.69 -29.07
N VAL A 335 6.49 -37.01 -29.79
CA VAL A 335 7.81 -37.23 -29.22
C VAL A 335 8.70 -36.06 -29.63
N PHE A 336 9.33 -35.43 -28.66
CA PHE A 336 10.12 -34.22 -28.88
C PHE A 336 11.59 -34.62 -28.92
N ILE A 337 12.12 -34.75 -30.13
CA ILE A 337 13.49 -35.18 -30.37
C ILE A 337 14.36 -33.94 -30.54
N GLU A 338 15.35 -33.80 -29.66
CA GLU A 338 16.31 -32.71 -29.79
C GLU A 338 17.30 -33.02 -30.89
N SER A 339 17.45 -32.10 -31.84
CA SER A 339 18.30 -32.35 -32.99
C SER A 339 19.78 -32.33 -32.63
N CYS A 340 20.13 -31.78 -31.46
CA CYS A 340 21.53 -31.76 -31.06
C CYS A 340 22.03 -33.15 -30.70
N LEU A 341 21.13 -34.02 -30.24
CA LEU A 341 21.49 -35.36 -29.80
C LEU A 341 21.51 -36.38 -30.93
N LEU A 342 21.40 -35.94 -32.17
CA LEU A 342 21.52 -36.82 -33.33
C LEU A 342 22.88 -36.72 -34.00
N GLU A 343 23.72 -35.78 -33.62
CA GLU A 343 25.04 -35.64 -34.18
C GLU A 343 26.02 -36.56 -33.46
N GLU A 344 27.09 -36.93 -34.17
CA GLU A 344 28.09 -37.83 -33.62
C GLU A 344 28.83 -37.22 -32.44
N GLU A 345 28.77 -35.91 -32.25
CA GLU A 345 29.49 -35.29 -31.15
C GLU A 345 28.97 -35.76 -29.81
N THR A 346 27.68 -36.12 -29.73
CA THR A 346 27.14 -36.72 -28.52
C THR A 346 27.39 -38.22 -28.47
N LEU A 347 27.60 -38.86 -29.62
CA LEU A 347 28.03 -40.25 -29.61
C LEU A 347 29.39 -40.39 -28.94
N HIS A 348 30.26 -39.42 -29.12
CA HIS A 348 31.55 -39.39 -28.43
C HIS A 348 31.41 -38.94 -26.98
N SER A 349 30.21 -38.52 -26.56
CA SER A 349 29.99 -38.05 -25.20
C SER A 349 29.02 -38.96 -24.44
N GLU A 350 27.82 -39.20 -24.98
CA GLU A 350 26.84 -40.07 -24.33
C GLU A 350 26.19 -40.94 -25.40
N PRO A 351 26.83 -42.03 -25.80
CA PRO A 351 26.18 -42.95 -26.76
C PRO A 351 24.79 -43.37 -26.33
N SER A 352 24.53 -43.43 -25.02
CA SER A 352 23.20 -43.79 -24.54
C SER A 352 22.15 -42.84 -25.08
N LYS A 353 22.35 -41.54 -24.87
CA LYS A 353 21.39 -40.54 -25.35
C LYS A 353 21.29 -40.56 -26.87
N TYR A 354 22.43 -40.68 -27.55
CA TYR A 354 22.43 -40.75 -29.01
C TYR A 354 21.51 -41.85 -29.50
N HIS A 355 21.76 -43.08 -29.03
CA HIS A 355 20.98 -44.22 -29.49
C HIS A 355 19.53 -44.12 -29.04
N LYS A 356 19.27 -43.57 -27.87
CA LYS A 356 17.90 -43.43 -27.40
C LYS A 356 17.11 -42.48 -28.30
N GLU A 357 17.68 -41.32 -28.61
CA GLU A 357 16.99 -40.37 -29.47
C GLU A 357 16.82 -40.93 -30.87
N TRP A 358 17.85 -41.60 -31.40
CA TRP A 358 17.71 -42.18 -32.73
C TRP A 358 16.68 -43.29 -32.75
N GLN A 359 16.55 -44.03 -31.64
CA GLN A 359 15.49 -45.03 -31.55
C GLN A 359 14.12 -44.37 -31.58
N LYS A 360 13.92 -43.37 -30.72
CA LYS A 360 12.70 -42.58 -30.76
C LYS A 360 12.36 -42.17 -32.18
N LEU A 361 13.34 -41.58 -32.87
CA LEU A 361 13.10 -41.11 -34.23
C LEU A 361 12.79 -42.27 -35.18
N CYS A 362 13.30 -43.46 -34.90
CA CYS A 362 13.16 -44.56 -35.84
C CYS A 362 11.85 -45.30 -35.68
N ASP A 363 11.25 -45.30 -34.49
CA ASP A 363 10.01 -46.01 -34.23
C ASP A 363 8.79 -45.09 -34.29
N SER A 364 8.86 -44.04 -35.09
CA SER A 364 7.77 -43.10 -35.24
C SER A 364 7.19 -43.19 -36.65
N HIS A 365 5.92 -42.81 -36.77
CA HIS A 365 5.19 -42.94 -38.03
C HIS A 365 5.40 -41.73 -38.95
N GLY A 366 6.06 -40.68 -38.48
CA GLY A 366 6.23 -39.48 -39.27
C GLY A 366 7.22 -38.55 -38.62
N ILE A 367 7.69 -37.58 -39.41
CA ILE A 367 8.74 -36.67 -38.97
C ILE A 367 8.36 -35.25 -39.37
N LEU A 368 8.48 -34.34 -38.40
CA LEU A 368 8.24 -32.92 -38.63
C LEU A 368 9.51 -32.16 -38.23
N VAL A 369 10.06 -31.41 -39.17
CA VAL A 369 11.27 -30.63 -38.96
C VAL A 369 10.88 -29.16 -38.91
N PRO A 370 10.62 -28.59 -37.75
CA PRO A 370 10.12 -27.21 -37.70
C PRO A 370 11.17 -26.20 -38.10
N GLY A 371 10.81 -24.92 -38.02
CA GLY A 371 11.72 -23.85 -38.32
C GLY A 371 12.61 -23.51 -37.14
N GLY A 372 13.29 -22.38 -37.27
CA GLY A 372 14.21 -21.93 -36.25
C GLY A 372 15.26 -21.03 -36.85
N PHE A 373 16.01 -20.37 -35.97
CA PHE A 373 17.04 -19.43 -36.37
C PHE A 373 18.36 -19.82 -35.75
N GLY A 374 19.43 -19.60 -36.50
CA GLY A 374 20.77 -19.83 -36.01
C GLY A 374 21.45 -21.03 -36.63
N SER A 375 22.38 -21.63 -35.88
CA SER A 375 23.16 -22.75 -36.36
C SER A 375 23.16 -23.95 -35.43
N ARG A 376 22.93 -23.76 -34.13
CA ARG A 376 23.01 -24.85 -33.16
C ARG A 376 21.95 -25.88 -33.45
N GLY A 377 22.37 -27.04 -33.94
CA GLY A 377 21.49 -28.17 -34.10
C GLY A 377 20.88 -28.34 -35.47
N MET A 378 21.50 -27.82 -36.52
CA MET A 378 20.97 -28.02 -37.86
C MET A 378 21.48 -29.30 -38.50
N GLU A 379 22.72 -29.70 -38.21
CA GLU A 379 23.24 -30.95 -38.77
C GLU A 379 22.31 -32.12 -38.44
N GLY A 380 21.75 -32.14 -37.24
CA GLY A 380 20.81 -33.19 -36.88
C GLY A 380 19.57 -33.16 -37.75
N LYS A 381 19.08 -31.97 -38.09
CA LYS A 381 17.95 -31.86 -38.99
C LYS A 381 18.27 -32.48 -40.35
N ILE A 382 19.51 -32.31 -40.81
CA ILE A 382 19.89 -32.85 -42.11
C ILE A 382 20.00 -34.37 -42.03
N ARG A 383 20.56 -34.86 -40.94
CA ARG A 383 20.60 -36.31 -40.72
C ARG A 383 19.19 -36.89 -40.73
N ALA A 384 18.25 -36.21 -40.08
CA ALA A 384 16.89 -36.71 -40.01
C ALA A 384 16.22 -36.68 -41.37
N CYS A 385 16.40 -35.60 -42.12
CA CYS A 385 15.86 -35.54 -43.48
C CYS A 385 16.39 -36.69 -44.32
N GLN A 386 17.70 -36.93 -44.26
CA GLN A 386 18.28 -38.04 -45.00
C GLN A 386 17.66 -39.37 -44.59
N TRP A 387 17.65 -39.65 -43.28
CA TRP A 387 17.10 -40.91 -42.81
C TRP A 387 15.65 -41.10 -43.24
N ALA A 388 14.87 -40.03 -43.26
CA ALA A 388 13.49 -40.12 -43.71
C ALA A 388 13.38 -40.25 -45.22
N ARG A 389 14.44 -39.88 -45.94
CA ARG A 389 14.46 -40.07 -47.39
C ARG A 389 14.95 -41.45 -47.78
N GLU A 390 15.77 -42.07 -46.95
CA GLU A 390 16.32 -43.39 -47.24
C GLU A 390 15.55 -44.52 -46.56
N ASN A 391 14.47 -44.21 -45.86
CA ASN A 391 13.67 -45.21 -45.18
C ASN A 391 12.18 -45.08 -45.51
N GLN A 392 11.83 -44.28 -46.52
CA GLN A 392 10.45 -44.07 -46.92
C GLN A 392 9.58 -43.70 -45.71
N LYS A 393 10.00 -42.65 -45.01
CA LYS A 393 9.30 -42.14 -43.86
C LYS A 393 8.80 -40.73 -44.16
N PRO A 394 7.51 -40.44 -43.98
CA PRO A 394 7.01 -39.11 -44.33
C PRO A 394 7.74 -38.03 -43.55
N LEU A 395 7.80 -36.83 -44.14
CA LEU A 395 8.50 -35.71 -43.54
C LEU A 395 7.86 -34.41 -43.97
N LEU A 396 7.83 -33.45 -43.06
CA LEU A 396 7.39 -32.09 -43.39
C LEU A 396 8.32 -31.08 -42.77
N GLY A 397 8.86 -30.19 -43.60
CA GLY A 397 9.78 -29.15 -43.15
C GLY A 397 9.18 -27.78 -43.36
N ILE A 398 9.50 -26.85 -42.45
CA ILE A 398 8.86 -25.54 -42.39
C ILE A 398 9.97 -24.48 -42.31
N CYS A 399 10.39 -23.97 -43.47
CA CYS A 399 11.19 -22.76 -43.57
C CYS A 399 12.62 -22.95 -43.08
N LEU A 400 12.88 -24.06 -42.40
CA LEU A 400 14.24 -24.49 -42.12
C LEU A 400 14.47 -25.96 -42.40
N GLY A 401 13.43 -26.81 -42.31
CA GLY A 401 13.55 -28.16 -42.80
C GLY A 401 13.59 -28.22 -44.31
N LEU A 402 13.15 -27.15 -44.98
CA LEU A 402 13.28 -27.09 -46.43
C LEU A 402 14.73 -26.84 -46.82
N GLN A 403 15.36 -25.85 -46.20
CA GLN A 403 16.78 -25.63 -46.44
C GLN A 403 17.58 -26.86 -46.06
N ALA A 404 17.28 -27.47 -44.92
CA ALA A 404 17.99 -28.67 -44.50
C ALA A 404 17.78 -29.81 -45.48
N ALA A 405 16.55 -29.96 -45.99
CA ALA A 405 16.28 -31.03 -46.95
C ALA A 405 17.05 -30.81 -48.25
N VAL A 406 17.08 -29.57 -48.72
CA VAL A 406 17.83 -29.27 -49.95
C VAL A 406 19.31 -29.52 -49.74
N ILE A 407 19.83 -29.12 -48.57
CA ILE A 407 21.22 -29.36 -48.25
C ILE A 407 21.52 -30.86 -48.24
N GLU A 408 20.61 -31.64 -47.64
CA GLU A 408 20.79 -33.08 -47.60
C GLU A 408 20.82 -33.66 -49.02
N PHE A 409 19.82 -33.29 -49.84
CA PHE A 409 19.77 -33.77 -51.21
C PHE A 409 21.07 -33.44 -51.93
N ALA A 410 21.55 -32.21 -51.78
CA ALA A 410 22.79 -31.81 -52.43
C ALA A 410 23.95 -32.69 -51.97
N ARG A 411 24.23 -32.69 -50.67
CA ARG A 411 25.43 -33.36 -50.16
C ARG A 411 25.31 -34.88 -50.15
N ASN A 412 24.16 -35.45 -50.54
CA ASN A 412 24.01 -36.89 -50.56
C ASN A 412 23.58 -37.44 -51.92
N LYS A 413 23.40 -36.59 -52.93
CA LYS A 413 23.10 -37.05 -54.27
C LYS A 413 24.02 -36.41 -55.29
N LEU A 414 24.50 -35.21 -54.98
CA LEU A 414 25.54 -34.54 -55.78
C LEU A 414 26.92 -34.69 -55.15
N GLY A 415 27.01 -35.34 -53.99
CA GLY A 415 28.30 -35.52 -53.34
C GLY A 415 28.95 -34.26 -52.86
N LEU A 416 28.27 -33.11 -52.95
CA LEU A 416 28.83 -31.83 -52.53
C LEU A 416 28.85 -31.79 -51.02
N LYS A 417 29.84 -32.46 -50.44
CA LYS A 417 30.00 -32.49 -48.99
C LYS A 417 30.13 -31.10 -48.38
N ASP A 418 30.40 -30.08 -49.18
CA ASP A 418 30.53 -28.71 -48.70
C ASP A 418 29.21 -27.94 -48.79
N ALA A 419 28.14 -28.57 -49.26
CA ALA A 419 26.86 -27.89 -49.35
C ALA A 419 26.46 -27.36 -47.98
N ASN A 420 26.01 -26.11 -47.94
CA ASN A 420 25.65 -25.46 -46.69
C ASN A 420 24.95 -24.15 -47.02
N THR A 421 24.52 -23.46 -45.97
CA THR A 421 23.91 -22.15 -46.10
C THR A 421 24.98 -21.06 -45.99
N THR A 422 24.59 -19.85 -46.38
CA THR A 422 25.45 -18.69 -46.14
C THR A 422 25.38 -18.24 -44.69
N GLU A 423 24.61 -18.91 -43.84
CA GLU A 423 24.46 -18.53 -42.45
C GLU A 423 25.42 -19.30 -41.54
N ILE A 424 25.54 -20.61 -41.73
CA ILE A 424 26.37 -21.41 -40.84
C ILE A 424 27.84 -21.09 -41.09
N ASP A 425 28.24 -20.98 -42.35
CA ASP A 425 29.61 -20.66 -42.72
C ASP A 425 29.60 -19.80 -43.98
N PRO A 426 29.84 -18.49 -43.87
CA PRO A 426 29.65 -17.62 -45.04
C PRO A 426 30.66 -17.84 -46.14
N ASN A 427 31.90 -18.20 -45.81
CA ASN A 427 32.96 -18.33 -46.80
C ASN A 427 33.03 -19.71 -47.43
N THR A 428 31.90 -20.43 -47.46
CA THR A 428 31.88 -21.76 -48.04
C THR A 428 32.04 -21.69 -49.55
N ALA A 429 32.58 -22.77 -50.12
CA ALA A 429 32.72 -22.84 -51.57
C ALA A 429 31.36 -23.04 -52.24
N ASN A 430 30.61 -24.03 -51.78
CA ASN A 430 29.28 -24.30 -52.30
C ASN A 430 28.24 -23.76 -51.31
N ALA A 431 27.29 -22.99 -51.82
CA ALA A 431 26.26 -22.36 -50.99
C ALA A 431 24.91 -22.61 -51.63
N LEU A 432 24.12 -23.48 -51.02
CA LEU A 432 22.79 -23.79 -51.52
C LEU A 432 21.74 -22.81 -51.05
N VAL A 433 22.02 -22.06 -49.97
CA VAL A 433 21.07 -21.13 -49.37
C VAL A 433 21.75 -19.78 -49.26
N ILE A 434 21.15 -18.77 -49.89
CA ILE A 434 21.70 -17.43 -49.93
C ILE A 434 20.60 -16.43 -49.59
N ASP A 435 21.02 -15.26 -49.12
CA ASP A 435 20.06 -14.22 -48.76
C ASP A 435 19.38 -13.67 -50.00
N MET A 436 18.11 -13.33 -49.85
CA MET A 436 17.37 -12.62 -50.88
C MET A 436 16.40 -11.66 -50.20
N PRO A 437 16.91 -10.69 -49.43
CA PRO A 437 16.02 -9.73 -48.78
C PRO A 437 14.95 -9.19 -49.71
N GLU A 438 13.71 -9.13 -49.23
CA GLU A 438 12.61 -8.69 -50.08
C GLU A 438 12.94 -7.37 -50.77
N HIS A 439 13.19 -6.32 -49.99
CA HIS A 439 13.59 -5.05 -50.58
C HIS A 439 14.63 -4.31 -49.75
N HIS A 440 15.14 -4.91 -48.66
CA HIS A 440 16.23 -4.26 -47.93
C HIS A 440 17.39 -3.96 -48.87
N THR A 441 17.54 -4.74 -49.93
CA THR A 441 18.49 -4.42 -50.97
C THR A 441 17.97 -3.23 -51.75
N GLY A 442 18.34 -2.02 -51.33
CA GLY A 442 17.78 -0.81 -51.88
C GLY A 442 17.34 0.17 -50.80
N GLN A 443 16.90 -0.36 -49.66
CA GLN A 443 16.47 0.48 -48.55
C GLN A 443 16.55 -0.28 -47.23
N LEU A 444 16.03 0.30 -46.15
CA LEU A 444 15.95 -0.37 -44.87
C LEU A 444 14.54 -0.86 -44.55
N GLY A 445 13.53 -0.44 -45.30
CA GLY A 445 12.15 -0.80 -45.10
C GLY A 445 11.68 -2.10 -45.74
N GLY A 446 11.91 -3.26 -45.10
CA GLY A 446 11.41 -4.50 -45.66
C GLY A 446 12.39 -5.65 -45.81
N THR A 447 13.39 -5.72 -44.95
CA THR A 447 14.43 -6.74 -45.09
C THR A 447 13.88 -8.16 -45.14
N MET A 448 13.09 -8.58 -44.16
CA MET A 448 12.68 -9.97 -44.09
C MET A 448 11.31 -10.14 -44.74
N ARG A 449 11.15 -11.29 -45.41
CA ARG A 449 9.92 -11.57 -46.15
C ARG A 449 8.83 -11.92 -45.14
N LEU A 450 8.42 -10.89 -44.40
CA LEU A 450 7.45 -11.04 -43.34
C LEU A 450 6.04 -10.81 -43.86
N GLY A 451 5.10 -11.55 -43.30
CA GLY A 451 3.71 -11.31 -43.60
C GLY A 451 3.17 -12.25 -44.65
N LYS A 452 1.92 -12.02 -45.03
CA LYS A 452 1.24 -12.90 -45.96
C LYS A 452 1.60 -12.54 -47.39
N ARG A 453 2.03 -13.53 -48.15
CA ARG A 453 2.41 -13.37 -49.53
C ARG A 453 1.75 -14.47 -50.36
N ILE A 454 1.80 -14.27 -51.66
CA ILE A 454 1.19 -15.16 -52.64
C ILE A 454 2.22 -16.21 -53.06
N THR A 455 1.73 -17.40 -53.35
CA THR A 455 2.55 -18.49 -53.86
C THR A 455 1.75 -19.20 -54.93
N VAL A 456 2.21 -19.15 -56.17
CA VAL A 456 1.53 -19.80 -57.29
C VAL A 456 2.14 -21.19 -57.47
N PHE A 457 1.39 -22.06 -58.14
CA PHE A 457 1.78 -23.46 -58.29
C PHE A 457 2.31 -23.69 -59.70
N SER A 458 3.55 -24.16 -59.79
CA SER A 458 4.10 -24.54 -61.07
C SER A 458 3.41 -25.80 -61.59
N ASP A 459 3.35 -25.91 -62.91
CA ASP A 459 2.60 -27.01 -63.52
C ASP A 459 3.20 -28.36 -63.14
N GLY A 460 2.33 -29.36 -63.03
CA GLY A 460 2.73 -30.69 -62.66
C GLY A 460 1.87 -31.24 -61.56
N PRO A 461 1.39 -32.49 -61.69
CA PRO A 461 0.56 -33.07 -60.63
C PRO A 461 1.35 -33.19 -59.33
N SER A 462 0.88 -32.51 -58.29
CA SER A 462 1.53 -32.50 -57.00
C SER A 462 0.49 -32.82 -55.92
N VAL A 463 0.91 -33.63 -54.95
CA VAL A 463 0.00 -34.02 -53.88
C VAL A 463 -0.32 -32.83 -53.00
N ILE A 464 0.64 -31.90 -52.83
CA ILE A 464 0.40 -30.75 -51.98
C ILE A 464 -0.63 -29.82 -52.60
N ARG A 465 -0.60 -29.67 -53.93
CA ARG A 465 -1.63 -28.89 -54.60
C ARG A 465 -2.98 -29.58 -54.54
N GLN A 466 -2.99 -30.91 -54.56
CA GLN A 466 -4.24 -31.64 -54.43
C GLN A 466 -4.84 -31.45 -53.04
N LEU A 467 -3.99 -31.41 -52.01
CA LEU A 467 -4.48 -31.21 -50.66
C LEU A 467 -5.06 -29.82 -50.49
N TYR A 468 -4.41 -28.80 -51.06
CA TYR A 468 -4.88 -27.43 -50.95
C TYR A 468 -6.17 -27.16 -51.70
N GLY A 469 -6.72 -28.16 -52.39
CA GLY A 469 -7.94 -27.97 -53.16
C GLY A 469 -7.72 -27.71 -54.63
N ASN A 470 -6.55 -28.05 -55.16
CA ASN A 470 -6.20 -27.76 -56.55
C ASN A 470 -6.45 -26.31 -56.92
N PRO A 471 -5.87 -25.36 -56.19
CA PRO A 471 -5.97 -23.95 -56.57
C PRO A 471 -4.81 -23.52 -57.46
N LYS A 472 -4.89 -22.27 -57.92
CA LYS A 472 -3.81 -21.67 -58.68
C LYS A 472 -2.76 -21.04 -57.78
N SER A 473 -3.14 -20.61 -56.59
CA SER A 473 -2.23 -19.91 -55.70
C SER A 473 -2.77 -19.99 -54.28
N VAL A 474 -1.90 -19.68 -53.32
CA VAL A 474 -2.26 -19.65 -51.91
C VAL A 474 -1.61 -18.44 -51.25
N GLN A 475 -2.28 -17.93 -50.22
CA GLN A 475 -1.77 -16.85 -49.39
C GLN A 475 -1.26 -17.46 -48.09
N GLU A 476 0.03 -17.28 -47.80
CA GLU A 476 0.60 -17.85 -46.59
C GLU A 476 1.57 -16.87 -45.95
N ARG A 477 1.81 -17.08 -44.67
CA ARG A 477 2.59 -16.14 -43.86
C ARG A 477 4.05 -16.56 -43.84
N HIS A 478 4.92 -15.66 -44.29
CA HIS A 478 6.33 -15.90 -44.41
C HIS A 478 7.09 -15.14 -43.34
N ARG A 479 8.17 -15.74 -42.85
CA ARG A 479 9.13 -15.09 -41.96
C ARG A 479 10.49 -15.73 -42.23
N HIS A 480 11.25 -15.12 -43.13
CA HIS A 480 12.54 -15.69 -43.51
C HIS A 480 13.28 -14.72 -44.43
N ARG A 481 14.60 -14.74 -44.33
CA ARG A 481 15.49 -13.99 -45.21
C ARG A 481 16.03 -14.83 -46.35
N TYR A 482 16.53 -16.02 -46.04
CA TYR A 482 17.27 -16.84 -46.99
C TYR A 482 16.35 -17.42 -48.06
N GLU A 483 16.90 -18.26 -48.92
CA GLU A 483 16.19 -18.80 -50.06
C GLU A 483 17.09 -19.84 -50.72
N VAL A 484 16.46 -20.73 -51.49
CA VAL A 484 17.20 -21.74 -52.22
C VAL A 484 17.96 -21.07 -53.36
N ASN A 485 19.19 -21.51 -53.58
CA ASN A 485 20.02 -20.88 -54.60
C ASN A 485 19.39 -21.06 -55.98
N PRO A 486 19.28 -20.00 -56.78
CA PRO A 486 18.66 -20.13 -58.11
C PRO A 486 19.60 -20.73 -59.15
N LYS A 487 20.86 -21.00 -58.83
CA LYS A 487 21.78 -21.59 -59.79
C LYS A 487 21.84 -23.11 -59.67
N TYR A 488 21.77 -23.64 -58.45
CA TYR A 488 21.68 -25.07 -58.24
C TYR A 488 20.28 -25.62 -58.48
N VAL A 489 19.38 -24.81 -59.04
CA VAL A 489 18.00 -25.27 -59.27
C VAL A 489 18.00 -26.53 -60.13
N HIS A 490 18.69 -26.49 -61.27
CA HIS A 490 18.74 -27.66 -62.14
C HIS A 490 19.71 -28.71 -61.63
N LEU A 491 20.80 -28.29 -60.97
CA LEU A 491 21.73 -29.25 -60.39
C LEU A 491 21.03 -30.20 -59.44
N LEU A 492 19.94 -29.76 -58.80
CA LEU A 492 19.19 -30.58 -57.86
C LEU A 492 17.82 -30.99 -58.38
N GLU A 493 17.37 -30.40 -59.49
CA GLU A 493 16.08 -30.76 -60.07
C GLU A 493 16.19 -31.88 -61.10
N GLU A 494 17.36 -32.09 -61.69
CA GLU A 494 17.58 -33.23 -62.56
C GLU A 494 17.84 -34.45 -61.69
N GLN A 495 16.93 -34.70 -60.75
CA GLN A 495 17.07 -35.70 -59.71
C GLN A 495 15.71 -35.84 -59.05
N GLY A 496 15.66 -36.56 -57.93
CA GLY A 496 14.40 -36.75 -57.23
C GLY A 496 13.95 -35.52 -56.45
N MET A 497 13.81 -34.38 -57.12
CA MET A 497 13.31 -33.17 -56.52
C MET A 497 12.42 -32.44 -57.51
N ARG A 498 11.48 -31.67 -56.98
CA ARG A 498 10.51 -30.97 -57.82
C ARG A 498 10.01 -29.73 -57.08
N PHE A 499 10.11 -28.58 -57.74
CA PHE A 499 9.69 -27.31 -57.15
C PHE A 499 8.32 -26.96 -57.72
N VAL A 500 7.28 -27.16 -56.92
CA VAL A 500 5.91 -27.01 -57.40
C VAL A 500 5.30 -25.67 -57.02
N GLY A 501 5.96 -24.90 -56.17
CA GLY A 501 5.40 -23.64 -55.72
C GLY A 501 6.42 -22.53 -55.69
N THR A 502 6.05 -21.38 -56.23
CA THR A 502 6.94 -20.23 -56.29
C THR A 502 6.11 -18.96 -56.30
N ASP A 503 6.80 -17.83 -56.21
CA ASP A 503 6.15 -16.53 -56.21
C ASP A 503 5.81 -16.12 -57.64
N VAL A 504 5.22 -14.92 -57.77
CA VAL A 504 4.81 -14.44 -59.08
C VAL A 504 6.01 -14.11 -59.95
N ASP A 505 7.20 -13.95 -59.36
CA ASP A 505 8.40 -13.62 -60.10
C ASP A 505 9.23 -14.86 -60.44
N LYS A 506 8.85 -16.03 -59.94
CA LYS A 506 9.47 -17.30 -60.31
C LYS A 506 10.94 -17.35 -59.93
N THR A 507 11.36 -16.51 -58.98
CA THR A 507 12.74 -16.50 -58.50
C THR A 507 12.88 -17.03 -57.08
N ARG A 508 11.79 -17.44 -56.45
CA ARG A 508 11.80 -17.92 -55.07
C ARG A 508 10.96 -19.18 -54.98
N MET A 509 11.61 -20.31 -54.76
CA MET A 509 10.92 -21.58 -54.59
C MET A 509 10.63 -21.80 -53.12
N GLU A 510 9.37 -22.10 -52.80
CA GLU A 510 8.95 -22.27 -51.42
C GLU A 510 8.07 -23.50 -51.20
N ILE A 511 7.90 -24.35 -52.20
CA ILE A 511 7.21 -25.63 -52.03
C ILE A 511 7.96 -26.67 -52.88
N ILE A 512 8.58 -27.63 -52.23
CA ILE A 512 9.33 -28.68 -52.91
C ILE A 512 8.68 -30.03 -52.62
N GLU A 513 9.09 -31.02 -53.38
CA GLU A 513 8.61 -32.39 -53.23
C GLU A 513 9.67 -33.34 -53.77
N LEU A 514 9.59 -34.59 -53.34
CA LEU A 514 10.48 -35.64 -53.82
C LEU A 514 9.70 -36.58 -54.73
N SER A 515 10.38 -37.08 -55.76
CA SER A 515 9.78 -38.04 -56.68
C SER A 515 9.98 -39.46 -56.14
N GLY A 516 8.90 -40.22 -56.05
CA GLY A 516 8.91 -41.56 -55.54
C GLY A 516 8.65 -41.67 -54.05
N HIS A 517 9.09 -40.68 -53.28
CA HIS A 517 8.80 -40.68 -51.85
C HIS A 517 7.30 -40.52 -51.62
N PRO A 518 6.71 -41.27 -50.68
CA PRO A 518 5.27 -41.11 -50.45
C PRO A 518 4.89 -39.71 -50.04
N TYR A 519 5.63 -39.09 -49.12
CA TYR A 519 5.32 -37.74 -48.66
C TYR A 519 6.60 -37.12 -48.12
N PHE A 520 7.19 -36.21 -48.91
CA PHE A 520 8.38 -35.47 -48.50
C PHE A 520 8.22 -34.00 -48.86
N VAL A 521 7.09 -33.44 -48.51
CA VAL A 521 6.81 -32.03 -48.79
C VAL A 521 7.57 -31.17 -47.79
N ALA A 522 7.98 -29.99 -48.24
CA ALA A 522 8.63 -29.00 -47.39
C ALA A 522 8.28 -27.62 -47.90
N THR A 523 7.97 -26.72 -46.97
CA THR A 523 7.49 -25.39 -47.30
C THR A 523 8.36 -24.34 -46.64
N GLN A 524 8.61 -23.25 -47.38
CA GLN A 524 9.32 -22.11 -46.84
C GLN A 524 8.44 -21.20 -46.01
N TYR A 525 7.13 -21.36 -46.10
CA TYR A 525 6.21 -20.56 -45.30
C TYR A 525 5.77 -21.34 -44.06
N HIS A 526 5.01 -20.68 -43.20
CA HIS A 526 4.51 -21.26 -41.96
C HIS A 526 3.04 -21.61 -42.11
N PRO A 527 2.69 -22.84 -42.48
CA PRO A 527 1.27 -23.18 -42.65
C PRO A 527 0.53 -23.38 -41.34
N GLU A 528 1.23 -23.33 -40.21
CA GLU A 528 0.58 -23.57 -38.92
C GLU A 528 -0.12 -22.33 -38.37
N TYR A 529 0.17 -21.15 -38.92
CA TYR A 529 -0.45 -19.93 -38.46
C TYR A 529 -1.85 -19.73 -39.04
N LEU A 530 -2.27 -20.57 -39.97
CA LEU A 530 -3.61 -20.49 -40.55
C LEU A 530 -4.41 -21.76 -40.28
N SER A 531 -4.02 -22.51 -39.26
CA SER A 531 -4.66 -23.77 -38.92
C SER A 531 -5.60 -23.54 -37.75
N ARG A 532 -6.88 -23.45 -38.05
CA ARG A 532 -7.89 -23.27 -37.03
C ARG A 532 -8.47 -24.61 -36.62
N PRO A 533 -9.04 -24.70 -35.41
CA PRO A 533 -9.53 -26.00 -34.94
C PRO A 533 -10.47 -26.68 -35.90
N LEU A 534 -11.35 -25.92 -36.56
CA LEU A 534 -12.31 -26.47 -37.51
C LEU A 534 -11.80 -26.40 -38.94
N LYS A 535 -10.52 -26.09 -39.15
CA LYS A 535 -9.93 -25.97 -40.48
C LYS A 535 -8.45 -26.34 -40.40
N PRO A 536 -8.11 -27.60 -40.59
CA PRO A 536 -6.69 -27.99 -40.47
C PRO A 536 -5.90 -27.62 -41.71
N SER A 537 -4.62 -27.31 -41.51
CA SER A 537 -3.78 -26.94 -42.64
C SER A 537 -3.57 -28.16 -43.54
N PRO A 538 -3.65 -28.00 -44.86
CA PRO A 538 -3.53 -29.15 -45.75
C PRO A 538 -2.21 -29.89 -45.58
N PRO A 539 -1.09 -29.18 -45.40
CA PRO A 539 0.19 -29.90 -45.24
C PRO A 539 0.20 -30.85 -44.06
N PHE A 540 -0.17 -30.36 -42.87
CA PHE A 540 -0.21 -31.24 -41.70
C PHE A 540 -1.22 -32.36 -41.89
N LEU A 541 -2.35 -32.05 -42.54
CA LEU A 541 -3.36 -33.07 -42.79
C LEU A 541 -2.79 -34.20 -43.63
N GLY A 542 -2.10 -33.85 -44.71
CA GLY A 542 -1.48 -34.86 -45.54
C GLY A 542 -0.38 -35.61 -44.82
N LEU A 543 0.37 -34.91 -43.97
CA LEU A 543 1.40 -35.58 -43.18
C LEU A 543 0.77 -36.66 -42.32
N ILE A 544 -0.29 -36.31 -41.59
CA ILE A 544 -0.94 -37.29 -40.72
C ILE A 544 -1.50 -38.44 -41.54
N LEU A 545 -2.18 -38.12 -42.65
CA LEU A 545 -2.76 -39.17 -43.47
C LEU A 545 -1.70 -40.15 -43.95
N ALA A 546 -0.66 -39.65 -44.63
CA ALA A 546 0.41 -40.50 -45.08
C ALA A 546 1.10 -41.23 -43.94
N SER A 547 1.07 -40.66 -42.73
CA SER A 547 1.71 -41.30 -41.60
C SER A 547 0.93 -42.51 -41.10
N VAL A 548 -0.38 -42.55 -41.39
CA VAL A 548 -1.20 -43.70 -41.08
C VAL A 548 -1.53 -44.51 -42.32
N ASP A 549 -0.96 -44.14 -43.48
CA ASP A 549 -1.19 -44.83 -44.74
C ASP A 549 -2.67 -44.73 -45.15
N ARG A 550 -3.13 -43.48 -45.28
CA ARG A 550 -4.48 -43.22 -45.74
C ARG A 550 -4.54 -42.05 -46.72
N LEU A 551 -3.40 -41.48 -47.10
CA LEU A 551 -3.40 -40.28 -47.92
C LEU A 551 -3.95 -40.55 -49.31
N ASN A 552 -3.40 -41.56 -49.99
CA ASN A 552 -3.89 -41.89 -51.33
C ASN A 552 -5.38 -42.15 -51.32
N GLN A 553 -5.88 -42.90 -50.34
CA GLN A 553 -7.31 -43.11 -50.23
C GLN A 553 -8.06 -41.81 -50.05
N TYR A 554 -7.54 -40.91 -49.20
CA TYR A 554 -8.21 -39.63 -48.97
C TYR A 554 -8.31 -38.83 -50.26
N ILE A 555 -7.27 -38.90 -51.10
CA ILE A 555 -7.31 -38.17 -52.37
C ILE A 555 -8.36 -38.77 -53.30
N GLN A 556 -8.29 -40.08 -53.50
CA GLN A 556 -9.22 -40.75 -54.41
C GLN A 556 -10.56 -40.99 -53.73
N MET B 1 19.70 -10.71 25.18
CA MET B 1 19.04 -11.85 24.48
C MET B 1 19.03 -11.62 22.98
N LYS B 2 18.84 -12.69 22.23
CA LYS B 2 18.82 -12.64 20.78
C LYS B 2 17.54 -13.30 20.27
N TYR B 3 16.88 -12.64 19.34
CA TYR B 3 15.55 -13.03 18.90
C TYR B 3 15.58 -13.42 17.42
N ILE B 4 14.71 -14.36 17.07
CA ILE B 4 14.57 -14.86 15.71
C ILE B 4 13.08 -14.88 15.41
N LEU B 5 12.57 -13.83 14.79
CA LEU B 5 11.18 -13.81 14.37
C LEU B 5 11.03 -14.65 13.11
N VAL B 6 10.02 -15.52 13.11
CA VAL B 6 9.70 -16.35 11.96
C VAL B 6 8.34 -15.93 11.43
N THR B 7 8.28 -15.58 10.15
CA THR B 7 7.09 -15.06 9.53
C THR B 7 6.69 -15.95 8.36
N GLY B 8 5.42 -15.81 7.96
CA GLY B 8 4.87 -16.61 6.88
C GLY B 8 4.48 -15.76 5.70
N GLY B 9 4.37 -16.40 4.54
CA GLY B 9 4.15 -15.69 3.31
C GLY B 9 2.84 -15.98 2.61
N VAL B 10 2.92 -16.76 1.54
CA VAL B 10 1.80 -16.90 0.61
C VAL B 10 0.56 -17.40 1.34
N ILE B 11 0.70 -18.50 2.08
CA ILE B 11 -0.43 -19.14 2.72
C ILE B 11 -0.09 -19.47 4.16
N SER B 12 -1.13 -19.79 4.92
CA SER B 12 -0.98 -20.30 6.28
C SER B 12 -1.08 -21.81 6.24
N GLY B 13 -0.09 -22.49 6.80
CA GLY B 13 -0.02 -23.94 6.73
C GLY B 13 1.11 -24.40 5.84
N VAL B 14 2.22 -23.68 5.87
CA VAL B 14 3.35 -23.97 5.01
C VAL B 14 4.55 -24.53 5.77
N GLY B 15 4.58 -24.42 7.11
CA GLY B 15 5.56 -25.14 7.89
C GLY B 15 6.36 -24.32 8.89
N LYS B 16 5.88 -23.13 9.23
CA LYS B 16 6.63 -22.29 10.15
C LYS B 16 6.91 -23.00 11.47
N GLY B 17 5.99 -23.85 11.92
CA GLY B 17 6.18 -24.53 13.18
C GLY B 17 7.44 -25.39 13.18
N VAL B 18 7.59 -26.20 12.13
CA VAL B 18 8.74 -27.09 12.05
C VAL B 18 10.02 -26.30 11.80
N ILE B 19 9.94 -25.26 10.96
CA ILE B 19 11.10 -24.39 10.74
C ILE B 19 11.58 -23.84 12.08
N ALA B 20 10.67 -23.31 12.88
CA ALA B 20 11.05 -22.69 14.15
C ALA B 20 11.59 -23.72 15.13
N SER B 21 10.90 -24.84 15.27
CA SER B 21 11.40 -25.90 16.15
C SER B 21 12.76 -26.39 15.70
N SER B 22 13.04 -26.35 14.40
CA SER B 22 14.33 -26.80 13.91
C SER B 22 15.43 -25.79 14.25
N PHE B 23 15.16 -24.50 14.03
CA PHE B 23 16.09 -23.49 14.54
C PHE B 23 16.38 -23.74 16.01
N GLY B 24 15.33 -24.01 16.78
CA GLY B 24 15.49 -24.19 18.20
C GLY B 24 16.37 -25.37 18.54
N THR B 25 16.13 -26.53 17.92
CA THR B 25 16.92 -27.71 18.24
C THR B 25 18.34 -27.57 17.75
N LEU B 26 18.56 -26.90 16.62
CA LEU B 26 19.93 -26.61 16.19
C LEU B 26 20.65 -25.80 17.25
N LEU B 27 20.10 -24.64 17.61
CA LEU B 27 20.75 -23.80 18.60
C LEU B 27 20.90 -24.51 19.93
N LYS B 28 20.00 -25.44 20.25
CA LYS B 28 20.06 -26.12 21.54
C LYS B 28 21.07 -27.25 21.52
N SER B 29 21.39 -27.80 20.35
CA SER B 29 22.43 -28.80 20.27
C SER B 29 23.81 -28.18 20.30
N CYS B 30 23.92 -26.91 19.93
CA CYS B 30 25.18 -26.17 19.95
C CYS B 30 25.48 -25.57 21.31
N GLY B 31 24.79 -26.00 22.37
CA GLY B 31 25.12 -25.59 23.71
C GLY B 31 24.34 -24.41 24.27
N LEU B 32 23.28 -23.99 23.60
CA LEU B 32 22.52 -22.82 24.03
C LEU B 32 21.30 -23.24 24.84
N ASP B 33 20.57 -22.22 25.33
CA ASP B 33 19.33 -22.40 26.07
C ASP B 33 18.26 -21.59 25.36
N VAL B 34 17.42 -22.26 24.60
CA VAL B 34 16.41 -21.63 23.76
C VAL B 34 15.09 -21.58 24.50
N THR B 35 14.30 -20.56 24.17
CA THR B 35 12.89 -20.49 24.52
C THR B 35 12.10 -20.12 23.26
N SER B 36 10.79 -20.19 23.37
CA SER B 36 9.95 -20.05 22.20
C SER B 36 8.68 -19.30 22.55
N ILE B 37 8.08 -18.70 21.54
CA ILE B 37 6.84 -17.94 21.69
C ILE B 37 6.04 -18.08 20.42
N LYS B 38 4.73 -18.19 20.59
CA LYS B 38 3.80 -18.31 19.48
C LYS B 38 2.80 -17.18 19.57
N ILE B 39 2.62 -16.45 18.48
CA ILE B 39 1.76 -15.29 18.43
C ILE B 39 0.58 -15.62 17.53
N ASP B 40 -0.57 -15.87 18.15
CA ASP B 40 -1.78 -16.17 17.41
C ASP B 40 -2.60 -14.88 17.29
N PRO B 41 -2.76 -14.33 16.10
CA PRO B 41 -3.45 -13.03 16.00
C PRO B 41 -4.95 -13.09 16.19
N TYR B 42 -5.48 -14.19 16.69
CA TYR B 42 -6.91 -14.30 16.87
C TYR B 42 -7.33 -13.77 18.24
N ILE B 43 -8.59 -13.34 18.32
CA ILE B 43 -9.11 -12.71 19.54
C ILE B 43 -9.66 -13.84 20.40
N ASN B 44 -8.77 -14.49 21.13
CA ASN B 44 -9.14 -15.60 21.99
C ASN B 44 -8.08 -15.73 23.06
N ILE B 45 -8.49 -15.58 24.32
CA ILE B 45 -7.55 -15.68 25.43
C ILE B 45 -6.79 -16.99 25.37
N ASP B 46 -7.49 -18.08 25.05
CA ASP B 46 -6.87 -19.39 25.00
C ASP B 46 -7.74 -20.28 24.12
N ALA B 47 -7.33 -21.55 23.98
CA ALA B 47 -8.03 -22.49 23.13
C ALA B 47 -8.89 -23.46 23.93
N GLY B 48 -9.53 -22.98 24.99
CA GLY B 48 -10.41 -23.84 25.75
C GLY B 48 -11.77 -24.01 25.10
N THR B 49 -12.26 -22.95 24.45
CA THR B 49 -13.55 -22.96 23.79
C THR B 49 -13.47 -23.38 22.33
N PHE B 50 -12.47 -24.18 21.98
CA PHE B 50 -12.21 -24.54 20.60
C PHE B 50 -12.61 -25.98 20.30
N SER B 51 -12.91 -26.23 19.06
CA SER B 51 -13.14 -27.58 18.57
C SER B 51 -11.94 -28.03 17.73
N PRO B 52 -11.58 -29.31 17.80
CA PRO B 52 -10.40 -29.77 17.05
C PRO B 52 -10.45 -29.46 15.57
N TYR B 53 -11.64 -29.34 14.99
CA TYR B 53 -11.72 -29.02 13.56
C TYR B 53 -11.12 -27.65 13.28
N GLU B 54 -11.10 -26.76 14.27
CA GLU B 54 -10.67 -25.39 14.04
C GLU B 54 -9.15 -25.31 13.91
N HIS B 55 -8.43 -25.66 14.96
CA HIS B 55 -6.99 -25.45 15.01
C HIS B 55 -6.23 -26.67 15.49
N GLY B 56 -6.79 -27.86 15.35
CA GLY B 56 -5.98 -29.06 15.45
C GLY B 56 -5.48 -29.48 16.82
N GLU B 57 -6.36 -30.06 17.63
CA GLU B 57 -5.91 -30.76 18.82
C GLU B 57 -5.31 -29.85 19.88
N VAL B 58 -6.18 -29.07 20.52
CA VAL B 58 -5.80 -28.23 21.65
C VAL B 58 -4.81 -28.93 22.56
N TYR B 59 -3.68 -28.27 22.83
CA TYR B 59 -2.65 -28.76 23.71
C TYR B 59 -3.00 -28.41 25.16
N VAL B 60 -2.16 -28.88 26.07
CA VAL B 60 -2.34 -28.62 27.50
C VAL B 60 -0.96 -28.55 28.15
N LEU B 61 -0.74 -27.51 28.94
CA LEU B 61 0.53 -27.27 29.59
C LEU B 61 0.43 -27.61 31.07
N ASP B 62 1.59 -27.63 31.72
CA ASP B 62 1.65 -28.14 33.09
C ASP B 62 0.85 -27.29 34.06
N ASP B 63 0.75 -25.99 33.81
CA ASP B 63 0.03 -25.09 34.70
C ASP B 63 -1.47 -25.06 34.42
N GLY B 64 -1.94 -25.79 33.43
CA GLY B 64 -3.35 -25.91 33.16
C GLY B 64 -3.86 -25.15 31.95
N ALA B 65 -2.99 -24.49 31.21
CA ALA B 65 -3.41 -23.69 30.09
C ALA B 65 -3.71 -24.55 28.87
N GLU B 66 -4.70 -24.15 28.10
CA GLU B 66 -5.07 -24.79 26.86
C GLU B 66 -4.66 -23.88 25.71
N VAL B 67 -3.73 -24.35 24.89
CA VAL B 67 -3.06 -23.52 23.91
C VAL B 67 -3.11 -24.20 22.55
N ASP B 68 -2.47 -23.57 21.58
CA ASP B 68 -2.32 -24.13 20.25
C ASP B 68 -1.45 -25.38 20.32
N LEU B 69 -1.37 -26.09 19.20
CA LEU B 69 -0.56 -27.30 19.12
C LEU B 69 0.89 -27.02 18.76
N ASP B 70 1.20 -25.83 18.23
CA ASP B 70 2.57 -25.52 17.87
C ASP B 70 3.47 -25.53 19.10
N LEU B 71 2.95 -25.13 20.25
CA LEU B 71 3.71 -25.25 21.48
C LEU B 71 4.03 -26.70 21.76
N GLY B 72 3.21 -27.63 21.28
CA GLY B 72 3.55 -29.03 21.38
C GLY B 72 4.77 -29.38 20.54
N ASN B 73 4.86 -28.82 19.34
CA ASN B 73 6.04 -29.02 18.52
C ASN B 73 7.28 -28.47 19.22
N TYR B 74 7.16 -27.28 19.80
CA TYR B 74 8.28 -26.71 20.55
C TYR B 74 8.70 -27.63 21.68
N GLU B 75 7.73 -28.10 22.47
CA GLU B 75 8.06 -28.93 23.62
C GLU B 75 8.67 -30.26 23.19
N ARG B 76 8.21 -30.80 22.06
CA ARG B 76 8.70 -32.10 21.62
C ARG B 76 10.06 -32.02 20.97
N PHE B 77 10.40 -30.86 20.39
CA PHE B 77 11.70 -30.72 19.73
C PHE B 77 12.78 -30.20 20.66
N LEU B 78 12.48 -29.22 21.52
CA LEU B 78 13.45 -28.65 22.43
C LEU B 78 13.48 -29.32 23.79
N ASP B 79 12.47 -30.13 24.13
CA ASP B 79 12.39 -30.76 25.44
C ASP B 79 12.37 -29.71 26.54
N VAL B 80 11.31 -28.90 26.54
CA VAL B 80 11.11 -27.85 27.52
C VAL B 80 9.67 -27.91 28.02
N THR B 81 9.39 -27.13 29.05
CA THR B 81 8.06 -27.06 29.67
C THR B 81 7.65 -25.59 29.69
N LEU B 82 6.95 -25.18 28.63
CA LEU B 82 6.56 -23.80 28.49
C LEU B 82 5.47 -23.45 29.52
N HIS B 83 5.04 -22.20 29.46
CA HIS B 83 4.04 -21.66 30.38
C HIS B 83 2.91 -21.02 29.58
N ARG B 84 2.02 -20.34 30.30
CA ARG B 84 0.85 -19.75 29.66
C ARG B 84 1.21 -18.48 28.91
N ASP B 85 2.16 -17.71 29.42
CA ASP B 85 2.56 -16.46 28.80
C ASP B 85 3.40 -16.66 27.55
N ASN B 86 3.66 -17.90 27.16
CA ASN B 86 4.37 -18.21 25.94
C ASN B 86 3.44 -18.36 24.76
N ASN B 87 2.20 -17.89 24.88
CA ASN B 87 1.19 -17.99 23.82
C ASN B 87 0.47 -16.65 23.82
N ILE B 88 0.93 -15.75 22.98
CA ILE B 88 0.38 -14.40 22.92
C ILE B 88 -0.78 -14.39 21.94
N THR B 89 -1.81 -13.61 22.27
CA THR B 89 -2.95 -13.41 21.40
C THR B 89 -3.29 -11.93 21.41
N THR B 90 -4.10 -11.53 20.43
CA THR B 90 -4.57 -10.16 20.40
C THR B 90 -5.49 -9.87 21.57
N GLY B 91 -6.25 -10.87 22.01
CA GLY B 91 -7.16 -10.67 23.11
C GLY B 91 -6.45 -10.45 24.42
N LYS B 92 -5.45 -11.27 24.71
CA LYS B 92 -4.65 -11.07 25.91
C LYS B 92 -4.12 -9.65 25.97
N ILE B 93 -3.51 -9.19 24.88
CA ILE B 93 -2.89 -7.87 24.86
C ILE B 93 -3.94 -6.78 25.08
N TYR B 94 -5.00 -6.79 24.27
CA TYR B 94 -6.01 -5.74 24.39
C TYR B 94 -6.67 -5.75 25.75
N LYS B 95 -6.90 -6.93 26.33
CA LYS B 95 -7.52 -7.02 27.64
C LYS B 95 -6.60 -6.47 28.72
N LEU B 96 -5.32 -6.83 28.66
CA LEU B 96 -4.35 -6.27 29.60
C LEU B 96 -4.34 -4.75 29.52
N VAL B 97 -4.30 -4.21 28.31
CA VAL B 97 -4.20 -2.77 28.15
C VAL B 97 -5.48 -2.08 28.62
N ILE B 98 -6.63 -2.69 28.35
CA ILE B 98 -7.89 -2.09 28.77
C ILE B 98 -8.02 -2.10 30.29
N GLU B 99 -7.59 -3.19 30.93
CA GLU B 99 -7.59 -3.22 32.38
C GLU B 99 -6.66 -2.15 32.95
N LYS B 100 -5.45 -2.05 32.39
CA LYS B 100 -4.53 -1.01 32.81
C LYS B 100 -5.16 0.37 32.70
N GLU B 101 -5.85 0.62 31.59
CA GLU B 101 -6.50 1.91 31.38
C GLU B 101 -7.56 2.17 32.43
N ARG B 102 -8.53 1.25 32.56
CA ARG B 102 -9.63 1.46 33.49
C ARG B 102 -9.11 1.64 34.91
N THR B 103 -8.04 0.94 35.28
CA THR B 103 -7.46 1.13 36.60
C THR B 103 -6.89 2.53 36.75
N GLY B 104 -6.07 2.97 35.79
CA GLY B 104 -5.50 4.30 35.81
C GLY B 104 -3.99 4.31 35.73
N GLU B 105 -3.41 3.25 35.18
CA GLU B 105 -1.97 3.16 35.05
C GLU B 105 -1.43 3.88 33.83
N TYR B 106 -2.31 4.37 32.96
CA TYR B 106 -1.95 5.23 31.83
C TYR B 106 -2.36 6.67 32.11
N LEU B 107 -2.20 7.08 33.36
CA LEU B 107 -2.85 8.25 33.94
C LEU B 107 -2.95 9.42 32.96
N GLY B 108 -4.19 9.84 32.70
CA GLY B 108 -4.45 11.09 32.02
C GLY B 108 -4.24 11.09 30.53
N LYS B 109 -3.50 10.13 30.00
CA LYS B 109 -3.10 10.17 28.60
C LYS B 109 -4.05 9.37 27.73
N THR B 110 -3.90 9.54 26.42
CA THR B 110 -4.68 8.83 25.43
C THR B 110 -3.98 7.54 25.06
N VAL B 111 -4.71 6.43 25.08
CA VAL B 111 -4.19 5.13 24.74
C VAL B 111 -4.53 4.85 23.28
N GLN B 112 -3.51 4.52 22.51
CA GLN B 112 -3.66 4.21 21.09
C GLN B 112 -2.96 2.91 20.79
N VAL B 113 -3.23 2.37 19.60
CA VAL B 113 -2.52 1.17 19.16
C VAL B 113 -1.02 1.40 19.21
N VAL B 114 -0.55 2.37 18.43
CA VAL B 114 0.82 2.87 18.55
C VAL B 114 0.80 4.07 19.49
N PRO B 115 1.62 4.10 20.54
CA PRO B 115 2.68 3.17 20.91
C PRO B 115 2.32 2.15 21.98
N HIS B 116 1.10 2.20 22.52
CA HIS B 116 0.81 1.50 23.77
C HIS B 116 0.65 -0.01 23.56
N ILE B 117 -0.13 -0.42 22.58
CA ILE B 117 -0.30 -1.84 22.31
C ILE B 117 1.02 -2.46 21.92
N THR B 118 1.80 -1.77 21.08
CA THR B 118 3.08 -2.30 20.66
C THR B 118 4.08 -2.34 21.81
N ASP B 119 4.02 -1.37 22.72
CA ASP B 119 4.87 -1.42 23.90
C ASP B 119 4.49 -2.58 24.80
N ALA B 120 3.19 -2.86 24.91
CA ALA B 120 2.74 -4.02 25.66
C ALA B 120 3.29 -5.30 25.04
N ILE B 121 3.21 -5.40 23.72
CA ILE B 121 3.74 -6.58 23.04
C ILE B 121 5.23 -6.73 23.29
N GLN B 122 5.98 -5.63 23.17
CA GLN B 122 7.42 -5.69 23.37
C GLN B 122 7.76 -6.10 24.80
N GLU B 123 7.12 -5.47 25.78
CA GLU B 123 7.38 -5.80 27.18
C GLU B 123 7.02 -7.24 27.47
N TRP B 124 5.90 -7.71 26.93
CA TRP B 124 5.52 -9.11 27.07
C TRP B 124 6.62 -10.02 26.56
N VAL B 125 7.09 -9.77 25.33
CA VAL B 125 8.09 -10.64 24.73
C VAL B 125 9.36 -10.63 25.56
N GLU B 126 9.80 -9.45 25.98
CA GLU B 126 11.05 -9.37 26.75
C GLU B 126 10.91 -10.05 28.10
N ARG B 127 9.79 -9.85 28.79
CA ARG B 127 9.58 -10.47 30.08
C ARG B 127 9.50 -11.98 29.96
N VAL B 128 8.88 -12.48 28.89
CA VAL B 128 8.68 -13.91 28.74
C VAL B 128 9.95 -14.61 28.32
N ALA B 129 10.78 -13.96 27.49
CA ALA B 129 11.99 -14.62 27.04
C ALA B 129 13.03 -14.76 28.14
N GLN B 130 12.75 -14.27 29.34
CA GLN B 130 13.67 -14.37 30.47
C GLN B 130 13.15 -15.28 31.57
N THR B 131 12.04 -15.98 31.35
CA THR B 131 11.50 -16.88 32.34
C THR B 131 12.19 -18.23 32.21
N PRO B 132 12.92 -18.70 33.22
CA PRO B 132 13.60 -20.00 33.11
C PRO B 132 12.60 -21.10 32.76
N VAL B 133 12.83 -21.74 31.62
CA VAL B 133 11.87 -22.68 31.05
C VAL B 133 12.33 -24.11 31.09
N GLN B 134 13.60 -24.37 31.39
CA GLN B 134 14.14 -25.71 31.56
C GLN B 134 14.83 -25.84 32.89
N GLY B 135 14.18 -25.36 33.94
CA GLY B 135 14.73 -25.39 35.28
C GLY B 135 14.96 -24.00 35.82
N SER B 136 16.23 -23.64 36.02
CA SER B 136 16.61 -22.31 36.47
C SER B 136 17.50 -21.60 35.48
N SER B 137 17.89 -22.26 34.38
CA SER B 137 18.76 -21.63 33.39
C SER B 137 18.02 -20.52 32.68
N LYS B 138 18.70 -19.39 32.49
CA LYS B 138 18.07 -18.26 31.81
C LYS B 138 18.27 -18.41 30.30
N PRO B 139 17.22 -18.20 29.50
CA PRO B 139 17.38 -18.35 28.05
C PRO B 139 18.40 -17.37 27.48
N GLN B 140 18.88 -17.72 26.30
CA GLN B 140 19.77 -16.86 25.53
C GLN B 140 19.22 -16.53 24.16
N VAL B 141 18.39 -17.39 23.59
CA VAL B 141 17.71 -17.15 22.33
C VAL B 141 16.22 -17.36 22.54
N CYS B 142 15.42 -16.55 21.83
CA CYS B 142 13.97 -16.66 21.86
C CYS B 142 13.46 -16.69 20.44
N ILE B 143 12.73 -17.75 20.09
CA ILE B 143 12.19 -17.90 18.76
C ILE B 143 10.72 -17.51 18.77
N VAL B 144 10.42 -16.35 18.18
CA VAL B 144 9.04 -15.92 18.05
C VAL B 144 8.50 -16.38 16.70
N GLU B 145 7.32 -16.98 16.72
CA GLU B 145 6.64 -17.43 15.52
C GLU B 145 5.35 -16.65 15.39
N LEU B 146 5.26 -15.83 14.35
CA LEU B 146 4.13 -14.96 14.11
C LEU B 146 3.15 -15.69 13.21
N GLY B 147 2.09 -16.21 13.80
CA GLY B 147 1.10 -16.93 13.02
C GLY B 147 0.37 -16.02 12.05
N GLY B 148 -0.15 -16.63 11.00
CA GLY B 148 -0.82 -15.91 9.95
C GLY B 148 0.05 -15.71 8.74
N THR B 149 -0.30 -14.68 7.97
CA THR B 149 0.45 -14.29 6.78
C THR B 149 0.65 -12.79 6.81
N ILE B 150 1.83 -12.35 6.38
CA ILE B 150 2.15 -10.93 6.39
C ILE B 150 1.29 -10.22 5.35
N GLY B 151 0.44 -9.32 5.81
CA GLY B 151 -0.44 -8.59 4.93
C GLY B 151 -1.85 -8.49 5.49
N ASP B 152 -2.19 -9.43 6.37
CA ASP B 152 -3.53 -9.46 6.93
C ASP B 152 -3.71 -8.36 7.97
N ILE B 153 -4.96 -7.96 8.15
CA ILE B 153 -5.29 -6.89 9.08
C ILE B 153 -5.21 -7.35 10.53
N GLU B 154 -5.05 -8.65 10.76
CA GLU B 154 -5.03 -9.16 12.13
C GLU B 154 -3.67 -8.97 12.78
N GLY B 155 -2.60 -9.00 11.99
CA GLY B 155 -1.26 -9.01 12.53
C GLY B 155 -0.41 -7.81 12.18
N MET B 156 -1.02 -6.65 12.06
CA MET B 156 -0.29 -5.42 11.81
C MET B 156 0.29 -4.86 13.10
N PRO B 157 -0.46 -4.88 14.21
CA PRO B 157 0.14 -4.47 15.49
C PRO B 157 1.46 -5.17 15.76
N PHE B 158 1.53 -6.48 15.51
CA PHE B 158 2.72 -7.25 15.81
C PHE B 158 3.87 -6.91 14.88
N VAL B 159 3.58 -6.75 13.59
CA VAL B 159 4.62 -6.39 12.64
C VAL B 159 5.19 -5.02 12.98
N GLU B 160 4.34 -4.05 13.31
CA GLU B 160 4.83 -2.75 13.75
C GLU B 160 5.65 -2.86 15.02
N ALA B 161 5.18 -3.65 15.98
CA ALA B 161 5.91 -3.86 17.21
C ALA B 161 7.31 -4.37 16.94
N PHE B 162 7.46 -5.30 16.01
CA PHE B 162 8.78 -5.86 15.75
C PHE B 162 9.64 -4.95 14.89
N ARG B 163 9.00 -4.17 14.02
CA ARG B 163 9.71 -3.10 13.33
C ARG B 163 10.38 -2.17 14.32
N GLN B 164 9.70 -1.84 15.41
CA GLN B 164 10.33 -1.05 16.45
C GLN B 164 11.29 -1.86 17.30
N PHE B 165 11.03 -3.15 17.45
CA PHE B 165 11.85 -4.01 18.30
C PHE B 165 13.25 -4.16 17.74
N GLN B 166 13.38 -4.21 16.42
CA GLN B 166 14.71 -4.41 15.83
C GLN B 166 15.61 -3.21 16.10
N PHE B 167 15.03 -2.02 16.21
CA PHE B 167 15.81 -0.85 16.62
C PHE B 167 16.01 -0.84 18.13
N ARG B 168 15.00 -1.29 18.88
CA ARG B 168 15.09 -1.28 20.33
C ARG B 168 16.15 -2.25 20.84
N VAL B 169 16.45 -3.30 20.09
CA VAL B 169 17.38 -4.33 20.55
C VAL B 169 18.57 -4.48 19.60
N LYS B 170 18.98 -3.41 18.93
CA LYS B 170 20.33 -3.42 18.38
C LYS B 170 20.53 -4.55 17.37
N ARG B 171 20.05 -4.35 16.15
CA ARG B 171 19.82 -5.38 15.15
C ARG B 171 20.80 -6.55 15.22
N GLU B 172 22.02 -6.34 15.73
CA GLU B 172 22.91 -7.46 15.95
C GLU B 172 22.33 -8.47 16.93
N ASN B 173 21.21 -8.18 17.57
CA ASN B 173 20.48 -9.11 18.42
C ASN B 173 19.07 -9.34 17.89
N PHE B 174 18.95 -9.56 16.58
CA PHE B 174 17.64 -9.75 15.97
C PHE B 174 17.76 -10.27 14.55
N CYS B 175 17.05 -11.35 14.25
CA CYS B 175 16.98 -11.91 12.91
C CYS B 175 15.53 -12.19 12.55
N LEU B 176 15.27 -12.24 11.25
CA LEU B 176 13.93 -12.47 10.73
C LEU B 176 14.00 -13.45 9.57
N ALA B 177 13.31 -14.57 9.71
CA ALA B 177 13.27 -15.62 8.71
C ALA B 177 11.87 -15.68 8.12
N HIS B 178 11.77 -15.62 6.81
CA HIS B 178 10.51 -15.59 6.10
C HIS B 178 10.31 -16.92 5.36
N VAL B 179 9.21 -17.59 5.67
CA VAL B 179 8.87 -18.87 5.07
C VAL B 179 7.81 -18.62 4.00
N SER B 180 8.13 -19.00 2.77
CA SER B 180 7.24 -18.76 1.64
C SER B 180 7.06 -20.04 0.85
N LEU B 181 6.07 -20.00 -0.04
CA LEU B 181 5.69 -21.15 -0.85
C LEU B 181 6.06 -20.90 -2.31
N VAL B 182 6.65 -21.91 -2.94
CA VAL B 182 7.01 -21.84 -4.34
C VAL B 182 6.12 -22.81 -5.11
N PRO B 183 4.96 -22.37 -5.61
CA PRO B 183 4.04 -23.30 -6.26
C PRO B 183 4.59 -23.77 -7.60
N LEU B 184 4.33 -25.04 -7.89
CA LEU B 184 4.75 -25.68 -9.15
C LEU B 184 3.51 -26.24 -9.81
N PRO B 185 2.73 -25.42 -10.51
CA PRO B 185 1.51 -25.91 -11.14
C PRO B 185 1.82 -27.02 -12.14
N LYS B 186 0.80 -27.81 -12.44
CA LYS B 186 0.94 -28.92 -13.37
C LYS B 186 0.74 -28.49 -14.81
N ALA B 187 0.18 -27.30 -15.04
CA ALA B 187 0.04 -26.79 -16.39
C ALA B 187 1.36 -26.22 -16.89
N THR B 188 1.89 -25.21 -16.20
CA THR B 188 3.15 -24.60 -16.61
C THR B 188 4.32 -25.54 -16.40
N GLY B 189 4.23 -26.45 -15.43
CA GLY B 189 5.31 -27.36 -15.14
C GLY B 189 6.60 -26.63 -14.86
N GLU B 190 6.52 -25.55 -14.08
CA GLU B 190 7.69 -24.75 -13.77
C GLU B 190 7.44 -24.04 -12.45
N PRO B 191 8.42 -24.00 -11.54
CA PRO B 191 8.21 -23.30 -10.26
C PRO B 191 8.03 -21.81 -10.48
N LYS B 192 7.08 -21.24 -9.74
CA LYS B 192 6.75 -19.83 -9.85
C LYS B 192 7.22 -19.10 -8.60
N THR B 193 7.89 -17.96 -8.80
CA THR B 193 8.51 -17.20 -7.74
C THR B 193 7.77 -15.90 -7.43
N LYS B 194 6.72 -15.59 -8.17
CA LYS B 194 6.05 -14.31 -8.05
C LYS B 194 5.33 -14.18 -6.71
N PRO B 195 4.72 -15.25 -6.19
CA PRO B 195 4.13 -15.15 -4.85
C PRO B 195 5.14 -14.74 -3.79
N THR B 196 6.31 -15.37 -3.78
CA THR B 196 7.36 -15.00 -2.84
C THR B 196 7.78 -13.55 -3.03
N GLN B 197 7.85 -13.10 -4.29
CA GLN B 197 8.20 -11.72 -4.56
C GLN B 197 7.19 -10.77 -3.92
N SER B 198 5.91 -11.02 -4.17
CA SER B 198 4.87 -10.16 -3.60
C SER B 198 4.89 -10.19 -2.09
N SER B 199 5.17 -11.35 -1.49
CA SER B 199 5.18 -11.45 -0.04
C SER B 199 6.35 -10.66 0.55
N VAL B 200 7.54 -10.80 -0.05
CA VAL B 200 8.67 -10.03 0.43
C VAL B 200 8.45 -8.54 0.22
N ARG B 201 7.77 -8.17 -0.86
CA ARG B 201 7.47 -6.76 -1.09
C ARG B 201 6.52 -6.22 -0.04
N GLU B 202 5.45 -6.96 0.24
CA GLU B 202 4.52 -6.56 1.30
C GLU B 202 5.24 -6.44 2.64
N LEU B 203 6.12 -7.39 2.93
CA LEU B 203 6.90 -7.34 4.17
C LEU B 203 7.74 -6.07 4.23
N ARG B 204 8.61 -5.87 3.24
CA ARG B 204 9.45 -4.67 3.23
C ARG B 204 8.61 -3.40 3.26
N GLY B 205 7.38 -3.45 2.75
CA GLY B 205 6.48 -2.33 2.89
C GLY B 205 5.92 -2.15 4.28
N CYS B 206 6.38 -2.95 5.23
CA CYS B 206 6.01 -2.81 6.63
C CYS B 206 7.20 -2.45 7.51
N GLY B 207 8.38 -2.34 6.93
CA GLY B 207 9.57 -1.93 7.66
C GLY B 207 10.53 -3.04 8.02
N LEU B 208 10.29 -4.26 7.54
CA LEU B 208 11.13 -5.40 7.86
C LEU B 208 11.74 -5.97 6.58
N SER B 209 12.99 -6.42 6.69
CA SER B 209 13.71 -6.98 5.57
C SER B 209 14.22 -8.37 5.98
N PRO B 210 13.92 -9.41 5.21
CA PRO B 210 14.35 -10.75 5.62
C PRO B 210 15.85 -10.93 5.57
N ASP B 211 16.34 -11.78 6.47
CA ASP B 211 17.72 -12.25 6.46
C ASP B 211 17.83 -13.64 5.87
N LEU B 212 16.87 -14.52 6.15
CA LEU B 212 16.73 -15.81 5.50
C LEU B 212 15.37 -15.88 4.82
N ILE B 213 15.31 -16.63 3.74
CA ILE B 213 14.08 -16.87 3.00
C ILE B 213 14.00 -18.37 2.78
N VAL B 214 13.25 -19.07 3.63
CA VAL B 214 13.06 -20.50 3.52
C VAL B 214 11.92 -20.75 2.54
N CYS B 215 12.24 -21.34 1.40
CA CYS B 215 11.26 -21.57 0.34
C CYS B 215 10.77 -23.01 0.43
N ARG B 216 9.48 -23.17 0.70
CA ARG B 216 8.86 -24.47 0.85
C ARG B 216 8.21 -24.86 -0.47
N SER B 217 8.68 -25.95 -1.07
CA SER B 217 8.13 -26.49 -2.29
C SER B 217 7.88 -27.98 -2.11
N GLU B 218 7.13 -28.55 -3.05
CA GLU B 218 6.86 -29.98 -2.99
C GLU B 218 8.05 -30.80 -3.45
N LYS B 219 8.70 -30.37 -4.52
CA LYS B 219 9.89 -31.02 -5.06
C LYS B 219 11.06 -30.05 -5.03
N PRO B 220 12.29 -30.55 -5.05
CA PRO B 220 13.45 -29.66 -4.99
C PRO B 220 13.50 -28.74 -6.20
N ILE B 221 13.92 -27.51 -5.96
CA ILE B 221 14.09 -26.53 -7.02
C ILE B 221 15.58 -26.30 -7.23
N GLY B 222 15.91 -25.82 -8.43
CA GLY B 222 17.29 -25.71 -8.84
C GLY B 222 17.91 -24.38 -8.48
N LEU B 223 19.19 -24.24 -8.83
CA LEU B 223 19.93 -23.01 -8.54
C LEU B 223 19.38 -21.83 -9.31
N GLU B 224 18.71 -22.06 -10.44
CA GLU B 224 18.11 -20.98 -11.20
C GLU B 224 17.11 -20.20 -10.35
N VAL B 225 16.17 -20.93 -9.74
CA VAL B 225 15.16 -20.28 -8.91
C VAL B 225 15.79 -19.68 -7.66
N LYS B 226 16.80 -20.36 -7.09
CA LYS B 226 17.49 -19.81 -5.93
C LYS B 226 18.09 -18.44 -6.24
N GLU B 227 18.81 -18.34 -7.37
CA GLU B 227 19.42 -17.06 -7.71
C GLU B 227 18.39 -16.04 -8.11
N LYS B 228 17.29 -16.46 -8.74
CA LYS B 228 16.20 -15.52 -9.02
C LYS B 228 15.67 -14.91 -7.73
N ILE B 229 15.47 -15.74 -6.70
CA ILE B 229 14.99 -15.24 -5.42
C ILE B 229 16.02 -14.32 -4.79
N SER B 230 17.29 -14.72 -4.84
CA SER B 230 18.35 -13.89 -4.27
C SER B 230 18.35 -12.51 -4.92
N ASN B 231 18.25 -12.47 -6.25
CA ASN B 231 18.20 -11.20 -6.95
C ASN B 231 16.98 -10.39 -6.51
N PHE B 232 15.78 -10.94 -6.73
CA PHE B 232 14.55 -10.20 -6.49
C PHE B 232 14.22 -10.03 -5.01
N CYS B 233 15.13 -10.41 -4.11
CA CYS B 233 14.93 -10.19 -2.68
C CYS B 233 16.17 -9.60 -2.00
N HIS B 234 17.23 -9.33 -2.75
CA HIS B 234 18.44 -8.69 -2.23
C HIS B 234 19.06 -9.48 -1.09
N VAL B 235 18.75 -10.77 -1.00
CA VAL B 235 19.44 -11.67 -0.11
C VAL B 235 20.50 -12.41 -0.91
N GLY B 236 21.53 -12.88 -0.21
CA GLY B 236 22.59 -13.61 -0.85
C GLY B 236 22.09 -14.87 -1.52
N PRO B 237 23.00 -15.66 -2.09
CA PRO B 237 22.62 -16.95 -2.67
C PRO B 237 22.74 -18.11 -1.71
N ASP B 238 23.32 -17.89 -0.54
CA ASP B 238 23.50 -18.92 0.47
C ASP B 238 22.54 -18.77 1.66
N GLN B 239 21.86 -17.63 1.78
CA GLN B 239 20.85 -17.43 2.80
C GLN B 239 19.44 -17.53 2.21
N VAL B 240 19.29 -18.38 1.19
CA VAL B 240 17.99 -18.74 0.65
C VAL B 240 17.87 -20.25 0.78
N ILE B 241 17.28 -20.70 1.87
CA ILE B 241 17.18 -22.12 2.17
C ILE B 241 16.00 -22.70 1.42
N CYS B 242 16.20 -23.90 0.87
CA CYS B 242 15.18 -24.60 0.12
C CYS B 242 14.83 -25.88 0.86
N ILE B 243 13.56 -26.03 1.22
CA ILE B 243 13.09 -27.14 2.04
C ILE B 243 11.93 -27.78 1.29
N HIS B 244 12.19 -28.91 0.66
CA HIS B 244 11.15 -29.64 -0.06
C HIS B 244 10.39 -30.55 0.89
N ASP B 245 9.46 -31.34 0.35
CA ASP B 245 8.69 -32.27 1.16
C ASP B 245 9.53 -33.50 1.45
N LEU B 246 9.97 -33.62 2.70
CA LEU B 246 10.81 -34.73 3.11
C LEU B 246 9.96 -35.89 3.62
N ASN B 247 10.62 -37.03 3.84
CA ASN B 247 9.92 -38.19 4.36
C ASN B 247 9.29 -37.88 5.72
N SER B 248 10.11 -37.57 6.70
CA SER B 248 9.68 -37.20 8.02
C SER B 248 10.14 -35.77 8.32
N ILE B 249 9.88 -35.30 9.54
CA ILE B 249 10.24 -33.95 9.94
C ILE B 249 11.54 -33.91 10.73
N TYR B 250 12.08 -35.06 11.12
CA TYR B 250 13.41 -35.12 11.70
C TYR B 250 14.51 -34.90 10.67
N HIS B 251 14.14 -34.72 9.41
CA HIS B 251 15.09 -34.37 8.36
C HIS B 251 15.32 -32.88 8.25
N VAL B 252 14.37 -32.06 8.69
CA VAL B 252 14.40 -30.62 8.49
C VAL B 252 15.60 -30.00 9.20
N PRO B 253 15.80 -30.25 10.49
CA PRO B 253 17.02 -29.73 11.14
C PRO B 253 18.29 -30.11 10.40
N LEU B 254 18.36 -31.34 9.90
CA LEU B 254 19.55 -31.77 9.16
C LEU B 254 19.66 -31.04 7.83
N LEU B 255 18.56 -30.95 7.09
CA LEU B 255 18.57 -30.21 5.83
C LEU B 255 18.89 -28.74 6.02
N MET B 256 18.71 -28.23 7.24
CA MET B 256 19.07 -26.84 7.51
C MET B 256 20.54 -26.72 7.89
N GLU B 257 21.02 -27.61 8.77
CA GLU B 257 22.43 -27.61 9.12
C GLU B 257 23.29 -27.77 7.87
N GLN B 258 22.95 -28.74 7.03
CA GLN B 258 23.73 -28.98 5.81
C GLN B 258 23.76 -27.75 4.92
N ASN B 259 22.75 -26.89 5.02
CA ASN B 259 22.70 -25.68 4.22
C ASN B 259 23.41 -24.49 4.88
N GLY B 260 24.11 -24.73 5.98
CA GLY B 260 24.93 -23.69 6.58
C GLY B 260 24.18 -22.63 7.32
N VAL B 261 23.06 -22.98 7.97
CA VAL B 261 22.31 -21.99 8.73
C VAL B 261 22.93 -21.76 10.11
N ILE B 262 23.54 -22.80 10.69
CA ILE B 262 24.17 -22.64 12.00
C ILE B 262 25.29 -21.62 11.90
N GLU B 263 26.15 -21.76 10.89
CA GLU B 263 27.25 -20.83 10.72
C GLU B 263 26.75 -19.43 10.45
N TYR B 264 25.77 -19.30 9.56
CA TYR B 264 25.19 -18.00 9.26
C TYR B 264 24.71 -17.31 10.53
N LEU B 265 23.95 -18.03 11.35
CA LEU B 265 23.42 -17.41 12.57
C LEU B 265 24.54 -17.07 13.53
N ASN B 266 25.51 -17.98 13.71
CA ASN B 266 26.62 -17.71 14.60
C ASN B 266 27.38 -16.46 14.17
N GLU B 267 27.38 -16.17 12.87
CA GLU B 267 28.06 -14.98 12.37
C GLU B 267 27.18 -13.74 12.40
N ARG B 268 25.86 -13.93 12.39
CA ARG B 268 24.92 -12.83 12.25
C ARG B 268 24.42 -12.33 13.61
N LEU B 269 24.12 -13.22 14.53
CA LEU B 269 23.73 -12.85 15.89
C LEU B 269 24.90 -12.79 16.85
N GLN B 270 26.09 -13.22 16.43
CA GLN B 270 27.27 -13.21 17.28
C GLN B 270 27.04 -14.00 18.57
N LEU B 271 26.82 -15.30 18.39
CA LEU B 271 26.50 -16.19 19.50
C LEU B 271 27.73 -16.84 20.12
N ASN B 272 28.87 -16.79 19.45
CA ASN B 272 30.12 -17.38 19.97
C ASN B 272 29.97 -18.89 20.13
N ILE B 273 29.68 -19.55 19.01
CA ILE B 273 29.54 -20.99 18.95
C ILE B 273 30.86 -21.58 18.50
N ASP B 274 31.45 -22.43 19.33
CA ASP B 274 32.72 -23.05 19.00
C ASP B 274 32.50 -24.13 17.93
N MET B 275 32.92 -23.84 16.71
CA MET B 275 32.64 -24.73 15.58
C MET B 275 33.24 -26.11 15.81
N SER B 276 34.50 -26.17 16.26
CA SER B 276 35.19 -27.44 16.38
C SER B 276 34.44 -28.42 17.28
N LYS B 277 33.64 -27.93 18.22
CA LYS B 277 32.90 -28.79 19.12
C LYS B 277 31.44 -28.97 18.72
N ARG B 278 30.93 -28.16 17.79
CA ARG B 278 29.56 -28.31 17.34
C ARG B 278 29.40 -29.44 16.33
N THR B 279 30.37 -30.33 16.23
CA THR B 279 30.22 -31.54 15.43
C THR B 279 29.74 -32.69 16.32
N LYS B 280 28.89 -33.52 15.74
CA LYS B 280 28.37 -34.71 16.42
C LYS B 280 27.51 -34.34 17.63
N CYS B 281 26.70 -33.30 17.46
CA CYS B 281 25.65 -32.98 18.42
C CYS B 281 24.28 -33.43 17.95
N LEU B 282 24.02 -33.37 16.64
CA LEU B 282 22.79 -33.86 16.05
C LEU B 282 22.84 -35.35 15.77
N GLN B 283 23.75 -36.08 16.43
CA GLN B 283 23.88 -37.52 16.16
C GLN B 283 22.59 -38.25 16.48
N GLN B 284 21.93 -37.89 17.58
CA GLN B 284 20.67 -38.52 17.94
C GLN B 284 19.64 -38.31 16.83
N TRP B 285 19.57 -37.10 16.28
CA TRP B 285 18.58 -36.83 15.24
C TRP B 285 18.95 -37.50 13.94
N ARG B 286 20.24 -37.64 13.63
CA ARG B 286 20.62 -38.42 12.46
C ARG B 286 20.22 -39.88 12.62
N ASP B 287 20.44 -40.44 13.81
CA ASP B 287 20.01 -41.81 14.07
C ASP B 287 18.51 -41.96 13.92
N LEU B 288 17.75 -41.02 14.50
CA LEU B 288 16.30 -41.08 14.42
C LEU B 288 15.82 -40.97 12.97
N ALA B 289 16.44 -40.08 12.20
CA ALA B 289 16.06 -39.90 10.81
C ALA B 289 16.42 -41.11 9.98
N ARG B 290 17.47 -41.84 10.34
CA ARG B 290 17.80 -43.07 9.64
C ARG B 290 16.84 -44.18 10.01
N ARG B 291 16.48 -44.29 11.29
CA ARG B 291 15.49 -45.28 11.71
C ARG B 291 14.13 -45.03 11.10
N THR B 292 13.88 -43.83 10.59
CA THR B 292 12.61 -43.55 9.92
C THR B 292 12.58 -44.19 8.54
N GLU B 293 13.73 -44.51 7.97
CA GLU B 293 13.81 -45.16 6.68
C GLU B 293 14.14 -46.64 6.76
N THR B 294 14.77 -47.08 7.84
CA THR B 294 15.24 -48.45 8.00
C THR B 294 14.32 -49.29 8.86
N VAL B 295 13.01 -49.10 8.75
CA VAL B 295 12.03 -49.87 9.51
C VAL B 295 11.01 -50.41 8.53
N ARG B 296 10.90 -51.74 8.47
CA ARG B 296 9.89 -52.41 7.64
C ARG B 296 9.34 -53.59 8.44
N ARG B 297 8.28 -53.34 9.19
CA ARG B 297 7.59 -54.39 9.95
C ARG B 297 6.08 -54.27 9.92
N GLU B 298 5.53 -53.08 9.63
CA GLU B 298 4.10 -52.91 9.34
C GLU B 298 3.25 -53.35 10.54
N VAL B 299 3.41 -52.61 11.63
CA VAL B 299 2.45 -52.66 12.73
C VAL B 299 1.31 -51.70 12.40
N CYS B 300 0.08 -52.18 12.52
CA CYS B 300 -1.11 -51.41 12.17
C CYS B 300 -1.90 -51.15 13.44
N ILE B 301 -2.35 -49.90 13.60
CA ILE B 301 -3.09 -49.47 14.77
C ILE B 301 -4.38 -48.82 14.31
N ALA B 302 -5.43 -48.97 15.13
CA ALA B 302 -6.74 -48.41 14.84
C ALA B 302 -7.00 -47.22 15.75
N VAL B 303 -7.35 -46.11 15.15
CA VAL B 303 -7.66 -44.87 15.87
C VAL B 303 -9.16 -44.67 15.77
N VAL B 304 -9.90 -45.16 16.78
CA VAL B 304 -11.35 -45.08 16.79
C VAL B 304 -11.71 -43.70 17.36
N GLY B 305 -11.85 -42.72 16.47
CA GLY B 305 -12.18 -41.38 16.85
C GLY B 305 -13.42 -40.87 16.12
N LYS B 306 -13.82 -39.64 16.49
CA LYS B 306 -14.99 -39.00 15.91
C LYS B 306 -14.65 -37.84 14.99
N TYR B 307 -13.42 -37.31 15.06
CA TYR B 307 -12.98 -36.24 14.17
C TYR B 307 -12.07 -36.76 13.07
N THR B 308 -12.16 -38.05 12.75
CA THR B 308 -11.16 -38.69 11.91
C THR B 308 -11.12 -38.12 10.50
N LYS B 309 -12.06 -37.23 10.17
CA LYS B 309 -11.97 -36.52 8.90
C LYS B 309 -10.76 -35.58 8.85
N PHE B 310 -10.14 -35.33 9.99
CA PHE B 310 -8.93 -34.51 10.08
C PHE B 310 -7.80 -35.34 10.66
N THR B 311 -6.59 -35.12 10.15
CA THR B 311 -5.40 -35.79 10.65
C THR B 311 -4.59 -34.92 11.60
N ASP B 312 -4.99 -33.67 11.81
CA ASP B 312 -4.34 -32.78 12.75
C ASP B 312 -5.05 -32.71 14.09
N SER B 313 -6.26 -33.25 14.19
CA SER B 313 -6.99 -33.29 15.44
C SER B 313 -6.50 -34.37 16.38
N TYR B 314 -5.51 -35.15 15.96
CA TYR B 314 -4.90 -36.18 16.81
C TYR B 314 -3.37 -36.09 16.74
N ALA B 315 -2.84 -34.91 16.46
CA ALA B 315 -1.42 -34.74 16.22
C ALA B 315 -0.56 -35.41 17.28
N SER B 316 -0.77 -35.05 18.55
CA SER B 316 0.07 -35.59 19.61
C SER B 316 -0.07 -37.09 19.72
N VAL B 317 -1.28 -37.62 19.51
CA VAL B 317 -1.50 -39.06 19.58
C VAL B 317 -0.71 -39.78 18.50
N VAL B 318 -0.89 -39.34 17.25
CA VAL B 318 -0.17 -39.93 16.12
C VAL B 318 1.33 -39.86 16.36
N LYS B 319 1.82 -38.72 16.84
CA LYS B 319 3.25 -38.55 17.00
C LYS B 319 3.81 -39.40 18.13
N ALA B 320 3.02 -39.60 19.19
CA ALA B 320 3.47 -40.49 20.25
C ALA B 320 3.51 -41.93 19.77
N LEU B 321 2.52 -42.33 18.97
CA LEU B 321 2.57 -43.66 18.37
C LEU B 321 3.81 -43.81 17.49
N GLN B 322 4.15 -42.76 16.72
CA GLN B 322 5.32 -42.83 15.88
C GLN B 322 6.59 -42.96 16.71
N HIS B 323 6.70 -42.19 17.78
CA HIS B 323 7.86 -42.28 18.65
C HIS B 323 8.00 -43.69 19.21
N ALA B 324 6.91 -44.24 19.75
CA ALA B 324 6.97 -45.57 20.33
C ALA B 324 7.36 -46.60 19.26
N ALA B 325 6.76 -46.51 18.07
CA ALA B 325 7.11 -47.45 17.00
C ALA B 325 8.59 -47.37 16.67
N LEU B 326 9.09 -46.16 16.42
CA LEU B 326 10.50 -45.99 16.12
C LEU B 326 11.38 -46.56 17.21
N ALA B 327 10.95 -46.47 18.47
CA ALA B 327 11.70 -47.10 19.55
C ALA B 327 11.58 -48.61 19.54
N VAL B 328 10.50 -49.14 18.96
CA VAL B 328 10.34 -50.58 18.82
C VAL B 328 10.85 -51.08 17.47
N ASN B 329 11.27 -50.17 16.59
CA ASN B 329 11.80 -50.53 15.28
C ASN B 329 10.73 -51.19 14.41
N ARG B 330 9.62 -50.47 14.24
CA ARG B 330 8.51 -50.92 13.42
C ARG B 330 7.98 -49.77 12.60
N LYS B 331 7.39 -50.09 11.45
CA LYS B 331 6.84 -49.09 10.54
C LYS B 331 5.35 -48.95 10.82
N LEU B 332 4.99 -47.85 11.49
CA LEU B 332 3.59 -47.65 11.85
C LEU B 332 2.73 -47.42 10.61
N GLU B 333 1.52 -47.96 10.64
CA GLU B 333 0.51 -47.70 9.64
C GLU B 333 -0.80 -47.47 10.38
N LEU B 334 -1.38 -46.29 10.19
CA LEU B 334 -2.54 -45.86 10.95
C LEU B 334 -3.79 -45.89 10.07
N VAL B 335 -4.83 -46.54 10.57
CA VAL B 335 -6.15 -46.54 9.94
C VAL B 335 -7.07 -45.71 10.83
N PHE B 336 -7.73 -44.74 10.23
CA PHE B 336 -8.57 -43.79 10.95
C PHE B 336 -10.02 -44.22 10.79
N ILE B 337 -10.53 -44.88 11.84
CA ILE B 337 -11.88 -45.42 11.84
C ILE B 337 -12.80 -44.42 12.52
N GLU B 338 -13.80 -43.95 11.79
CA GLU B 338 -14.80 -43.07 12.37
C GLU B 338 -15.78 -43.87 13.22
N SER B 339 -15.94 -43.46 14.48
CA SER B 339 -16.78 -44.21 15.40
C SER B 339 -18.25 -44.10 15.07
N CYS B 340 -18.64 -43.10 14.26
CA CYS B 340 -20.04 -42.98 13.90
C CYS B 340 -20.49 -44.09 12.96
N LEU B 341 -19.56 -44.63 12.17
CA LEU B 341 -19.87 -45.65 11.18
C LEU B 341 -19.84 -47.07 11.75
N LEU B 342 -19.74 -47.21 13.07
CA LEU B 342 -19.81 -48.51 13.71
C LEU B 342 -21.16 -48.78 14.36
N GLU B 343 -22.04 -47.79 14.42
CA GLU B 343 -23.37 -47.96 14.98
C GLU B 343 -24.32 -48.52 13.92
N GLU B 344 -25.36 -49.21 14.39
CA GLU B 344 -26.32 -49.81 13.48
C GLU B 344 -27.10 -48.78 12.68
N GLU B 345 -27.10 -47.51 13.10
CA GLU B 345 -27.85 -46.49 12.37
C GLU B 345 -27.33 -46.32 10.96
N THR B 346 -26.03 -46.56 10.74
CA THR B 346 -25.48 -46.54 9.40
C THR B 346 -25.67 -47.88 8.69
N LEU B 347 -25.84 -48.96 9.44
CA LEU B 347 -26.22 -50.23 8.83
C LEU B 347 -27.58 -50.12 8.15
N HIS B 348 -28.50 -49.36 8.74
CA HIS B 348 -29.78 -49.07 8.12
C HIS B 348 -29.67 -48.03 7.00
N SER B 349 -28.50 -47.43 6.83
CA SER B 349 -28.30 -46.41 5.80
C SER B 349 -27.31 -46.85 4.74
N GLU B 350 -26.10 -47.25 5.12
CA GLU B 350 -25.10 -47.72 4.17
C GLU B 350 -24.39 -48.93 4.76
N PRO B 351 -24.99 -50.13 4.63
CA PRO B 351 -24.30 -51.33 5.10
C PRO B 351 -22.89 -51.47 4.54
N SER B 352 -22.65 -50.94 3.34
CA SER B 352 -21.31 -51.01 2.75
C SER B 352 -20.30 -50.35 3.67
N LYS B 353 -20.55 -49.09 4.05
CA LYS B 353 -19.62 -48.37 4.92
C LYS B 353 -19.50 -49.06 6.28
N TYR B 354 -20.63 -49.49 6.84
CA TYR B 354 -20.60 -50.19 8.12
C TYR B 354 -19.65 -51.37 8.08
N HIS B 355 -19.85 -52.27 7.12
CA HIS B 355 -19.03 -53.47 7.04
C HIS B 355 -17.58 -53.12 6.69
N LYS B 356 -17.36 -52.09 5.87
CA LYS B 356 -16.00 -51.72 5.53
C LYS B 356 -15.23 -51.23 6.75
N GLU B 357 -15.84 -50.34 7.54
CA GLU B 357 -15.19 -49.84 8.74
C GLU B 357 -14.98 -50.95 9.76
N TRP B 358 -15.97 -51.82 9.93
CA TRP B 358 -15.80 -52.92 10.88
C TRP B 358 -14.72 -53.88 10.41
N GLN B 359 -14.58 -54.06 9.10
CA GLN B 359 -13.49 -54.87 8.58
C GLN B 359 -12.15 -54.24 8.91
N LYS B 360 -11.99 -52.95 8.57
CA LYS B 360 -10.79 -52.21 8.96
C LYS B 360 -10.47 -52.46 10.42
N LEU B 361 -11.45 -52.26 11.30
CA LEU B 361 -11.23 -52.43 12.73
C LEU B 361 -10.85 -53.87 13.07
N CYS B 362 -11.32 -54.84 12.29
CA CYS B 362 -11.14 -56.23 12.66
C CYS B 362 -9.78 -56.78 12.21
N ASP B 363 -9.21 -56.23 11.14
CA ASP B 363 -7.94 -56.71 10.61
C ASP B 363 -6.76 -55.86 11.07
N SER B 364 -6.86 -55.26 12.25
CA SER B 364 -5.80 -54.45 12.81
C SER B 364 -5.21 -55.12 14.04
N HIS B 365 -3.95 -54.79 14.33
CA HIS B 365 -3.21 -55.42 15.41
C HIS B 365 -3.44 -54.73 16.76
N GLY B 366 -4.16 -53.63 16.79
CA GLY B 366 -4.36 -52.89 18.03
C GLY B 366 -5.41 -51.81 17.84
N ILE B 367 -5.90 -51.31 18.96
CA ILE B 367 -6.98 -50.33 18.97
C ILE B 367 -6.66 -49.21 19.94
N LEU B 368 -6.82 -47.97 19.47
CA LEU B 368 -6.65 -46.79 20.30
C LEU B 368 -7.93 -45.99 20.26
N VAL B 369 -8.52 -45.75 21.43
CA VAL B 369 -9.76 -44.99 21.57
C VAL B 369 -9.43 -43.64 22.18
N PRO B 370 -9.19 -42.61 21.37
CA PRO B 370 -8.75 -41.33 21.93
C PRO B 370 -9.84 -40.64 22.74
N GLY B 371 -9.52 -39.44 23.22
CA GLY B 371 -10.47 -38.64 23.95
C GLY B 371 -11.39 -37.86 23.04
N GLY B 372 -12.11 -36.93 23.64
CA GLY B 372 -13.06 -36.11 22.91
C GLY B 372 -14.14 -35.61 23.84
N PHE B 373 -14.92 -34.66 23.32
CA PHE B 373 -15.98 -34.03 24.09
C PHE B 373 -17.30 -34.17 23.35
N GLY B 374 -18.38 -34.34 24.12
CA GLY B 374 -19.71 -34.38 23.55
C GLY B 374 -20.33 -35.75 23.59
N SER B 375 -21.23 -36.00 22.64
CA SER B 375 -21.98 -37.26 22.58
C SER B 375 -21.93 -37.93 21.22
N ARG B 376 -21.72 -37.18 20.13
CA ARG B 376 -21.78 -37.73 18.78
C ARG B 376 -20.66 -38.75 18.61
N GLY B 377 -21.03 -40.02 18.53
CA GLY B 377 -20.10 -41.07 18.19
C GLY B 377 -19.47 -41.80 19.34
N MET B 378 -20.10 -41.81 20.52
CA MET B 378 -19.56 -42.57 21.65
C MET B 378 -20.01 -44.01 21.66
N GLU B 379 -21.23 -44.29 21.21
CA GLU B 379 -21.70 -45.68 21.17
C GLU B 379 -20.73 -46.55 20.37
N GLY B 380 -20.18 -46.02 19.28
CA GLY B 380 -19.21 -46.77 18.51
C GLY B 380 -17.96 -47.08 19.31
N LYS B 381 -17.53 -46.13 20.14
CA LYS B 381 -16.38 -46.39 21.01
C LYS B 381 -16.66 -47.55 21.95
N ILE B 382 -17.90 -47.64 22.44
CA ILE B 382 -18.24 -48.71 23.37
C ILE B 382 -18.29 -50.04 22.63
N ARG B 383 -18.86 -50.04 21.42
CA ARG B 383 -18.83 -51.24 20.59
C ARG B 383 -17.40 -51.71 20.37
N ALA B 384 -16.50 -50.78 20.09
CA ALA B 384 -15.12 -51.15 19.82
C ALA B 384 -14.43 -51.69 21.06
N CYS B 385 -14.65 -51.05 22.21
CA CYS B 385 -14.11 -51.57 23.45
C CYS B 385 -14.58 -52.99 23.70
N GLN B 386 -15.88 -53.23 23.53
CA GLN B 386 -16.41 -54.58 23.72
C GLN B 386 -15.74 -55.56 22.77
N TRP B 387 -15.73 -55.24 21.47
CA TRP B 387 -15.14 -56.15 20.50
C TRP B 387 -13.68 -56.45 20.82
N ALA B 388 -12.94 -55.46 21.30
CA ALA B 388 -11.55 -55.70 21.67
C ALA B 388 -11.43 -56.46 22.98
N ARG B 389 -12.49 -56.49 23.79
CA ARG B 389 -12.49 -57.28 25.00
C ARG B 389 -12.92 -58.72 24.76
N GLU B 390 -13.72 -58.95 23.73
CA GLU B 390 -14.22 -60.28 23.40
C GLU B 390 -13.41 -60.97 22.32
N ASN B 391 -12.34 -60.34 21.83
CA ASN B 391 -11.51 -60.92 20.78
C ASN B 391 -10.03 -60.88 21.14
N GLN B 392 -9.71 -60.59 22.40
CA GLN B 392 -8.32 -60.53 22.87
C GLN B 392 -7.49 -59.63 21.95
N LYS B 393 -7.96 -58.40 21.78
CA LYS B 393 -7.28 -57.40 20.97
C LYS B 393 -6.84 -56.25 21.86
N PRO B 394 -5.57 -55.86 21.84
CA PRO B 394 -5.12 -54.80 22.72
C PRO B 394 -5.89 -53.51 22.50
N LEU B 395 -5.99 -52.71 23.55
CA LEU B 395 -6.74 -51.46 23.49
C LEU B 395 -6.14 -50.45 24.46
N LEU B 396 -6.16 -49.18 24.06
CA LEU B 396 -5.77 -48.10 24.95
C LEU B 396 -6.75 -46.95 24.83
N GLY B 397 -7.31 -46.53 25.96
CA GLY B 397 -8.27 -45.44 26.00
C GLY B 397 -7.73 -44.27 26.79
N ILE B 398 -8.10 -43.06 26.37
CA ILE B 398 -7.52 -41.82 26.90
C ILE B 398 -8.65 -40.89 27.28
N CYS B 399 -9.09 -40.95 28.55
CA CYS B 399 -9.93 -39.94 29.16
C CYS B 399 -11.36 -39.95 28.62
N LEU B 400 -11.58 -40.65 27.53
CA LEU B 400 -12.93 -40.98 27.07
C LEU B 400 -13.10 -42.44 26.68
N GLY B 401 -12.03 -43.11 26.24
CA GLY B 401 -12.09 -44.54 26.09
C GLY B 401 -12.11 -45.26 27.42
N LEU B 402 -11.70 -44.58 28.49
CA LEU B 402 -11.82 -45.16 29.82
C LEU B 402 -13.28 -45.17 30.28
N GLN B 403 -13.95 -44.03 30.14
CA GLN B 403 -15.38 -43.98 30.44
C GLN B 403 -16.15 -44.96 29.56
N ALA B 404 -15.82 -45.00 28.27
CA ALA B 404 -16.49 -45.92 27.36
C ALA B 404 -16.22 -47.37 27.74
N ALA B 405 -14.99 -47.68 28.15
CA ALA B 405 -14.67 -49.05 28.54
C ALA B 405 -15.42 -49.44 29.80
N VAL B 406 -15.50 -48.54 30.77
CA VAL B 406 -16.23 -48.83 32.00
C VAL B 406 -17.72 -49.02 31.69
N ILE B 407 -18.26 -48.18 30.81
CA ILE B 407 -19.65 -48.31 30.40
C ILE B 407 -19.89 -49.66 29.74
N GLU B 408 -18.96 -50.07 28.86
CA GLU B 408 -19.08 -51.35 28.21
C GLU B 408 -19.07 -52.49 29.23
N PHE B 409 -18.08 -52.47 30.13
CA PHE B 409 -18.00 -53.51 31.15
C PHE B 409 -19.30 -53.58 31.93
N ALA B 410 -19.83 -52.42 32.34
CA ALA B 410 -21.09 -52.39 33.08
C ALA B 410 -22.21 -53.03 32.28
N ARG B 411 -22.50 -52.48 31.10
CA ARG B 411 -23.67 -52.90 30.34
C ARG B 411 -23.49 -54.26 29.68
N ASN B 412 -22.33 -54.90 29.77
CA ASN B 412 -22.12 -56.20 29.17
C ASN B 412 -21.66 -57.26 30.17
N LYS B 413 -21.50 -56.93 31.44
CA LYS B 413 -21.16 -57.93 32.44
C LYS B 413 -22.10 -57.82 33.63
N LEU B 414 -22.63 -56.63 33.88
CA LEU B 414 -23.68 -56.43 34.88
C LEU B 414 -25.06 -56.34 34.25
N GLY B 415 -25.15 -56.41 32.91
CA GLY B 415 -26.43 -56.35 32.23
C GLY B 415 -27.13 -55.02 32.35
N LEU B 416 -26.50 -54.01 32.94
CA LEU B 416 -27.11 -52.70 33.12
C LEU B 416 -27.15 -51.99 31.76
N LYS B 417 -28.13 -52.38 30.95
CA LYS B 417 -28.29 -51.79 29.64
C LYS B 417 -28.48 -50.28 29.70
N ASP B 418 -28.79 -49.72 30.85
CA ASP B 418 -28.96 -48.28 31.02
C ASP B 418 -27.69 -47.59 31.46
N ALA B 419 -26.58 -48.31 31.61
CA ALA B 419 -25.33 -47.69 31.99
C ALA B 419 -24.97 -46.60 30.99
N ASN B 420 -24.56 -45.45 31.51
CA ASN B 420 -24.24 -44.29 30.68
C ASN B 420 -23.59 -43.24 31.54
N THR B 421 -23.20 -42.14 30.90
CA THR B 421 -22.65 -41.00 31.60
C THR B 421 -23.76 -40.02 31.97
N THR B 422 -23.41 -39.08 32.85
CA THR B 422 -24.31 -37.96 33.13
C THR B 422 -24.28 -36.92 32.03
N GLU B 423 -23.48 -37.12 30.98
CA GLU B 423 -23.36 -36.17 29.88
C GLU B 423 -24.30 -36.50 28.73
N ILE B 424 -24.37 -37.76 28.32
CA ILE B 424 -25.18 -38.14 27.17
C ILE B 424 -26.66 -38.01 27.51
N ASP B 425 -27.05 -38.48 28.70
CA ASP B 425 -28.42 -38.40 29.16
C ASP B 425 -28.44 -38.19 30.67
N PRO B 426 -28.74 -36.98 31.14
CA PRO B 426 -28.57 -36.69 32.58
C PRO B 426 -29.55 -37.41 33.47
N ASN B 427 -30.78 -37.64 33.00
CA ASN B 427 -31.83 -38.23 33.82
C ASN B 427 -31.83 -39.75 33.79
N THR B 428 -30.68 -40.35 33.51
CA THR B 428 -30.60 -41.81 33.46
C THR B 428 -30.74 -42.41 34.85
N ALA B 429 -31.23 -43.64 34.88
CA ALA B 429 -31.36 -44.35 36.15
C ALA B 429 -30.00 -44.77 36.67
N ASN B 430 -29.21 -45.43 35.84
CA ASN B 430 -27.85 -45.84 36.19
C ASN B 430 -26.86 -44.89 35.54
N ALA B 431 -25.92 -44.38 36.35
CA ALA B 431 -24.93 -43.41 35.89
C ALA B 431 -23.56 -43.87 36.37
N LEU B 432 -22.75 -44.35 35.43
CA LEU B 432 -21.40 -44.80 35.77
C LEU B 432 -20.39 -43.65 35.78
N VAL B 433 -20.72 -42.53 35.14
CA VAL B 433 -19.81 -41.40 35.01
C VAL B 433 -20.55 -40.16 35.50
N ILE B 434 -19.98 -39.50 36.50
CA ILE B 434 -20.58 -38.33 37.13
C ILE B 434 -19.52 -37.25 37.26
N ASP B 435 -19.99 -36.01 37.34
CA ASP B 435 -19.08 -34.88 37.48
C ASP B 435 -18.40 -34.89 38.85
N MET B 436 -17.16 -34.47 38.86
CA MET B 436 -16.43 -34.25 40.11
C MET B 436 -15.51 -33.06 39.92
N PRO B 437 -16.06 -31.87 39.65
CA PRO B 437 -15.22 -30.68 39.49
C PRO B 437 -14.16 -30.58 40.57
N GLU B 438 -12.93 -30.25 40.18
CA GLU B 438 -11.84 -30.18 41.14
C GLU B 438 -12.22 -29.32 42.33
N HIS B 439 -12.51 -28.04 42.09
CA HIS B 439 -12.96 -27.17 43.18
C HIS B 439 -14.03 -26.18 42.75
N HIS B 440 -14.52 -26.27 41.51
CA HIS B 440 -15.64 -25.42 41.11
C HIS B 440 -16.81 -25.60 42.08
N THR B 441 -16.92 -26.77 42.68
CA THR B 441 -17.87 -26.97 43.75
C THR B 441 -17.38 -26.22 44.98
N GLY B 442 -17.82 -24.97 45.14
CA GLY B 442 -17.29 -24.10 46.17
C GLY B 442 -16.90 -22.73 45.62
N GLN B 443 -16.46 -22.69 44.37
CA GLN B 443 -16.06 -21.43 43.74
C GLN B 443 -16.14 -21.55 42.22
N LEU B 444 -15.65 -20.52 41.51
CA LEU B 444 -15.55 -20.57 40.06
C LEU B 444 -14.13 -20.81 39.56
N GLY B 445 -13.13 -20.72 40.44
CA GLY B 445 -11.73 -20.90 40.12
C GLY B 445 -11.21 -22.33 40.12
N GLY B 446 -11.40 -23.10 39.05
CA GLY B 446 -10.84 -24.44 39.00
C GLY B 446 -11.77 -25.58 38.63
N THR B 447 -12.79 -25.31 37.81
CA THR B 447 -13.78 -26.32 37.49
C THR B 447 -13.18 -27.62 36.92
N MET B 448 -12.39 -27.52 35.86
CA MET B 448 -11.92 -28.72 35.19
C MET B 448 -10.54 -29.11 35.72
N ARG B 449 -10.32 -30.43 35.82
CA ARG B 449 -9.07 -30.96 36.37
C ARG B 449 -7.99 -30.78 35.32
N LEU B 450 -7.63 -29.52 35.10
CA LEU B 450 -6.65 -29.15 34.09
C LEU B 450 -5.25 -29.11 34.69
N GLY B 451 -4.29 -29.50 33.86
CA GLY B 451 -2.90 -29.36 34.24
C GLY B 451 -2.32 -30.65 34.78
N LYS B 452 -1.08 -30.55 35.24
CA LYS B 452 -0.36 -31.72 35.69
C LYS B 452 -0.71 -32.03 37.13
N ARG B 453 -1.09 -33.28 37.37
CA ARG B 453 -1.47 -33.76 38.68
C ARG B 453 -0.75 -35.07 38.96
N ILE B 454 -0.80 -35.46 40.21
CA ILE B 454 -0.16 -36.67 40.70
C ILE B 454 -1.13 -37.83 40.62
N THR B 455 -0.59 -39.01 40.37
CA THR B 455 -1.37 -40.24 40.34
C THR B 455 -0.52 -41.32 41.00
N VAL B 456 -0.97 -41.84 42.14
CA VAL B 456 -0.26 -42.88 42.85
C VAL B 456 -0.81 -44.23 42.42
N PHE B 457 -0.03 -45.27 42.64
CA PHE B 457 -0.35 -46.62 42.17
C PHE B 457 -0.86 -47.46 43.33
N SER B 458 -2.08 -47.97 43.20
CA SER B 458 -2.61 -48.90 44.18
C SER B 458 -1.86 -50.22 44.10
N ASP B 459 -1.77 -50.90 45.24
CA ASP B 459 -0.98 -52.13 45.32
C ASP B 459 -1.54 -53.20 44.39
N GLY B 460 -0.62 -54.01 43.86
CA GLY B 460 -0.98 -55.07 42.94
C GLY B 460 -0.11 -55.04 41.70
N PRO B 461 0.42 -56.20 41.28
CA PRO B 461 1.27 -56.22 40.08
C PRO B 461 0.47 -55.79 38.86
N SER B 462 0.91 -54.72 38.23
CA SER B 462 0.24 -54.16 37.05
C SER B 462 1.28 -53.95 35.95
N VAL B 463 0.88 -54.27 34.72
CA VAL B 463 1.79 -54.12 33.59
C VAL B 463 2.06 -52.64 33.32
N ILE B 464 1.07 -51.78 33.58
CA ILE B 464 1.24 -50.35 33.31
C ILE B 464 2.25 -49.76 34.29
N ARG B 465 2.23 -50.20 35.54
CA ARG B 465 3.22 -49.75 36.49
C ARG B 465 4.60 -50.29 36.15
N GLN B 466 4.66 -51.49 35.59
CA GLN B 466 5.95 -52.05 35.17
C GLN B 466 6.52 -51.24 34.01
N LEU B 467 5.66 -50.80 33.09
CA LEU B 467 6.13 -50.00 31.97
C LEU B 467 6.65 -48.65 32.42
N TYR B 468 5.97 -48.02 33.38
CA TYR B 468 6.37 -46.71 33.88
C TYR B 468 7.67 -46.76 34.69
N GLY B 469 8.27 -47.93 34.87
CA GLY B 469 9.48 -48.05 35.66
C GLY B 469 9.27 -48.46 37.09
N ASN B 470 8.11 -49.04 37.42
CA ASN B 470 7.76 -49.41 38.78
C ASN B 470 7.97 -48.25 39.76
N PRO B 471 7.34 -47.11 39.51
CA PRO B 471 7.39 -46.00 40.47
C PRO B 471 6.22 -46.04 41.44
N LYS B 472 6.27 -45.13 42.41
CA LYS B 472 5.16 -44.95 43.34
C LYS B 472 4.08 -44.04 42.80
N SER B 473 4.44 -43.12 41.91
CA SER B 473 3.49 -42.14 41.41
C SER B 473 4.02 -41.56 40.11
N VAL B 474 3.13 -40.90 39.38
CA VAL B 474 3.46 -40.24 38.13
C VAL B 474 2.76 -38.90 38.04
N GLN B 475 3.40 -37.96 37.35
CA GLN B 475 2.84 -36.66 37.07
C GLN B 475 2.34 -36.65 35.63
N GLU B 476 1.05 -36.41 35.45
CA GLU B 476 0.49 -36.42 34.10
C GLU B 476 -0.54 -35.31 33.95
N ARG B 477 -0.79 -34.94 32.70
CA ARG B 477 -1.59 -33.77 32.37
C ARG B 477 -3.04 -34.19 32.16
N HIS B 478 -3.94 -33.63 32.96
CA HIS B 478 -5.35 -33.95 32.95
C HIS B 478 -6.14 -32.82 32.30
N ARG B 479 -7.20 -33.19 31.59
CA ARG B 479 -8.19 -32.25 31.08
C ARG B 479 -9.53 -32.99 31.03
N HIS B 480 -10.30 -32.89 32.10
CA HIS B 480 -11.56 -33.61 32.18
C HIS B 480 -12.33 -33.17 33.42
N ARG B 481 -13.65 -33.20 33.32
CA ARG B 481 -14.55 -32.94 34.43
C ARG B 481 -15.05 -34.22 35.08
N TYR B 482 -15.52 -35.17 34.27
CA TYR B 482 -16.20 -36.35 34.77
C TYR B 482 -15.25 -37.30 35.48
N GLU B 483 -15.77 -38.45 35.88
CA GLU B 483 -15.02 -39.41 36.69
C GLU B 483 -15.87 -40.67 36.82
N VAL B 484 -15.19 -41.78 37.11
CA VAL B 484 -15.89 -43.04 37.34
C VAL B 484 -16.66 -42.96 38.64
N ASN B 485 -17.87 -43.50 38.65
CA ASN B 485 -18.72 -43.42 39.82
C ASN B 485 -18.07 -44.15 41.00
N PRO B 486 -17.98 -43.54 42.18
CA PRO B 486 -17.36 -44.22 43.32
C PRO B 486 -18.26 -45.25 44.00
N LYS B 487 -19.51 -45.40 43.57
CA LYS B 487 -20.39 -46.38 44.18
C LYS B 487 -20.39 -47.70 43.41
N TYR B 488 -20.31 -47.64 42.07
CA TYR B 488 -20.17 -48.84 41.26
C TYR B 488 -18.75 -49.37 41.24
N VAL B 489 -17.88 -48.86 42.12
CA VAL B 489 -16.49 -49.32 42.13
C VAL B 489 -16.42 -50.81 42.35
N HIS B 490 -17.11 -51.31 43.38
CA HIS B 490 -17.10 -52.75 43.65
C HIS B 490 -18.03 -53.50 42.73
N LEU B 491 -19.14 -52.88 42.32
CA LEU B 491 -20.04 -53.52 41.37
C LEU B 491 -19.31 -53.94 40.11
N LEU B 492 -18.24 -53.22 39.74
CA LEU B 492 -17.47 -53.51 38.53
C LEU B 492 -16.08 -54.05 38.84
N GLU B 493 -15.64 -54.00 40.09
CA GLU B 493 -14.34 -54.52 40.47
C GLU B 493 -14.39 -55.98 40.91
N GLU B 494 -15.55 -56.47 41.33
CA GLU B 494 -15.71 -57.90 41.62
C GLU B 494 -15.93 -58.62 40.29
N GLN B 495 -15.03 -58.39 39.36
CA GLN B 495 -15.15 -58.85 37.97
C GLN B 495 -13.77 -58.63 37.33
N GLY B 496 -13.71 -58.78 36.02
CA GLY B 496 -12.45 -58.60 35.31
C GLY B 496 -12.06 -57.14 35.14
N MET B 497 -11.96 -56.40 36.25
CA MET B 497 -11.52 -55.01 36.23
C MET B 497 -10.64 -54.76 37.46
N ARG B 498 -9.73 -53.81 37.33
CA ARG B 498 -8.78 -53.51 38.40
C ARG B 498 -8.34 -52.06 38.28
N PHE B 499 -8.47 -51.30 39.37
CA PHE B 499 -8.12 -49.89 39.40
C PHE B 499 -6.76 -49.77 40.08
N VAL B 500 -5.72 -49.56 39.28
CA VAL B 500 -4.34 -49.58 39.78
C VAL B 500 -3.79 -48.19 40.02
N GLY B 501 -4.49 -47.15 39.59
CA GLY B 501 -3.99 -45.80 39.74
C GLY B 501 -5.06 -44.83 40.20
N THR B 502 -4.72 -44.01 41.19
CA THR B 502 -5.66 -43.05 41.73
C THR B 502 -4.87 -41.87 42.31
N ASP B 503 -5.62 -40.84 42.72
CA ASP B 503 -5.01 -39.66 43.28
C ASP B 503 -4.67 -39.89 44.75
N VAL B 504 -4.13 -38.85 45.39
CA VAL B 504 -3.72 -38.97 46.79
C VAL B 504 -4.93 -39.11 47.72
N ASP B 505 -6.13 -38.75 47.24
CA ASP B 505 -7.33 -38.84 48.03
C ASP B 505 -8.12 -40.12 47.80
N LYS B 506 -7.69 -40.95 46.85
CA LYS B 506 -8.26 -42.27 46.61
C LYS B 506 -9.73 -42.20 46.23
N THR B 507 -10.19 -41.06 45.74
CA THR B 507 -11.57 -40.89 45.31
C THR B 507 -11.70 -40.75 43.80
N ARG B 508 -10.60 -40.80 43.06
CA ARG B 508 -10.62 -40.62 41.60
C ARG B 508 -9.73 -41.68 40.98
N MET B 509 -10.34 -42.63 40.29
CA MET B 509 -9.60 -43.68 39.59
C MET B 509 -9.31 -43.21 38.17
N GLU B 510 -8.06 -43.30 37.76
CA GLU B 510 -7.64 -42.84 36.45
C GLU B 510 -6.72 -43.80 35.72
N ILE B 511 -6.50 -45.01 36.25
CA ILE B 511 -5.77 -46.05 35.55
C ILE B 511 -6.45 -47.38 35.86
N ILE B 512 -7.05 -48.00 34.84
CA ILE B 512 -7.75 -49.26 34.99
C ILE B 512 -7.05 -50.32 34.14
N GLU B 513 -7.42 -51.56 34.39
CA GLU B 513 -6.88 -52.70 33.67
C GLU B 513 -7.90 -53.83 33.73
N LEU B 514 -7.78 -54.76 32.79
CA LEU B 514 -8.61 -55.95 32.76
C LEU B 514 -7.79 -57.17 33.16
N SER B 515 -8.44 -58.09 33.86
CA SER B 515 -7.79 -59.34 34.28
C SER B 515 -7.94 -60.38 33.18
N GLY B 516 -6.83 -60.98 32.79
CA GLY B 516 -6.80 -61.96 31.74
C GLY B 516 -6.55 -61.39 30.35
N HIS B 517 -7.03 -60.19 30.08
CA HIS B 517 -6.76 -59.56 28.79
C HIS B 517 -5.27 -59.26 28.67
N PRO B 518 -4.67 -59.50 27.50
CA PRO B 518 -3.23 -59.20 27.37
C PRO B 518 -2.90 -57.74 27.63
N TYR B 519 -3.68 -56.81 27.06
CA TYR B 519 -3.43 -55.39 27.23
C TYR B 519 -4.74 -54.65 27.01
N PHE B 520 -5.36 -54.19 28.11
CA PHE B 520 -6.57 -53.40 28.06
C PHE B 520 -6.48 -52.23 29.03
N VAL B 521 -5.35 -51.53 28.96
CA VAL B 521 -5.14 -50.38 29.83
C VAL B 521 -5.94 -49.20 29.31
N ALA B 522 -6.40 -48.35 30.23
CA ALA B 522 -7.09 -47.11 29.89
C ALA B 522 -6.79 -46.08 30.95
N THR B 523 -6.53 -44.85 30.51
CA THR B 523 -6.10 -43.78 31.39
C THR B 523 -7.02 -42.58 31.25
N GLN B 524 -7.29 -41.93 32.39
CA GLN B 524 -8.07 -40.71 32.39
C GLN B 524 -7.23 -39.48 32.05
N TYR B 525 -5.90 -39.61 32.08
CA TYR B 525 -5.03 -38.51 31.71
C TYR B 525 -4.57 -38.66 30.26
N HIS B 526 -3.84 -37.66 29.79
CA HIS B 526 -3.34 -37.63 28.41
C HIS B 526 -1.85 -37.94 28.42
N PRO B 527 -1.45 -39.20 28.21
CA PRO B 527 -0.02 -39.52 28.22
C PRO B 527 0.71 -39.10 26.96
N GLU B 528 0.02 -38.58 25.96
CA GLU B 528 0.65 -38.20 24.70
C GLU B 528 1.29 -36.84 24.76
N TYR B 529 0.97 -36.03 25.76
CA TYR B 529 1.54 -34.70 25.90
C TYR B 529 2.93 -34.71 26.50
N LEU B 530 3.40 -35.86 26.98
CA LEU B 530 4.73 -36.00 27.54
C LEU B 530 5.58 -36.99 26.75
N SER B 531 5.21 -37.23 25.51
CA SER B 531 5.89 -38.19 24.65
C SER B 531 6.82 -37.43 23.72
N ARG B 532 8.09 -37.43 24.03
CA ARG B 532 9.09 -36.78 23.20
C ARG B 532 9.70 -37.78 22.25
N PRO B 533 10.27 -37.32 21.13
CA PRO B 533 10.80 -38.26 20.14
C PRO B 533 11.79 -39.24 20.71
N LEU B 534 12.64 -38.82 21.64
CA LEU B 534 13.63 -39.68 22.27
C LEU B 534 13.13 -40.28 23.58
N LYS B 535 11.85 -40.14 23.89
CA LYS B 535 11.26 -40.63 25.14
C LYS B 535 9.80 -40.99 24.89
N PRO B 536 9.50 -42.22 24.50
CA PRO B 536 8.11 -42.58 24.22
C PRO B 536 7.31 -42.81 25.48
N SER B 537 6.02 -42.51 25.44
CA SER B 537 5.18 -42.70 26.61
C SER B 537 5.01 -44.19 26.89
N PRO B 538 5.11 -44.61 28.14
CA PRO B 538 5.04 -46.05 28.45
C PRO B 538 3.76 -46.68 27.95
N PRO B 539 2.61 -46.02 28.10
CA PRO B 539 1.36 -46.65 27.63
C PRO B 539 1.37 -46.98 26.15
N PHE B 540 1.71 -46.02 25.29
CA PHE B 540 1.78 -46.28 23.86
C PHE B 540 2.82 -47.34 23.55
N LEU B 541 3.94 -47.30 24.27
CA LEU B 541 4.99 -48.29 24.07
C LEU B 541 4.48 -49.69 24.32
N GLY B 542 3.79 -49.88 25.45
CA GLY B 542 3.22 -51.17 25.75
C GLY B 542 2.15 -51.58 24.75
N LEU B 543 1.35 -50.61 24.30
CA LEU B 543 0.35 -50.90 23.28
C LEU B 543 1.00 -51.47 22.04
N ILE B 544 2.05 -50.80 21.55
CA ILE B 544 2.72 -51.27 20.34
C ILE B 544 3.34 -52.64 20.58
N LEU B 545 4.01 -52.80 21.71
CA LEU B 545 4.65 -54.08 22.02
C LEU B 545 3.62 -55.22 22.01
N ALA B 546 2.58 -55.10 22.83
CA ALA B 546 1.55 -56.12 22.85
C ALA B 546 0.88 -56.30 21.50
N SER B 547 0.87 -55.26 20.66
CA SER B 547 0.24 -55.36 19.35
C SER B 547 1.07 -56.20 18.40
N VAL B 548 2.37 -56.32 18.64
CA VAL B 548 3.25 -57.18 17.86
C VAL B 548 3.61 -58.44 18.64
N ASP B 549 3.04 -58.63 19.83
CA ASP B 549 3.32 -59.79 20.66
C ASP B 549 4.79 -59.82 21.09
N ARG B 550 5.21 -58.74 21.75
CA ARG B 550 6.55 -58.65 22.30
C ARG B 550 6.57 -58.02 23.68
N LEU B 551 5.41 -57.73 24.27
CA LEU B 551 5.38 -56.99 25.53
C LEU B 551 5.95 -57.83 26.67
N ASN B 552 5.45 -59.06 26.84
CA ASN B 552 5.95 -59.92 27.90
C ASN B 552 7.47 -60.08 27.80
N GLN B 553 7.97 -60.32 26.59
CA GLN B 553 9.42 -60.41 26.40
C GLN B 553 10.11 -59.12 26.82
N TYR B 554 9.55 -57.96 26.44
CA TYR B 554 10.16 -56.69 26.79
C TYR B 554 10.24 -56.52 28.31
N ILE B 555 9.22 -56.99 29.03
CA ILE B 555 9.25 -56.89 30.48
C ILE B 555 10.32 -57.80 31.07
N GLN B 556 10.31 -59.06 30.67
CA GLN B 556 11.26 -60.03 31.20
C GLN B 556 12.61 -59.88 30.50
N MET C 1 32.67 7.11 -4.86
CA MET C 1 31.86 8.35 -4.73
C MET C 1 30.80 8.18 -3.65
N LYS C 2 30.29 9.30 -3.17
CA LYS C 2 29.30 9.33 -2.11
C LYS C 2 28.10 10.15 -2.55
N TYR C 3 26.91 9.62 -2.34
CA TYR C 3 25.69 10.18 -2.88
C TYR C 3 24.76 10.64 -1.77
N ILE C 4 24.00 11.68 -2.05
CA ILE C 4 23.05 12.27 -1.11
C ILE C 4 21.76 12.48 -1.89
N LEU C 5 20.84 11.53 -1.82
CA LEU C 5 19.55 11.69 -2.44
C LEU C 5 18.68 12.60 -1.57
N VAL C 6 18.04 13.57 -2.21
CA VAL C 6 17.15 14.50 -1.54
C VAL C 6 15.74 14.26 -2.08
N THR C 7 14.80 13.98 -1.19
CA THR C 7 13.45 13.64 -1.54
C THR C 7 12.48 14.61 -0.92
N GLY C 8 11.27 14.66 -1.48
CA GLY C 8 10.24 15.56 -1.02
C GLY C 8 9.05 14.82 -0.44
N GLY C 9 8.27 15.52 0.38
CA GLY C 9 7.19 14.89 1.10
C GLY C 9 5.80 15.37 0.76
N VAL C 10 5.24 16.19 1.64
CA VAL C 10 3.81 16.50 1.58
C VAL C 10 3.45 17.11 0.24
N ILE C 11 4.18 18.15 -0.17
CA ILE C 11 3.86 18.89 -1.38
C ILE C 11 5.12 19.10 -2.20
N SER C 12 4.91 19.50 -3.45
CA SER C 12 5.99 19.94 -4.32
C SER C 12 6.06 21.46 -4.30
N GLY C 13 7.25 21.98 -4.01
CA GLY C 13 7.42 23.41 -3.85
C GLY C 13 7.70 23.77 -2.41
N VAL C 14 8.46 22.93 -1.73
CA VAL C 14 8.74 23.12 -0.31
C VAL C 14 10.19 23.50 -0.05
N GLY C 15 11.09 23.33 -1.01
CA GLY C 15 12.43 23.89 -0.91
C GLY C 15 13.57 22.94 -1.14
N LYS C 16 13.32 21.78 -1.77
CA LYS C 16 14.39 20.82 -1.99
C LYS C 16 15.56 21.44 -2.75
N GLY C 17 15.29 22.37 -3.66
CA GLY C 17 16.37 22.97 -4.43
C GLY C 17 17.38 23.68 -3.55
N VAL C 18 16.89 24.51 -2.64
CA VAL C 18 17.78 25.26 -1.76
C VAL C 18 18.44 24.33 -0.75
N ILE C 19 17.71 23.35 -0.22
CA ILE C 19 18.29 22.35 0.66
C ILE C 19 19.49 21.69 -0.01
N ALA C 20 19.30 21.24 -1.25
CA ALA C 20 20.35 20.52 -1.95
C ALA C 20 21.53 21.43 -2.27
N SER C 21 21.25 22.62 -2.80
CA SER C 21 22.33 23.56 -3.06
C SER C 21 23.09 23.91 -1.79
N SER C 22 22.41 23.90 -0.64
CA SER C 22 23.08 24.21 0.61
C SER C 22 23.99 23.08 1.05
N PHE C 23 23.50 21.83 0.98
CA PHE C 23 24.40 20.71 1.18
C PHE C 23 25.62 20.84 0.29
N GLY C 24 25.40 21.20 -0.97
CA GLY C 24 26.50 21.29 -1.90
C GLY C 24 27.51 22.35 -1.52
N THR C 25 27.05 23.55 -1.17
CA THR C 25 27.98 24.62 -0.82
C THR C 25 28.69 24.33 0.50
N LEU C 26 28.00 23.69 1.45
CA LEU C 26 28.68 23.26 2.67
C LEU C 26 29.83 22.32 2.34
N LEU C 27 29.53 21.22 1.65
CA LEU C 27 30.57 20.26 1.32
C LEU C 27 31.66 20.89 0.46
N LYS C 28 31.32 21.90 -0.34
CA LYS C 28 32.31 22.52 -1.22
C LYS C 28 33.18 23.52 -0.47
N SER C 29 32.68 24.07 0.63
CA SER C 29 33.50 24.95 1.44
C SER C 29 34.48 24.17 2.31
N CYS C 30 34.15 22.91 2.59
CA CYS C 30 34.99 22.04 3.39
C CYS C 30 36.07 21.34 2.56
N GLY C 31 36.31 21.79 1.33
CA GLY C 31 37.41 21.29 0.54
C GLY C 31 37.07 20.19 -0.44
N LEU C 32 35.79 19.92 -0.69
CA LEU C 32 35.39 18.83 -1.56
C LEU C 32 35.09 19.35 -2.97
N ASP C 33 34.77 18.41 -3.85
CA ASP C 33 34.38 18.69 -5.24
C ASP C 33 33.01 18.05 -5.46
N VAL C 34 31.98 18.86 -5.44
CA VAL C 34 30.61 18.38 -5.52
C VAL C 34 30.11 18.45 -6.95
N THR C 35 29.21 17.56 -7.29
CA THR C 35 28.40 17.65 -8.49
C THR C 35 26.93 17.42 -8.11
N SER C 36 26.05 17.64 -9.07
CA SER C 36 24.63 17.65 -8.76
C SER C 36 23.86 17.05 -9.92
N ILE C 37 22.66 16.57 -9.61
CA ILE C 37 21.78 15.96 -10.59
C ILE C 37 20.35 16.26 -10.18
N LYS C 38 19.51 16.51 -11.18
CA LYS C 38 18.10 16.79 -10.97
C LYS C 38 17.31 15.78 -11.77
N ILE C 39 16.36 15.13 -11.10
CA ILE C 39 15.55 14.08 -11.70
C ILE C 39 14.12 14.59 -11.82
N ASP C 40 13.73 14.95 -13.03
CA ASP C 40 12.38 15.42 -13.29
C ASP C 40 11.56 14.25 -13.80
N PRO C 41 10.56 13.77 -13.07
CA PRO C 41 9.84 12.56 -13.50
C PRO C 41 8.87 12.79 -14.65
N TYR C 42 8.96 13.93 -15.32
CA TYR C 42 8.05 14.19 -16.41
C TYR C 42 8.60 13.65 -17.74
N ILE C 43 7.69 13.37 -18.66
CA ILE C 43 8.05 12.76 -19.94
C ILE C 43 8.34 13.91 -20.89
N ASN C 44 9.56 14.40 -20.81
CA ASN C 44 10.01 15.52 -21.63
C ASN C 44 11.53 15.46 -21.72
N ILE C 45 12.04 15.31 -22.94
CA ILE C 45 13.48 15.24 -23.11
C ILE C 45 14.16 16.47 -22.50
N ASP C 46 13.56 17.63 -22.67
CA ASP C 46 14.13 18.87 -22.17
C ASP C 46 13.02 19.89 -22.07
N ALA C 47 13.37 21.10 -21.63
CA ALA C 47 12.41 22.18 -21.42
C ALA C 47 12.42 23.20 -22.55
N GLY C 48 12.61 22.74 -23.79
CA GLY C 48 12.58 23.67 -24.90
C GLY C 48 11.17 24.02 -25.33
N THR C 49 10.25 23.06 -25.21
CA THR C 49 8.86 23.24 -25.60
C THR C 49 7.99 23.73 -24.44
N PHE C 50 8.58 24.42 -23.48
CA PHE C 50 7.88 24.81 -22.26
C PHE C 50 7.57 26.30 -22.26
N SER C 51 6.54 26.64 -21.52
CA SER C 51 6.21 28.02 -21.25
C SER C 51 6.57 28.37 -19.81
N PRO C 52 7.03 29.60 -19.56
CA PRO C 52 7.45 29.95 -18.20
C PRO C 52 6.39 29.71 -17.14
N TYR C 53 5.11 29.76 -17.51
CA TYR C 53 4.06 29.52 -16.53
C TYR C 53 4.13 28.10 -15.98
N GLU C 54 4.71 27.18 -16.74
CA GLU C 54 4.71 25.77 -16.34
C GLU C 54 5.72 25.51 -15.22
N HIS C 55 7.01 25.73 -15.51
CA HIS C 55 8.06 25.35 -14.58
C HIS C 55 9.09 26.45 -14.38
N GLY C 56 8.72 27.71 -14.59
CA GLY C 56 9.53 28.79 -14.06
C GLY C 56 10.86 29.09 -14.72
N GLU C 57 10.83 29.74 -15.88
CA GLU C 57 12.03 30.31 -16.44
C GLU C 57 13.08 29.30 -16.87
N VAL C 58 12.79 28.59 -17.95
CA VAL C 58 13.71 27.65 -18.57
C VAL C 58 15.14 28.20 -18.54
N TYR C 59 16.06 27.40 -18.02
CA TYR C 59 17.47 27.73 -17.96
C TYR C 59 18.15 27.35 -19.28
N VAL C 60 19.43 27.66 -19.37
CA VAL C 60 20.23 27.37 -20.55
C VAL C 60 21.66 27.11 -20.11
N LEU C 61 22.22 26.02 -20.60
CA LEU C 61 23.57 25.60 -20.23
C LEU C 61 24.53 25.88 -21.38
N ASP C 62 25.81 25.72 -21.09
CA ASP C 62 26.84 26.16 -22.02
C ASP C 62 26.81 25.37 -23.33
N ASP C 63 26.42 24.11 -23.27
CA ASP C 63 26.38 23.26 -24.46
C ASP C 63 25.09 23.41 -25.25
N GLY C 64 24.16 24.25 -24.80
CA GLY C 64 22.96 24.54 -25.54
C GLY C 64 21.70 23.91 -25.03
N ALA C 65 21.76 23.18 -23.93
CA ALA C 65 20.60 22.49 -23.41
C ALA C 65 19.66 23.44 -22.67
N GLU C 66 18.37 23.18 -22.80
CA GLU C 66 17.34 23.93 -22.09
C GLU C 66 16.77 23.03 -21.01
N VAL C 67 16.95 23.42 -19.75
CA VAL C 67 16.69 22.56 -18.61
C VAL C 67 15.82 23.31 -17.60
N ASP C 68 15.55 22.64 -16.49
CA ASP C 68 14.84 23.25 -15.39
C ASP C 68 15.67 24.39 -14.80
N LEU C 69 15.06 25.13 -13.88
CA LEU C 69 15.74 26.24 -13.23
C LEU C 69 16.53 25.80 -12.00
N ASP C 70 16.25 24.62 -11.45
CA ASP C 70 16.99 24.16 -10.28
C ASP C 70 18.47 24.01 -10.58
N LEU C 71 18.80 23.61 -11.81
CA LEU C 71 20.21 23.59 -12.20
C LEU C 71 20.81 24.98 -12.13
N GLY C 72 19.99 26.02 -12.27
CA GLY C 72 20.47 27.36 -12.05
C GLY C 72 20.84 27.60 -10.61
N ASN C 73 20.03 27.08 -9.67
CA ASN C 73 20.38 27.18 -8.26
C ASN C 73 21.69 26.47 -7.98
N TYR C 74 21.85 25.27 -8.54
CA TYR C 74 23.10 24.54 -8.36
C TYR C 74 24.28 25.35 -8.89
N GLU C 75 24.16 25.89 -10.10
CA GLU C 75 25.27 26.63 -10.69
C GLU C 75 25.58 27.89 -9.90
N ARG C 76 24.55 28.53 -9.35
CA ARG C 76 24.76 29.79 -8.64
C ARG C 76 25.32 29.57 -7.24
N PHE C 77 25.04 28.42 -6.63
CA PHE C 77 25.53 28.15 -5.28
C PHE C 77 26.89 27.46 -5.27
N LEU C 78 27.12 26.49 -6.15
CA LEU C 78 28.38 25.77 -6.20
C LEU C 78 29.39 26.36 -7.16
N ASP C 79 28.98 27.26 -8.04
CA ASP C 79 29.86 27.85 -9.05
C ASP C 79 30.48 26.75 -9.91
N VAL C 80 29.61 26.08 -10.67
CA VAL C 80 29.99 25.01 -11.57
C VAL C 80 29.28 25.23 -12.90
N THR C 81 29.67 24.42 -13.90
CA THR C 81 29.11 24.49 -15.25
C THR C 81 28.64 23.08 -15.61
N LEU C 82 27.37 22.81 -15.31
CA LEU C 82 26.82 21.48 -15.54
C LEU C 82 26.67 21.22 -17.03
N HIS C 83 26.18 20.04 -17.35
CA HIS C 83 26.00 19.58 -18.71
C HIS C 83 24.56 19.12 -18.91
N ARG C 84 24.31 18.52 -20.08
CA ARG C 84 22.97 18.09 -20.42
C ARG C 84 22.57 16.82 -19.68
N ASP C 85 23.51 15.93 -19.45
CA ASP C 85 23.24 14.66 -18.78
C ASP C 85 23.04 14.82 -17.29
N ASN C 86 23.11 16.04 -16.77
CA ASN C 86 22.85 16.32 -15.37
C ASN C 86 21.40 16.64 -15.11
N ASN C 87 20.51 16.31 -16.06
CA ASN C 87 19.07 16.57 -15.95
C ASN C 87 18.39 15.33 -16.49
N ILE C 88 18.05 14.42 -15.60
CA ILE C 88 17.45 13.15 -15.99
C ILE C 88 15.95 13.33 -16.05
N THR C 89 15.32 12.67 -17.01
CA THR C 89 13.88 12.63 -17.14
C THR C 89 13.46 11.21 -17.45
N THR C 90 12.17 10.96 -17.28
CA THR C 90 11.63 9.65 -17.64
C THR C 90 11.72 9.41 -19.14
N GLY C 91 11.57 10.48 -19.93
CA GLY C 91 11.61 10.33 -21.37
C GLY C 91 13.00 9.97 -21.87
N LYS C 92 14.02 10.66 -21.37
CA LYS C 92 15.39 10.31 -21.74
C LYS C 92 15.65 8.83 -21.49
N ILE C 93 15.30 8.35 -20.29
CA ILE C 93 15.58 6.97 -19.92
C ILE C 93 14.84 6.01 -20.84
N TYR C 94 13.52 6.18 -20.94
CA TYR C 94 12.74 5.25 -21.76
C TYR C 94 13.17 5.28 -23.21
N LYS C 95 13.54 6.44 -23.74
CA LYS C 95 13.97 6.54 -25.12
C LYS C 95 15.30 5.84 -25.33
N LEU C 96 16.25 6.05 -24.41
CA LEU C 96 17.51 5.34 -24.48
C LEU C 96 17.29 3.84 -24.48
N VAL C 97 16.45 3.35 -23.58
CA VAL C 97 16.22 1.92 -23.46
C VAL C 97 15.54 1.37 -24.70
N ILE C 98 14.59 2.11 -25.25
CA ILE C 98 13.88 1.65 -26.43
C ILE C 98 14.80 1.61 -27.64
N GLU C 99 15.67 2.60 -27.79
CA GLU C 99 16.65 2.56 -28.86
C GLU C 99 17.58 1.37 -28.69
N LYS C 100 18.08 1.15 -27.48
CA LYS C 100 18.92 -0.01 -27.22
C LYS C 100 18.22 -1.30 -27.62
N GLU C 101 16.93 -1.41 -27.27
CA GLU C 101 16.17 -2.61 -27.61
C GLU C 101 16.06 -2.78 -29.12
N ARG C 102 15.55 -1.76 -29.81
CA ARG C 102 15.35 -1.87 -31.25
C ARG C 102 16.66 -2.19 -31.97
N THR C 103 17.77 -1.65 -31.49
CA THR C 103 19.06 -1.96 -32.08
C THR C 103 19.41 -3.43 -31.88
N GLY C 104 19.31 -3.91 -30.64
CA GLY C 104 19.59 -5.30 -30.33
C GLY C 104 20.64 -5.48 -29.26
N GLU C 105 20.83 -4.47 -28.41
CA GLU C 105 21.80 -4.54 -27.34
C GLU C 105 21.28 -5.27 -26.10
N TYR C 106 19.99 -5.61 -26.07
CA TYR C 106 19.40 -6.46 -25.04
C TYR C 106 19.12 -7.84 -25.60
N LEU C 107 20.04 -8.34 -26.43
CA LEU C 107 19.80 -9.44 -27.35
C LEU C 107 18.93 -10.54 -26.75
N GLY C 108 17.81 -10.81 -27.40
CA GLY C 108 17.01 -11.98 -27.13
C GLY C 108 16.15 -11.94 -25.88
N LYS C 109 16.46 -11.04 -24.95
CA LYS C 109 15.80 -11.07 -23.66
C LYS C 109 14.62 -10.12 -23.61
N THR C 110 13.84 -10.25 -22.54
CA THR C 110 12.68 -9.41 -22.31
C THR C 110 13.10 -8.19 -21.50
N VAL C 111 12.71 -7.02 -21.96
CA VAL C 111 13.01 -5.76 -21.30
C VAL C 111 11.82 -5.37 -20.43
N GLN C 112 12.08 -5.13 -19.16
CA GLN C 112 11.05 -4.74 -18.20
C GLN C 112 11.53 -3.52 -17.44
N VAL C 113 10.60 -2.89 -16.73
CA VAL C 113 10.96 -1.77 -15.86
C VAL C 113 12.07 -2.19 -14.91
N VAL C 114 11.78 -3.17 -14.07
CA VAL C 114 12.80 -3.83 -13.26
C VAL C 114 13.27 -5.06 -14.02
N PRO C 115 14.57 -5.24 -14.25
CA PRO C 115 15.70 -4.45 -13.77
C PRO C 115 16.27 -3.45 -14.76
N HIS C 116 15.74 -3.38 -15.97
CA HIS C 116 16.45 -2.71 -17.05
C HIS C 116 16.38 -1.18 -16.94
N ILE C 117 15.18 -0.64 -16.73
CA ILE C 117 15.05 0.80 -16.58
C ILE C 117 15.83 1.29 -15.36
N THR C 118 15.76 0.54 -14.26
CA THR C 118 16.48 0.94 -13.05
C THR C 118 17.98 0.80 -13.23
N ASP C 119 18.43 -0.19 -13.99
CA ASP C 119 19.85 -0.30 -14.29
C ASP C 119 20.31 0.86 -15.17
N ALA C 120 19.47 1.28 -16.10
CA ALA C 120 19.79 2.45 -16.90
C ALA C 120 19.92 3.68 -16.02
N ILE C 121 19.00 3.86 -15.08
CA ILE C 121 19.06 5.00 -14.19
C ILE C 121 20.34 4.96 -13.36
N GLN C 122 20.68 3.79 -12.81
CA GLN C 122 21.88 3.67 -11.99
C GLN C 122 23.13 3.96 -12.80
N GLU C 123 23.25 3.36 -13.99
CA GLU C 123 24.42 3.60 -14.83
C GLU C 123 24.51 5.06 -15.23
N TRP C 124 23.38 5.68 -15.55
CA TRP C 124 23.38 7.11 -15.85
C TRP C 124 23.94 7.91 -14.69
N VAL C 125 23.43 7.66 -13.49
CA VAL C 125 23.86 8.43 -12.32
C VAL C 125 25.35 8.24 -12.08
N GLU C 126 25.82 6.99 -12.15
CA GLU C 126 27.22 6.72 -11.89
C GLU C 126 28.12 7.35 -12.94
N ARG C 127 27.73 7.25 -14.22
CA ARG C 127 28.53 7.84 -15.29
C ARG C 127 28.57 9.35 -15.18
N VAL C 128 27.45 9.96 -14.79
CA VAL C 128 27.37 11.42 -14.75
C VAL C 128 28.11 11.98 -13.55
N ALA C 129 28.08 11.28 -12.41
CA ALA C 129 28.73 11.81 -11.24
C ALA C 129 30.25 11.77 -11.34
N GLN C 130 30.80 11.26 -12.44
CA GLN C 130 32.24 11.19 -12.65
C GLN C 130 32.71 12.11 -13.78
N THR C 131 31.83 12.95 -14.32
CA THR C 131 32.20 13.86 -15.37
C THR C 131 32.78 15.13 -14.76
N PRO C 132 34.06 15.45 -15.00
CA PRO C 132 34.62 16.67 -14.40
C PRO C 132 33.79 17.89 -14.76
N VAL C 133 33.27 18.56 -13.74
CA VAL C 133 32.29 19.63 -13.91
C VAL C 133 32.84 20.99 -13.56
N GLN C 134 33.99 21.08 -12.92
CA GLN C 134 34.65 22.35 -12.63
C GLN C 134 36.08 22.33 -13.14
N GLY C 135 36.25 21.88 -14.38
CA GLY C 135 37.55 21.78 -14.99
C GLY C 135 37.93 20.35 -15.30
N SER C 136 38.94 19.85 -14.62
CA SER C 136 39.37 18.46 -14.75
C SER C 136 39.27 17.68 -13.45
N SER C 137 38.89 18.35 -12.35
CA SER C 137 38.79 17.67 -11.07
C SER C 137 37.63 16.68 -11.08
N LYS C 138 37.87 15.50 -10.54
CA LYS C 138 36.83 14.49 -10.50
C LYS C 138 35.97 14.66 -9.25
N PRO C 139 34.64 14.62 -9.37
CA PRO C 139 33.80 14.82 -8.19
C PRO C 139 34.05 13.76 -7.13
N GLN C 140 33.65 14.09 -5.91
CA GLN C 140 33.68 13.18 -4.79
C GLN C 140 32.31 12.98 -4.16
N VAL C 141 31.43 13.96 -4.25
CA VAL C 141 30.06 13.85 -3.78
C VAL C 141 29.13 14.22 -4.93
N CYS C 142 27.98 13.56 -4.99
CA CYS C 142 26.95 13.84 -5.98
C CYS C 142 25.62 13.99 -5.27
N ILE C 143 24.99 15.14 -5.45
CA ILE C 143 23.71 15.42 -4.82
C ILE C 143 22.59 15.20 -5.83
N VAL C 144 21.85 14.12 -5.66
CA VAL C 144 20.70 13.86 -6.50
C VAL C 144 19.45 14.45 -5.85
N GLU C 145 18.68 15.18 -6.63
CA GLU C 145 17.42 15.76 -6.17
C GLU C 145 16.30 15.15 -6.98
N LEU C 146 15.44 14.38 -6.30
CA LEU C 146 14.35 13.66 -6.93
C LEU C 146 13.11 14.55 -6.89
N GLY C 147 12.79 15.17 -8.02
CA GLY C 147 11.63 16.03 -8.07
C GLY C 147 10.33 15.26 -7.89
N GLY C 148 9.33 15.99 -7.43
CA GLY C 148 8.04 15.39 -7.14
C GLY C 148 7.85 15.15 -5.65
N THR C 149 6.95 14.21 -5.37
CA THR C 149 6.65 13.79 -4.02
C THR C 149 6.65 12.27 -3.96
N ILE C 150 7.16 11.72 -2.88
CA ILE C 150 7.24 10.27 -2.74
C ILE C 150 5.82 9.72 -2.58
N GLY C 151 5.41 8.90 -3.53
CA GLY C 151 4.07 8.32 -3.50
C GLY C 151 3.42 8.36 -4.86
N ASP C 152 3.87 9.29 -5.71
CA ASP C 152 3.28 9.45 -7.02
C ASP C 152 3.71 8.33 -7.95
N ILE C 153 2.86 8.09 -8.95
CA ILE C 153 3.12 7.02 -9.91
C ILE C 153 4.20 7.39 -10.90
N GLU C 154 4.64 8.65 -10.91
CA GLU C 154 5.63 9.09 -11.89
C GLU C 154 7.04 8.71 -11.45
N GLY C 155 7.29 8.65 -10.15
CA GLY C 155 8.64 8.48 -9.66
C GLY C 155 8.88 7.21 -8.87
N MET C 156 8.21 6.14 -9.26
CA MET C 156 8.44 4.84 -8.64
C MET C 156 9.66 4.16 -9.23
N PRO C 157 9.86 4.21 -10.54
CA PRO C 157 11.12 3.68 -11.10
C PRO C 157 12.34 4.21 -10.39
N PHE C 158 12.37 5.51 -10.09
CA PHE C 158 13.55 6.11 -9.49
C PHE C 158 13.71 5.68 -8.04
N VAL C 159 12.61 5.62 -7.29
CA VAL C 159 12.70 5.17 -5.91
C VAL C 159 13.18 3.74 -5.83
N GLU C 160 12.67 2.86 -6.70
CA GLU C 160 13.16 1.49 -6.75
C GLU C 160 14.64 1.45 -7.14
N ALA C 161 15.02 2.25 -8.13
CA ALA C 161 16.42 2.31 -8.53
C ALA C 161 17.32 2.65 -7.36
N PHE C 162 16.91 3.61 -6.54
CA PHE C 162 17.77 4.03 -5.44
C PHE C 162 17.71 3.06 -4.27
N ARG C 163 16.57 2.40 -4.08
CA ARG C 163 16.50 1.29 -3.15
C ARG C 163 17.54 0.23 -3.46
N GLN C 164 17.73 -0.05 -4.75
CA GLN C 164 18.80 -0.98 -5.14
C GLN C 164 20.18 -0.32 -5.08
N PHE C 165 20.24 0.99 -5.31
CA PHE C 165 21.51 1.70 -5.35
C PHE C 165 22.17 1.71 -3.98
N GLN C 166 21.39 1.80 -2.92
CA GLN C 166 21.98 1.88 -1.59
C GLN C 166 22.69 0.57 -1.23
N PHE C 167 22.19 -0.55 -1.76
CA PHE C 167 22.90 -1.82 -1.60
C PHE C 167 24.06 -1.93 -2.58
N ARG C 168 23.89 -1.40 -3.78
CA ARG C 168 24.93 -1.48 -4.79
C ARG C 168 26.15 -0.67 -4.43
N VAL C 169 25.99 0.37 -3.62
CA VAL C 169 27.09 1.27 -3.28
C VAL C 169 27.35 1.32 -1.78
N LYS C 170 27.08 0.23 -1.05
CA LYS C 170 27.70 0.12 0.27
C LYS C 170 27.30 1.26 1.18
N ARG C 171 26.10 1.17 1.77
CA ARG C 171 25.39 2.27 2.39
C ARG C 171 26.29 3.30 3.06
N GLU C 172 27.49 2.92 3.49
CA GLU C 172 28.43 3.93 3.97
C GLU C 172 28.78 4.96 2.91
N ASN C 173 28.36 4.77 1.66
CA ASN C 173 28.50 5.74 0.59
C ASN C 173 27.15 6.16 0.06
N PHE C 174 26.21 6.45 0.95
CA PHE C 174 24.86 6.83 0.53
C PHE C 174 24.06 7.39 1.68
N CYS C 175 23.46 8.56 1.48
CA CYS C 175 22.58 9.19 2.44
C CYS C 175 21.31 9.64 1.76
N LEU C 176 20.26 9.79 2.54
CA LEU C 176 18.96 10.19 2.03
C LEU C 176 18.34 11.21 2.99
N ALA C 177 18.06 12.40 2.47
CA ALA C 177 17.48 13.49 3.24
C ALA C 177 16.08 13.75 2.72
N HIS C 178 15.11 13.76 3.63
CA HIS C 178 13.70 13.92 3.32
C HIS C 178 13.23 15.28 3.77
N VAL C 179 12.70 16.07 2.84
CA VAL C 179 12.21 17.41 3.12
C VAL C 179 10.70 17.34 3.18
N SER C 180 10.13 17.72 4.32
CA SER C 180 8.70 17.64 4.55
C SER C 180 8.19 18.97 5.07
N LEU C 181 6.86 19.10 5.07
CA LEU C 181 6.18 20.32 5.47
C LEU C 181 5.44 20.10 6.77
N VAL C 182 5.57 21.06 7.68
CA VAL C 182 4.88 21.01 8.97
C VAL C 182 3.83 22.11 8.97
N PRO C 183 2.59 21.83 8.55
CA PRO C 183 1.60 22.90 8.46
C PRO C 183 1.16 23.36 9.83
N LEU C 184 0.92 24.67 9.94
CA LEU C 184 0.46 25.31 11.18
C LEU C 184 -0.83 26.04 10.85
N PRO C 185 -1.97 25.35 10.83
CA PRO C 185 -3.23 26.02 10.49
C PRO C 185 -3.54 27.12 11.48
N LYS C 186 -4.40 28.04 11.05
CA LYS C 186 -4.78 29.17 11.89
C LYS C 186 -5.95 28.83 12.80
N ALA C 187 -6.65 27.73 12.53
CA ALA C 187 -7.73 27.29 13.42
C ALA C 187 -7.16 26.60 14.66
N THR C 188 -6.43 25.51 14.45
CA THR C 188 -5.86 24.77 15.56
C THR C 188 -4.74 25.56 16.25
N GLY C 189 -4.06 26.43 15.51
CA GLY C 189 -2.96 27.18 16.06
C GLY C 189 -1.90 26.30 16.68
N GLU C 190 -1.58 25.20 16.01
CA GLU C 190 -0.61 24.25 16.53
C GLU C 190 0.02 23.52 15.35
N PRO C 191 1.33 23.32 15.34
CA PRO C 191 1.95 22.59 14.22
C PRO C 191 1.51 21.15 14.18
N LYS C 192 1.23 20.66 12.98
CA LYS C 192 0.76 19.30 12.77
C LYS C 192 1.86 18.46 12.14
N THR C 193 2.07 17.26 12.68
CA THR C 193 3.15 16.38 12.26
C THR C 193 2.66 15.17 11.48
N LYS C 194 1.36 15.03 11.32
CA LYS C 194 0.80 13.82 10.71
C LYS C 194 1.15 13.72 9.23
N PRO C 195 1.18 14.82 8.49
CA PRO C 195 1.64 14.73 7.10
C PRO C 195 3.04 14.16 6.97
N THR C 196 3.98 14.65 7.79
CA THR C 196 5.33 14.12 7.77
C THR C 196 5.35 12.65 8.14
N GLN C 197 4.50 12.25 9.09
CA GLN C 197 4.41 10.83 9.46
C GLN C 197 3.98 9.99 8.27
N SER C 198 2.90 10.39 7.60
CA SER C 198 2.42 9.64 6.44
C SER C 198 3.46 9.60 5.34
N SER C 199 4.20 10.70 5.14
CA SER C 199 5.20 10.72 4.08
C SER C 199 6.35 9.78 4.40
N VAL C 200 6.84 9.80 5.63
CA VAL C 200 7.90 8.88 6.02
C VAL C 200 7.43 7.44 5.95
N ARG C 201 6.15 7.20 6.28
CA ARG C 201 5.61 5.86 6.18
C ARG C 201 5.55 5.38 4.74
N GLU C 202 5.05 6.22 3.84
CA GLU C 202 5.04 5.89 2.42
C GLU C 202 6.44 5.62 1.91
N LEU C 203 7.41 6.45 2.33
CA LEU C 203 8.79 6.24 1.93
C LEU C 203 9.31 4.89 2.40
N ARG C 204 9.24 4.62 3.70
CA ARG C 204 9.70 3.34 4.22
C ARG C 204 8.96 2.18 3.58
N GLY C 205 7.73 2.39 3.13
CA GLY C 205 7.03 1.39 2.37
C GLY C 205 7.54 1.20 0.96
N CYS C 206 8.60 1.91 0.60
CA CYS C 206 9.25 1.75 -0.69
C CYS C 206 10.67 1.22 -0.57
N GLY C 207 11.15 0.98 0.66
CA GLY C 207 12.45 0.40 0.89
C GLY C 207 13.52 1.38 1.33
N LEU C 208 13.17 2.63 1.58
CA LEU C 208 14.14 3.65 1.97
C LEU C 208 13.79 4.21 3.33
N SER C 209 14.82 4.50 4.12
CA SER C 209 14.68 5.03 5.45
C SER C 209 15.49 6.32 5.56
N PRO C 210 14.88 7.42 5.97
CA PRO C 210 15.63 8.69 6.01
C PRO C 210 16.71 8.69 7.07
N ASP C 211 17.78 9.43 6.77
CA ASP C 211 18.83 9.73 7.73
C ASP C 211 18.68 11.12 8.31
N LEU C 212 18.27 12.09 7.49
CA LEU C 212 17.88 13.42 7.94
C LEU C 212 16.44 13.68 7.52
N ILE C 213 15.76 14.49 8.33
CA ILE C 213 14.39 14.91 8.04
C ILE C 213 14.36 16.41 8.23
N VAL C 214 14.46 17.15 7.13
CA VAL C 214 14.43 18.60 7.15
C VAL C 214 12.97 19.04 7.11
N CYS C 215 12.50 19.64 8.21
CA CYS C 215 11.11 20.02 8.34
C CYS C 215 10.97 21.50 8.01
N ARG C 216 10.22 21.80 6.95
CA ARG C 216 10.03 23.17 6.49
C ARG C 216 8.71 23.69 7.05
N SER C 217 8.79 24.74 7.85
CA SER C 217 7.63 25.40 8.41
C SER C 217 7.74 26.89 8.17
N GLU C 218 6.63 27.60 8.39
CA GLU C 218 6.64 29.04 8.23
C GLU C 218 7.31 29.73 9.41
N LYS C 219 7.01 29.28 10.62
CA LYS C 219 7.59 29.80 11.84
C LYS C 219 8.35 28.70 12.57
N PRO C 220 9.30 29.07 13.42
CA PRO C 220 10.08 28.04 14.12
C PRO C 220 9.20 27.18 15.02
N ILE C 221 9.52 25.89 15.06
CA ILE C 221 8.81 24.94 15.91
C ILE C 221 9.73 24.55 17.06
N GLY C 222 9.12 24.10 18.15
CA GLY C 222 9.85 23.84 19.37
C GLY C 222 10.37 22.42 19.47
N LEU C 223 11.06 22.16 20.58
CA LEU C 223 11.64 20.84 20.79
C LEU C 223 10.59 19.76 20.95
N GLU C 224 9.36 20.14 21.33
CA GLU C 224 8.29 19.15 21.45
C GLU C 224 8.03 18.47 20.12
N VAL C 225 7.85 19.28 19.05
CA VAL C 225 7.59 18.70 17.74
C VAL C 225 8.82 17.98 17.22
N LYS C 226 10.02 18.51 17.49
CA LYS C 226 11.24 17.82 17.09
C LYS C 226 11.30 16.42 17.66
N GLU C 227 11.07 16.28 18.96
CA GLU C 227 11.14 14.96 19.57
C GLU C 227 9.99 14.07 19.13
N LYS C 228 8.81 14.66 18.87
CA LYS C 228 7.72 13.87 18.31
C LYS C 228 8.12 13.26 16.97
N ILE C 229 8.76 14.07 16.12
CA ILE C 229 9.21 13.57 14.82
C ILE C 229 10.28 12.51 15.00
N SER C 230 11.22 12.76 15.92
CA SER C 230 12.28 11.78 16.17
C SER C 230 11.69 10.45 16.58
N ASN C 231 10.71 10.46 17.50
CA ASN C 231 10.04 9.24 17.92
C ASN C 231 9.36 8.57 16.74
N PHE C 232 8.41 9.27 16.12
CA PHE C 232 7.58 8.67 15.08
C PHE C 232 8.31 8.47 13.76
N CYS C 233 9.63 8.70 13.72
CA CYS C 233 10.41 8.44 12.53
C CYS C 233 11.70 7.68 12.82
N HIS C 234 11.94 7.31 14.08
CA HIS C 234 13.10 6.52 14.47
C HIS C 234 14.42 7.17 14.09
N VAL C 235 14.40 8.48 13.88
CA VAL C 235 15.61 9.25 13.71
C VAL C 235 15.93 9.90 15.05
N GLY C 236 17.21 10.21 15.25
CA GLY C 236 17.64 10.85 16.47
C GLY C 236 16.97 12.19 16.69
N PRO C 237 17.35 12.88 17.75
CA PRO C 237 16.84 14.23 17.99
C PRO C 237 17.71 15.33 17.41
N ASP C 238 18.91 14.99 16.92
CA ASP C 238 19.82 15.94 16.33
C ASP C 238 19.90 15.85 14.82
N GLN C 239 19.36 14.79 14.22
CA GLN C 239 19.28 14.67 12.77
C GLN C 239 17.87 14.96 12.27
N VAL C 240 17.17 15.87 12.94
CA VAL C 240 15.89 16.40 12.50
C VAL C 240 16.08 17.91 12.40
N ILE C 241 16.44 18.38 11.21
CA ILE C 241 16.74 19.79 11.00
C ILE C 241 15.43 20.54 10.78
N CYS C 242 15.35 21.72 11.38
CA CYS C 242 14.18 22.58 11.28
C CYS C 242 14.57 23.85 10.55
N ILE C 243 13.90 24.13 9.45
CA ILE C 243 14.24 25.25 8.57
C ILE C 243 12.97 26.05 8.37
N HIS C 244 12.87 27.19 9.06
CA HIS C 244 11.70 28.05 8.94
C HIS C 244 11.90 29.01 7.77
N ASP C 245 10.96 29.92 7.57
CA ASP C 245 11.04 30.90 6.50
C ASP C 245 12.00 32.01 6.90
N LEU C 246 13.17 32.03 6.28
CA LEU C 246 14.20 33.00 6.60
C LEU C 246 14.05 34.22 5.69
N ASN C 247 14.81 35.27 6.03
CA ASN C 247 14.80 36.48 5.23
C ASN C 247 15.20 36.18 3.79
N SER C 248 16.43 35.74 3.60
CA SER C 248 16.96 35.35 2.31
C SER C 248 17.32 33.87 2.33
N ILE C 249 17.89 33.39 1.24
CA ILE C 249 18.27 31.98 1.12
C ILE C 249 19.75 31.75 1.41
N TYR C 250 20.54 32.80 1.54
CA TYR C 250 21.91 32.68 2.00
C TYR C 250 21.99 32.38 3.49
N HIS C 251 20.85 32.31 4.17
CA HIS C 251 20.80 31.90 5.57
C HIS C 251 20.72 30.39 5.74
N VAL C 252 20.22 29.67 4.73
CA VAL C 252 19.94 28.25 4.83
C VAL C 252 21.22 27.46 5.08
N PRO C 253 22.27 27.63 4.28
CA PRO C 253 23.52 26.93 4.60
C PRO C 253 24.02 27.20 6.01
N LEU C 254 23.86 28.43 6.49
CA LEU C 254 24.29 28.75 7.85
C LEU C 254 23.41 28.08 8.88
N LEU C 255 22.09 28.14 8.68
CA LEU C 255 21.16 27.48 9.59
C LEU C 255 21.35 25.98 9.60
N MET C 256 21.97 25.42 8.55
CA MET C 256 22.26 23.99 8.52
C MET C 256 23.57 23.68 9.22
N GLU C 257 24.61 24.47 8.94
CA GLU C 257 25.88 24.28 9.63
C GLU C 257 25.70 24.40 11.14
N GLN C 258 24.99 25.44 11.57
CA GLN C 258 24.78 25.64 13.01
C GLN C 258 24.05 24.46 13.63
N ASN C 259 23.28 23.72 12.85
CA ASN C 259 22.56 22.56 13.34
C ASN C 259 23.37 21.28 13.28
N GLY C 260 24.67 21.38 12.95
CA GLY C 260 25.54 20.22 13.01
C GLY C 260 25.35 19.22 11.90
N VAL C 261 25.03 19.67 10.69
CA VAL C 261 24.87 18.74 9.58
C VAL C 261 26.22 18.39 8.97
N ILE C 262 27.17 19.31 8.99
CA ILE C 262 28.50 19.01 8.44
C ILE C 262 29.13 17.87 9.22
N GLU C 263 29.10 17.97 10.54
CA GLU C 263 29.68 16.92 11.38
C GLU C 263 28.96 15.59 11.17
N TYR C 264 27.64 15.63 11.16
CA TYR C 264 26.86 14.43 10.93
C TYR C 264 27.28 13.73 9.65
N LEU C 265 27.35 14.49 8.55
CA LEU C 265 27.71 13.89 7.27
C LEU C 265 29.14 13.38 7.30
N ASN C 266 30.08 14.16 7.85
CA ASN C 266 31.45 13.72 7.94
C ASN C 266 31.57 12.40 8.70
N GLU C 267 30.67 12.18 9.65
CA GLU C 267 30.69 10.94 10.43
C GLU C 267 29.91 9.82 9.75
N ARG C 268 28.97 10.17 8.88
CA ARG C 268 28.05 9.18 8.30
C ARG C 268 28.54 8.68 6.94
N LEU C 269 29.05 9.57 6.10
CA LEU C 269 29.62 9.17 4.83
C LEU C 269 31.12 8.93 4.89
N GLN C 270 31.76 9.25 6.02
CA GLN C 270 33.19 9.04 6.18
C GLN C 270 33.98 9.80 5.11
N LEU C 271 33.87 11.13 5.15
CA LEU C 271 34.48 12.00 4.16
C LEU C 271 35.86 12.47 4.55
N ASN C 272 36.25 12.32 5.82
CA ASN C 272 37.57 12.73 6.29
C ASN C 272 37.76 14.23 6.14
N ILE C 273 36.87 14.97 6.82
CA ILE C 273 36.89 16.43 6.82
C ILE C 273 37.62 16.87 8.07
N ASP C 274 38.72 17.60 7.90
CA ASP C 274 39.51 18.10 9.03
C ASP C 274 38.75 19.23 9.71
N MET C 275 38.20 18.95 10.89
CA MET C 275 37.35 19.92 11.57
C MET C 275 38.11 21.21 11.87
N SER C 276 39.32 21.10 12.39
CA SER C 276 40.07 22.28 12.81
C SER C 276 40.25 23.30 11.70
N LYS C 277 40.22 22.86 10.44
CA LYS C 277 40.39 23.76 9.31
C LYS C 277 39.08 24.13 8.64
N ARG C 278 37.99 23.41 8.94
CA ARG C 278 36.70 23.76 8.37
C ARG C 278 36.04 24.94 9.06
N THR C 279 36.79 25.71 9.82
CA THR C 279 36.29 26.96 10.37
C THR C 279 36.66 28.12 9.44
N LYS C 280 35.75 29.08 9.33
CA LYS C 280 35.98 30.29 8.54
C LYS C 280 36.10 29.96 7.05
N CYS C 281 35.28 29.04 6.59
CA CYS C 281 35.12 28.80 5.15
C CYS C 281 33.86 29.42 4.60
N LEU C 282 32.78 29.47 5.39
CA LEU C 282 31.54 30.12 5.02
C LEU C 282 31.56 31.61 5.33
N GLN C 283 32.75 32.21 5.49
CA GLN C 283 32.84 33.61 5.84
C GLN C 283 32.20 34.48 4.77
N GLN C 284 32.42 34.15 3.50
CA GLN C 284 31.81 34.90 2.42
C GLN C 284 30.29 34.87 2.53
N TRP C 285 29.72 33.70 2.84
CA TRP C 285 28.28 33.59 2.94
C TRP C 285 27.74 34.29 4.18
N ARG C 286 28.50 34.30 5.27
CA ARG C 286 28.09 35.08 6.44
C ARG C 286 28.07 36.56 6.11
N ASP C 287 29.10 37.04 5.40
CA ASP C 287 29.12 38.44 4.99
C ASP C 287 27.95 38.76 4.09
N LEU C 288 27.66 37.90 3.11
CA LEU C 288 26.55 38.14 2.20
C LEU C 288 25.22 38.13 2.94
N ALA C 289 25.05 37.21 3.90
CA ALA C 289 23.82 37.15 4.66
C ALA C 289 23.65 38.35 5.57
N ARG C 290 24.76 38.93 6.03
CA ARG C 290 24.67 40.14 6.84
C ARG C 290 24.35 41.35 5.97
N ARG C 291 24.96 41.44 4.78
CA ARG C 291 24.64 42.51 3.85
C ARG C 291 23.20 42.46 3.38
N THR C 292 22.54 41.31 3.54
CA THR C 292 21.13 41.22 3.17
C THR C 292 20.24 41.92 4.20
N GLU C 293 20.76 42.14 5.41
CA GLU C 293 20.02 42.83 6.46
C GLU C 293 20.49 44.25 6.67
N THR C 294 21.73 44.57 6.31
CA THR C 294 22.34 45.86 6.58
C THR C 294 22.34 46.77 5.36
N VAL C 295 21.29 46.73 4.55
CA VAL C 295 21.17 47.57 3.37
C VAL C 295 19.83 48.28 3.44
N ARG C 296 19.86 49.62 3.47
CA ARG C 296 18.65 50.44 3.44
C ARG C 296 18.93 51.64 2.52
N ARG C 297 18.63 51.47 1.23
CA ARG C 297 18.76 52.56 0.27
C ARG C 297 17.61 52.62 -0.73
N GLU C 298 16.88 51.53 -0.94
CA GLU C 298 15.62 51.54 -1.69
C GLU C 298 15.85 52.01 -3.13
N VAL C 299 16.62 51.21 -3.86
CA VAL C 299 16.66 51.32 -5.32
C VAL C 299 15.49 50.53 -5.89
N CYS C 300 14.73 51.15 -6.77
CA CYS C 300 13.54 50.53 -7.35
C CYS C 300 13.77 50.31 -8.83
N ILE C 301 13.41 49.12 -9.31
CA ILE C 301 13.60 48.72 -10.69
C ILE C 301 12.27 48.26 -11.25
N ALA C 302 12.08 48.49 -12.55
CA ALA C 302 10.86 48.11 -13.24
C ALA C 302 11.14 46.91 -14.14
N VAL C 303 10.34 45.87 -13.99
CA VAL C 303 10.45 44.66 -14.78
C VAL C 303 9.26 44.64 -15.73
N VAL C 304 9.47 45.15 -16.94
CA VAL C 304 8.40 45.25 -17.94
C VAL C 304 8.35 43.91 -18.66
N GLY C 305 7.53 42.99 -18.14
CA GLY C 305 7.38 41.67 -18.71
C GLY C 305 5.93 41.34 -19.01
N LYS C 306 5.75 40.17 -19.61
CA LYS C 306 4.43 39.70 -20.00
C LYS C 306 3.92 38.54 -19.15
N TYR C 307 4.78 37.88 -18.40
CA TYR C 307 4.39 36.80 -17.49
C TYR C 307 4.37 37.26 -16.04
N THR C 308 4.26 38.56 -15.81
CA THR C 308 4.50 39.12 -14.49
C THR C 308 3.51 38.62 -13.45
N LYS C 309 2.51 37.86 -13.87
CA LYS C 309 1.63 37.20 -12.90
C LYS C 309 2.36 36.13 -12.11
N PHE C 310 3.57 35.75 -12.53
CA PHE C 310 4.40 34.79 -11.82
C PHE C 310 5.73 35.46 -11.46
N THR C 311 6.24 35.11 -10.28
CA THR C 311 7.52 35.63 -9.82
C THR C 311 8.65 34.61 -10.01
N ASP C 312 8.34 33.42 -10.50
CA ASP C 312 9.35 32.41 -10.80
C ASP C 312 9.73 32.37 -12.27
N SER C 313 8.97 33.04 -13.13
CA SER C 313 9.28 33.11 -14.55
C SER C 313 10.40 34.07 -14.86
N TYR C 314 10.94 34.76 -13.86
CA TYR C 314 12.07 35.65 -14.02
C TYR C 314 13.13 35.40 -12.95
N ALA C 315 13.19 34.17 -12.44
CA ALA C 315 14.05 33.85 -11.31
C ALA C 315 15.47 34.36 -11.49
N SER C 316 16.12 33.97 -12.59
CA SER C 316 17.51 34.36 -12.78
C SER C 316 17.66 35.86 -12.89
N VAL C 317 16.71 36.53 -13.52
CA VAL C 317 16.76 37.98 -13.66
C VAL C 317 16.70 38.65 -12.29
N VAL C 318 15.67 38.31 -11.52
CA VAL C 318 15.51 38.86 -10.17
C VAL C 318 16.77 38.60 -9.35
N LYS C 319 17.31 37.39 -9.43
CA LYS C 319 18.43 37.04 -8.58
C LYS C 319 19.71 37.77 -9.01
N ALA C 320 19.87 38.01 -10.31
CA ALA C 320 21.02 38.79 -10.75
C ALA C 320 20.90 40.24 -10.30
N LEU C 321 19.68 40.78 -10.36
CA LEU C 321 19.46 42.12 -9.82
C LEU C 321 19.80 42.16 -8.33
N GLN C 322 19.41 41.13 -7.59
CA GLN C 322 19.71 41.10 -6.16
C GLN C 322 21.21 41.04 -5.92
N HIS C 323 21.92 40.20 -6.68
CA HIS C 323 23.37 40.13 -6.53
C HIS C 323 24.01 41.48 -6.80
N ALA C 324 23.64 42.12 -7.90
CA ALA C 324 24.22 43.42 -8.22
C ALA C 324 23.92 44.44 -7.14
N ALA C 325 22.68 44.48 -6.66
CA ALA C 325 22.32 45.41 -5.60
C ALA C 325 23.18 45.17 -4.35
N LEU C 326 23.22 43.93 -3.89
CA LEU C 326 24.03 43.60 -2.72
C LEU C 326 25.48 44.02 -2.91
N ALA C 327 26.00 43.92 -4.15
CA ALA C 327 27.35 44.39 -4.40
C ALA C 327 27.43 45.92 -4.41
N VAL C 328 26.32 46.59 -4.68
CA VAL C 328 26.27 48.06 -4.62
C VAL C 328 25.80 48.54 -3.26
N ASN C 329 25.40 47.64 -2.36
CA ASN C 329 24.96 48.00 -1.02
C ASN C 329 23.66 48.82 -1.07
N ARG C 330 22.66 48.24 -1.72
CA ARG C 330 21.35 48.86 -1.84
C ARG C 330 20.27 47.81 -1.64
N LYS C 331 19.11 48.26 -1.17
CA LYS C 331 17.98 47.37 -0.91
C LYS C 331 17.06 47.39 -2.13
N LEU C 332 17.11 46.32 -2.92
CA LEU C 332 16.32 46.26 -4.13
C LEU C 332 14.83 46.20 -3.80
N GLU C 333 14.03 46.88 -4.61
CA GLU C 333 12.58 46.79 -4.56
C GLU C 333 12.09 46.67 -6.01
N LEU C 334 11.40 45.58 -6.30
CA LEU C 334 11.01 45.25 -7.67
C LEU C 334 9.52 45.48 -7.85
N VAL C 335 9.17 46.22 -8.89
CA VAL C 335 7.78 46.40 -9.31
C VAL C 335 7.59 45.65 -10.62
N PHE C 336 6.60 44.79 -10.67
CA PHE C 336 6.35 43.91 -11.80
C PHE C 336 5.24 44.52 -12.65
N ILE C 337 5.64 45.19 -13.72
CA ILE C 337 4.72 45.89 -14.61
C ILE C 337 4.39 44.97 -15.78
N GLU C 338 3.11 44.65 -15.93
CA GLU C 338 2.67 43.86 -17.07
C GLU C 338 2.62 44.74 -18.32
N SER C 339 3.29 44.30 -19.38
CA SER C 339 3.38 45.10 -20.59
C SER C 339 2.07 45.18 -21.34
N CYS C 340 1.13 44.28 -21.04
CA CYS C 340 -0.16 44.33 -21.72
C CYS C 340 -0.98 45.53 -21.28
N LEU C 341 -0.77 46.00 -20.05
CA LEU C 341 -1.54 47.10 -19.49
C LEU C 341 -0.96 48.47 -19.82
N LEU C 342 0.01 48.54 -20.71
CA LEU C 342 0.55 49.81 -21.19
C LEU C 342 0.02 50.19 -22.56
N GLU C 343 -0.70 49.32 -23.24
CA GLU C 343 -1.27 49.63 -24.53
C GLU C 343 -2.61 50.33 -24.35
N GLU C 344 -2.98 51.12 -25.37
CA GLU C 344 -4.22 51.87 -25.34
C GLU C 344 -5.45 50.98 -25.32
N GLU C 345 -5.32 49.71 -25.67
CA GLU C 345 -6.48 48.83 -25.68
C GLU C 345 -7.07 48.65 -24.29
N THR C 346 -6.24 48.73 -23.25
CA THR C 346 -6.74 48.73 -21.89
C THR C 346 -7.19 50.10 -21.43
N LEU C 347 -6.68 51.17 -22.06
CA LEU C 347 -7.22 52.49 -21.79
C LEU C 347 -8.69 52.57 -22.21
N HIS C 348 -9.04 51.90 -23.29
CA HIS C 348 -10.44 51.80 -23.71
C HIS C 348 -11.23 50.81 -22.87
N SER C 349 -10.57 50.08 -21.97
CA SER C 349 -11.22 49.08 -21.13
C SER C 349 -11.17 49.46 -19.65
N GLU C 350 -9.97 49.70 -19.11
CA GLU C 350 -9.82 50.09 -17.71
C GLU C 350 -8.77 51.18 -17.62
N PRO C 351 -9.14 52.43 -17.87
CA PRO C 351 -8.18 53.53 -17.69
C PRO C 351 -7.52 53.53 -16.33
N SER C 352 -8.21 53.03 -15.30
CA SER C 352 -7.61 52.96 -13.97
C SER C 352 -6.33 52.14 -13.99
N LYS C 353 -6.41 50.91 -14.50
CA LYS C 353 -5.23 50.04 -14.56
C LYS C 353 -4.16 50.64 -15.45
N TYR C 354 -4.56 51.18 -16.60
CA TYR C 354 -3.60 51.82 -17.50
C TYR C 354 -2.78 52.87 -16.78
N HIS C 355 -3.46 53.85 -16.16
CA HIS C 355 -2.77 54.93 -15.49
C HIS C 355 -1.99 54.44 -14.29
N LYS C 356 -2.50 53.44 -13.58
CA LYS C 356 -1.78 52.91 -12.42
C LYS C 356 -0.45 52.28 -12.84
N GLU C 357 -0.48 51.44 -13.87
CA GLU C 357 0.74 50.80 -14.33
C GLU C 357 1.71 51.83 -14.90
N TRP C 358 1.20 52.81 -15.66
CA TRP C 358 2.09 53.82 -16.19
C TRP C 358 2.69 54.68 -15.08
N GLN C 359 1.93 54.90 -14.00
CA GLN C 359 2.48 55.60 -12.85
C GLN C 359 3.61 54.80 -12.22
N LYS C 360 3.34 53.53 -11.92
CA LYS C 360 4.38 52.63 -11.45
C LYS C 360 5.64 52.76 -12.29
N LEU C 361 5.48 52.64 -13.61
CA LEU C 361 6.63 52.72 -14.51
C LEU C 361 7.31 54.08 -14.45
N CYS C 362 6.55 55.14 -14.15
CA CYS C 362 7.11 56.48 -14.23
C CYS C 362 7.85 56.88 -12.97
N ASP C 363 7.49 56.32 -11.81
CA ASP C 363 8.12 56.68 -10.54
C ASP C 363 9.19 55.67 -10.13
N SER C 364 9.84 55.03 -11.10
CA SER C 364 10.89 54.07 -10.84
C SER C 364 12.23 54.61 -11.32
N HIS C 365 13.30 54.12 -10.70
CA HIS C 365 14.64 54.61 -10.98
C HIS C 365 15.30 53.90 -12.17
N GLY C 366 14.67 52.88 -12.72
CA GLY C 366 15.26 52.12 -13.80
C GLY C 366 14.25 51.18 -14.41
N ILE C 367 14.58 50.68 -15.60
CA ILE C 367 13.67 49.85 -16.38
C ILE C 367 14.43 48.66 -16.92
N LEU C 368 13.85 47.47 -16.75
CA LEU C 368 14.40 46.24 -17.29
C LEU C 368 13.33 45.59 -18.17
N VAL C 369 13.66 45.37 -19.43
CA VAL C 369 12.76 44.76 -20.41
C VAL C 369 13.25 43.35 -20.69
N PRO C 370 12.75 42.34 -19.99
CA PRO C 370 13.31 40.99 -20.17
C PRO C 370 12.96 40.40 -21.52
N GLY C 371 13.38 39.15 -21.73
CA GLY C 371 13.08 38.44 -22.93
C GLY C 371 11.70 37.81 -22.91
N GLY C 372 11.47 36.95 -23.88
CA GLY C 372 10.19 36.28 -24.02
C GLY C 372 9.96 35.86 -25.45
N PHE C 373 8.93 35.05 -25.64
CA PHE C 373 8.60 34.51 -26.94
C PHE C 373 7.15 34.83 -27.27
N GLY C 374 6.91 35.09 -28.55
CA GLY C 374 5.55 35.32 -29.03
C GLY C 374 5.28 36.76 -29.42
N SER C 375 4.01 37.15 -29.32
CA SER C 375 3.58 38.48 -29.71
C SER C 375 2.78 39.21 -28.64
N ARG C 376 2.13 38.49 -27.73
CA ARG C 376 1.24 39.11 -26.75
C ARG C 376 2.06 40.00 -25.82
N GLY C 377 1.88 41.30 -25.96
CA GLY C 377 2.45 42.25 -25.03
C GLY C 377 3.79 42.84 -25.44
N MET C 378 4.11 42.88 -26.72
CA MET C 378 5.35 43.50 -27.15
C MET C 378 5.20 44.99 -27.40
N GLU C 379 4.03 45.44 -27.88
CA GLU C 379 3.83 46.87 -28.09
C GLU C 379 4.11 47.66 -26.81
N GLY C 380 3.71 47.12 -25.66
CA GLY C 380 4.00 47.78 -24.41
C GLY C 380 5.49 47.91 -24.15
N LYS C 381 6.25 46.87 -24.50
CA LYS C 381 7.70 46.95 -24.37
C LYS C 381 8.27 48.09 -25.21
N ILE C 382 7.70 48.31 -26.39
CA ILE C 382 8.20 49.37 -27.26
C ILE C 382 7.83 50.73 -26.69
N ARG C 383 6.61 50.85 -26.18
CA ARG C 383 6.21 52.08 -25.49
C ARG C 383 7.16 52.39 -24.34
N ALA C 384 7.52 51.36 -23.57
CA ALA C 384 8.39 51.58 -22.42
C ALA C 384 9.79 51.97 -22.86
N CYS C 385 10.32 51.32 -23.89
CA CYS C 385 11.62 51.71 -24.42
C CYS C 385 11.61 53.17 -24.86
N GLN C 386 10.57 53.56 -25.59
CA GLN C 386 10.47 54.95 -26.02
C GLN C 386 10.44 55.90 -24.83
N TRP C 387 9.53 55.64 -23.87
CA TRP C 387 9.43 56.51 -22.72
C TRP C 387 10.74 56.63 -21.96
N ALA C 388 11.49 55.53 -21.87
CA ALA C 388 12.78 55.58 -21.20
C ALA C 388 13.85 56.27 -22.04
N ARG C 389 13.61 56.38 -23.35
CA ARG C 389 14.53 57.12 -24.21
C ARG C 389 14.21 58.60 -24.26
N GLU C 390 12.96 58.97 -24.02
CA GLU C 390 12.54 60.37 -24.06
C GLU C 390 12.48 61.00 -22.68
N ASN C 391 12.86 60.28 -21.63
CA ASN C 391 12.83 60.80 -20.27
C ASN C 391 14.15 60.56 -19.55
N GLN C 392 15.21 60.19 -20.27
CA GLN C 392 16.52 59.94 -19.69
C GLN C 392 16.41 58.99 -18.49
N LYS C 393 15.81 57.83 -18.73
CA LYS C 393 15.64 56.81 -17.73
C LYS C 393 16.42 55.56 -18.14
N PRO C 394 17.29 55.03 -17.29
CA PRO C 394 18.10 53.88 -17.70
C PRO C 394 17.22 52.71 -18.10
N LEU C 395 17.76 51.86 -18.99
CA LEU C 395 17.02 50.73 -19.50
C LEU C 395 17.99 49.62 -19.86
N LEU C 396 17.55 48.38 -19.64
CA LEU C 396 18.31 47.21 -20.08
C LEU C 396 17.37 46.20 -20.71
N GLY C 397 17.67 45.80 -21.94
CA GLY C 397 16.87 44.82 -22.66
C GLY C 397 17.66 43.57 -22.94
N ILE C 398 16.96 42.42 -22.93
CA ILE C 398 17.60 41.11 -22.98
C ILE C 398 16.91 40.29 -24.08
N CYS C 399 17.45 40.35 -25.29
CA CYS C 399 17.12 39.42 -26.37
C CYS C 399 15.72 39.62 -26.93
N LEU C 400 14.90 40.40 -26.23
CA LEU C 400 13.66 40.90 -26.79
C LEU C 400 13.44 42.38 -26.54
N GLY C 401 14.01 42.95 -25.47
CA GLY C 401 14.03 44.38 -25.33
C GLY C 401 14.99 45.04 -26.30
N LEU C 402 15.93 44.26 -26.85
CA LEU C 402 16.81 44.79 -27.89
C LEU C 402 16.05 44.94 -29.20
N GLN C 403 15.33 43.90 -29.60
CA GLN C 403 14.48 44.02 -30.78
C GLN C 403 13.45 45.11 -30.59
N ALA C 404 12.82 45.17 -29.42
CA ALA C 404 11.83 46.21 -29.17
C ALA C 404 12.45 47.59 -29.20
N ALA C 405 13.67 47.74 -28.66
CA ALA C 405 14.33 49.04 -28.67
C ALA C 405 14.67 49.46 -30.09
N VAL C 406 15.15 48.53 -30.90
CA VAL C 406 15.47 48.86 -32.30
C VAL C 406 14.21 49.23 -33.05
N ILE C 407 13.12 48.50 -32.81
CA ILE C 407 11.85 48.81 -33.43
C ILE C 407 11.38 50.21 -33.04
N GLU C 408 11.53 50.54 -31.75
CA GLU C 408 11.15 51.86 -31.28
C GLU C 408 11.98 52.95 -31.98
N PHE C 409 13.30 52.78 -31.98
CA PHE C 409 14.17 53.74 -32.64
C PHE C 409 13.76 53.93 -34.08
N ALA C 410 13.50 52.82 -34.79
CA ALA C 410 13.08 52.91 -36.19
C ALA C 410 11.79 53.72 -36.32
N ARG C 411 10.72 53.25 -35.67
CA ARG C 411 9.40 53.84 -35.88
C ARG C 411 9.25 55.20 -35.20
N ASN C 412 10.25 55.69 -34.46
CA ASN C 412 10.15 56.99 -33.82
C ASN C 412 11.28 57.95 -34.18
N LYS C 413 12.21 57.54 -35.04
CA LYS C 413 13.25 58.43 -35.51
C LYS C 413 13.35 58.39 -37.03
N LEU C 414 12.99 57.26 -37.62
CA LEU C 414 12.86 57.13 -39.07
C LEU C 414 11.42 57.24 -39.53
N GLY C 415 10.48 57.39 -38.61
CA GLY C 415 9.08 57.51 -38.97
C GLY C 415 8.48 56.27 -39.59
N LEU C 416 9.21 55.16 -39.64
CA LEU C 416 8.73 53.92 -40.25
C LEU C 416 7.72 53.30 -39.31
N LYS C 417 6.50 53.83 -39.34
CA LYS C 417 5.42 53.32 -38.51
C LYS C 417 5.14 51.84 -38.74
N ASP C 418 5.63 51.27 -39.84
CA ASP C 418 5.45 49.86 -40.14
C ASP C 418 6.59 49.00 -39.63
N ALA C 419 7.58 49.59 -38.98
CA ALA C 419 8.68 48.80 -38.44
C ALA C 419 8.15 47.72 -37.51
N ASN C 420 8.65 46.49 -37.68
CA ASN C 420 8.19 45.36 -36.90
C ASN C 420 9.13 44.20 -37.15
N THR C 421 8.85 43.09 -36.46
CA THR C 421 9.59 41.85 -36.66
C THR C 421 8.91 41.00 -37.72
N THR C 422 9.64 39.99 -38.18
CA THR C 422 9.04 38.98 -39.05
C THR C 422 8.20 37.99 -38.25
N GLU C 423 8.10 38.14 -36.94
CA GLU C 423 7.34 37.24 -36.09
C GLU C 423 5.92 37.73 -35.86
N ILE C 424 5.74 39.01 -35.54
CA ILE C 424 4.42 39.52 -35.22
C ILE C 424 3.55 39.56 -36.48
N ASP C 425 4.12 40.01 -37.59
CA ASP C 425 3.42 40.09 -38.86
C ASP C 425 4.40 39.80 -39.99
N PRO C 426 4.35 38.60 -40.59
CA PRO C 426 5.41 38.24 -41.55
C PRO C 426 5.36 39.03 -42.84
N ASN C 427 4.18 39.42 -43.32
CA ASN C 427 4.03 40.09 -44.60
C ASN C 427 4.19 41.61 -44.50
N THR C 428 4.92 42.09 -43.50
CA THR C 428 5.12 43.51 -43.33
C THR C 428 6.01 44.07 -44.43
N ALA C 429 5.82 45.35 -44.73
CA ALA C 429 6.67 46.01 -45.72
C ALA C 429 8.08 46.24 -45.17
N ASN C 430 8.16 46.84 -43.99
CA ASN C 430 9.44 47.07 -43.33
C ASN C 430 9.62 46.04 -42.22
N ALA C 431 10.78 45.39 -42.22
CA ALA C 431 11.08 44.33 -41.25
C ALA C 431 12.46 44.59 -40.67
N LEU C 432 12.49 45.02 -39.41
CA LEU C 432 13.75 45.29 -38.73
C LEU C 432 14.36 44.03 -38.12
N VAL C 433 13.55 42.99 -37.91
CA VAL C 433 14.00 41.76 -37.26
C VAL C 433 13.65 40.60 -38.16
N ILE C 434 14.66 39.84 -38.56
CA ILE C 434 14.50 38.72 -39.47
C ILE C 434 15.23 37.51 -38.92
N ASP C 435 14.80 36.33 -39.36
CA ASP C 435 15.43 35.09 -38.90
C ASP C 435 16.84 34.97 -39.45
N MET C 436 17.72 34.40 -38.64
CA MET C 436 19.05 34.04 -39.09
C MET C 436 19.46 32.76 -38.38
N PRO C 437 18.73 31.66 -38.61
CA PRO C 437 19.11 30.39 -37.98
C PRO C 437 20.59 30.10 -38.08
N GLU C 438 21.19 29.65 -36.97
CA GLU C 438 22.62 29.41 -36.95
C GLU C 438 23.04 28.54 -38.13
N HIS C 439 22.51 27.32 -38.20
CA HIS C 439 22.81 26.46 -39.34
C HIS C 439 21.62 25.63 -39.79
N HIS C 440 20.43 25.83 -39.20
CA HIS C 440 19.25 25.13 -39.71
C HIS C 440 19.07 25.41 -41.20
N THR C 441 19.54 26.55 -41.66
CA THR C 441 19.58 26.82 -43.09
C THR C 441 20.67 25.96 -43.70
N GLY C 442 20.31 24.76 -44.15
CA GLY C 442 21.28 23.79 -44.60
C GLY C 442 21.04 22.41 -44.01
N GLN C 443 20.52 22.38 -42.78
CA GLN C 443 20.24 21.11 -42.11
C GLN C 443 19.18 21.30 -41.03
N LEU C 444 18.94 20.27 -40.22
CA LEU C 444 18.04 20.36 -39.08
C LEU C 444 18.77 20.46 -37.76
N GLY C 445 20.08 20.21 -37.73
CA GLY C 445 20.91 20.24 -36.55
C GLY C 445 21.46 21.59 -36.13
N GLY C 446 20.69 22.43 -35.43
CA GLY C 446 21.23 23.70 -34.96
C GLY C 446 20.44 24.95 -35.26
N THR C 447 19.12 24.85 -35.35
CA THR C 447 18.29 25.99 -35.73
C THR C 447 18.50 27.21 -34.85
N MET C 448 18.36 27.08 -33.53
CA MET C 448 18.39 28.25 -32.68
C MET C 448 19.80 28.46 -32.11
N ARG C 449 20.18 29.72 -31.99
CA ARG C 449 21.53 30.07 -31.54
C ARG C 449 21.60 29.82 -30.03
N LEU C 450 21.57 28.54 -29.68
CA LEU C 450 21.56 28.10 -28.31
C LEU C 450 22.98 27.87 -27.79
N GLY C 451 23.17 28.18 -26.53
CA GLY C 451 24.43 27.86 -25.88
C GLY C 451 25.37 29.04 -25.83
N LYS C 452 26.57 28.77 -25.34
CA LYS C 452 27.54 29.83 -25.14
C LYS C 452 28.29 30.11 -26.43
N ARG C 453 28.32 31.38 -26.81
CA ARG C 453 28.98 31.84 -28.01
C ARG C 453 29.84 33.05 -27.67
N ILE C 454 30.70 33.39 -28.61
CA ILE C 454 31.65 34.48 -28.49
C ILE C 454 31.01 35.76 -29.03
N THR C 455 31.37 36.88 -28.43
CA THR C 455 30.94 38.19 -28.87
C THR C 455 32.12 39.13 -28.74
N VAL C 456 32.62 39.63 -29.86
CA VAL C 456 33.75 40.56 -29.87
C VAL C 456 33.21 41.98 -29.85
N PHE C 457 34.06 42.92 -29.44
CA PHE C 457 33.66 44.30 -29.25
C PHE C 457 34.17 45.15 -30.41
N SER C 458 33.25 45.80 -31.11
CA SER C 458 33.63 46.74 -32.15
C SER C 458 34.29 47.97 -31.52
N ASP C 459 35.19 48.58 -32.28
CA ASP C 459 35.97 49.70 -31.75
C ASP C 459 35.07 50.87 -31.38
N GLY C 460 35.46 51.59 -30.34
CA GLY C 460 34.72 52.73 -29.85
C GLY C 460 34.52 52.65 -28.36
N PRO C 461 34.77 53.76 -27.64
CA PRO C 461 34.58 53.74 -26.18
C PRO C 461 33.13 53.47 -25.83
N SER C 462 32.89 52.37 -25.12
CA SER C 462 31.56 51.96 -24.73
C SER C 462 31.55 51.67 -23.23
N VAL C 463 30.47 52.10 -22.57
CA VAL C 463 30.36 51.89 -21.13
C VAL C 463 30.20 50.40 -20.82
N ILE C 464 29.55 49.66 -21.70
CA ILE C 464 29.33 48.23 -21.46
C ILE C 464 30.64 47.48 -21.54
N ARG C 465 31.52 47.86 -22.46
CA ARG C 465 32.84 47.24 -22.51
C ARG C 465 33.68 47.64 -21.31
N GLN C 466 33.49 48.85 -20.79
CA GLN C 466 34.21 49.27 -19.60
C GLN C 466 33.76 48.46 -18.39
N LEU C 467 32.46 48.17 -18.31
CA LEU C 467 31.95 47.37 -17.20
C LEU C 467 32.48 45.95 -17.24
N TYR C 468 32.55 45.36 -18.44
CA TYR C 468 33.03 43.99 -18.59
C TYR C 468 34.52 43.84 -18.33
N GLY C 469 35.22 44.92 -18.01
CA GLY C 469 36.65 44.86 -17.76
C GLY C 469 37.51 45.23 -18.95
N ASN C 470 36.95 45.93 -19.93
CA ASN C 470 37.66 46.27 -21.16
C ASN C 470 38.32 45.05 -21.80
N PRO C 471 37.56 44.01 -22.09
CA PRO C 471 38.11 42.86 -22.82
C PRO C 471 37.91 43.00 -24.32
N LYS C 472 38.49 42.03 -25.05
CA LYS C 472 38.28 41.95 -26.49
C LYS C 472 37.02 41.19 -26.86
N SER C 473 36.57 40.28 -26.01
CA SER C 473 35.43 39.44 -26.32
C SER C 473 34.88 38.87 -25.02
N VAL C 474 33.65 38.35 -25.11
CA VAL C 474 32.99 37.72 -23.98
C VAL C 474 32.26 36.47 -24.46
N GLN C 475 32.15 35.50 -23.56
CA GLN C 475 31.39 34.28 -23.79
C GLN C 475 30.06 34.40 -23.06
N GLU C 476 28.96 34.32 -23.80
CA GLU C 476 27.64 34.47 -23.19
C GLU C 476 26.67 33.48 -23.80
N ARG C 477 25.60 33.21 -23.07
CA ARG C 477 24.65 32.16 -23.42
C ARG C 477 23.50 32.77 -24.22
N HIS C 478 23.31 32.26 -25.43
CA HIS C 478 22.31 32.75 -26.36
C HIS C 478 21.17 31.76 -26.47
N ARG C 479 19.96 32.29 -26.64
CA ARG C 479 18.78 31.50 -26.96
C ARG C 479 17.86 32.40 -27.78
N HIS C 480 17.99 32.33 -29.11
CA HIS C 480 17.21 33.19 -29.98
C HIS C 480 17.43 32.79 -31.43
N ARG C 481 16.39 32.98 -32.24
CA ARG C 481 16.46 32.78 -33.69
C ARG C 481 16.68 34.07 -34.44
N TYR C 482 15.91 35.11 -34.11
CA TYR C 482 15.88 36.34 -34.89
C TYR C 482 17.17 37.14 -34.73
N GLU C 483 17.20 38.32 -35.32
CA GLU C 483 18.39 39.14 -35.37
C GLU C 483 18.01 40.49 -35.98
N VAL C 484 18.84 41.50 -35.70
CA VAL C 484 18.62 42.82 -36.27
C VAL C 484 18.93 42.77 -37.76
N ASN C 485 18.11 43.45 -38.55
CA ASN C 485 18.27 43.42 -39.99
C ASN C 485 19.63 44.01 -40.39
N PRO C 486 20.41 43.34 -41.24
CA PRO C 486 21.71 43.88 -41.63
C PRO C 486 21.63 44.99 -42.68
N LYS C 487 20.45 45.30 -43.21
CA LYS C 487 20.32 46.36 -44.20
C LYS C 487 19.96 47.69 -43.57
N TYR C 488 19.12 47.68 -42.54
CA TYR C 488 18.81 48.89 -41.79
C TYR C 488 19.92 49.26 -40.80
N VAL C 489 21.07 48.60 -40.87
CA VAL C 489 22.15 48.89 -39.93
C VAL C 489 22.53 50.37 -39.99
N HIS C 490 22.78 50.88 -41.19
CA HIS C 490 23.14 52.29 -41.31
C HIS C 490 21.93 53.21 -41.22
N LEU C 491 20.76 52.73 -41.69
CA LEU C 491 19.54 53.52 -41.56
C LEU C 491 19.28 53.90 -40.12
N LEU C 492 19.72 53.09 -39.16
CA LEU C 492 19.51 53.34 -37.75
C LEU C 492 20.80 53.70 -37.01
N GLU C 493 21.96 53.53 -37.64
CA GLU C 493 23.22 53.89 -37.02
C GLU C 493 23.65 55.32 -37.31
N GLU C 494 23.15 55.92 -38.39
CA GLU C 494 23.39 57.34 -38.64
C GLU C 494 22.43 58.15 -37.78
N GLN C 495 22.43 57.85 -36.49
CA GLN C 495 21.48 58.38 -35.52
C GLN C 495 22.02 58.03 -34.14
N GLY C 496 21.20 58.24 -33.11
CA GLY C 496 21.62 57.94 -31.76
C GLY C 496 21.63 56.46 -31.43
N MET C 497 22.36 55.66 -32.22
CA MET C 497 22.52 54.24 -31.98
C MET C 497 23.94 53.83 -32.31
N ARG C 498 24.40 52.77 -31.64
CA ARG C 498 25.77 52.31 -31.80
C ARG C 498 25.85 50.82 -31.48
N PHE C 499 26.39 50.05 -32.42
CA PHE C 499 26.51 48.60 -32.27
C PHE C 499 27.95 48.29 -31.86
N VAL C 500 28.15 47.99 -30.58
CA VAL C 500 29.48 47.83 -30.03
C VAL C 500 29.89 46.37 -29.90
N GLY C 501 28.97 45.45 -30.10
CA GLY C 501 29.28 44.04 -29.93
C GLY C 501 28.69 43.18 -31.03
N THR C 502 29.50 42.29 -31.58
CA THR C 502 29.06 41.41 -32.66
C THR C 502 29.88 40.13 -32.61
N ASP C 503 29.49 39.18 -33.45
CA ASP C 503 30.18 37.90 -33.51
C ASP C 503 31.44 38.03 -34.37
N VAL C 504 32.14 36.90 -34.53
CA VAL C 504 33.39 36.91 -35.28
C VAL C 504 33.14 37.14 -36.76
N ASP C 505 31.91 36.95 -37.23
CA ASP C 505 31.56 37.14 -38.64
C ASP C 505 30.99 38.52 -38.92
N LYS C 506 30.76 39.33 -37.89
CA LYS C 506 30.34 40.72 -38.04
C LYS C 506 29.01 40.85 -38.76
N THR C 507 28.20 39.79 -38.75
CA THR C 507 26.88 39.81 -39.37
C THR C 507 25.75 39.76 -38.35
N ARG C 508 26.07 39.70 -37.06
CA ARG C 508 25.07 39.60 -36.00
C ARG C 508 25.42 40.58 -34.89
N MET C 509 24.62 41.63 -34.75
CA MET C 509 24.82 42.60 -33.69
C MET C 509 24.01 42.18 -32.46
N GLU C 510 24.68 42.13 -31.31
CA GLU C 510 24.04 41.68 -30.08
C GLU C 510 24.35 42.57 -28.88
N ILE C 511 25.01 43.70 -29.07
CA ILE C 511 25.19 44.69 -28.01
C ILE C 511 25.05 46.07 -28.64
N ILE C 512 24.00 46.80 -28.26
CA ILE C 512 23.74 48.13 -28.78
C ILE C 512 23.81 49.14 -27.64
N GLU C 513 23.85 50.41 -28.02
CA GLU C 513 23.90 51.51 -27.06
C GLU C 513 23.33 52.75 -27.74
N LEU C 514 22.90 53.70 -26.92
CA LEU C 514 22.41 54.98 -27.41
C LEU C 514 23.43 56.07 -27.11
N SER C 515 23.54 57.03 -28.01
CA SER C 515 24.43 58.17 -27.84
C SER C 515 23.70 59.27 -27.07
N GLY C 516 24.32 59.75 -26.00
CA GLY C 516 23.75 60.78 -25.16
C GLY C 516 22.94 60.25 -24.00
N HIS C 517 22.27 59.12 -24.18
CA HIS C 517 21.53 58.52 -23.07
C HIS C 517 22.50 58.05 -22.00
N PRO C 518 22.19 58.27 -20.71
CA PRO C 518 23.11 57.81 -19.67
C PRO C 518 23.35 56.30 -19.70
N TYR C 519 22.29 55.52 -19.84
CA TYR C 519 22.43 54.06 -19.87
C TYR C 519 21.23 53.49 -20.62
N PHE C 520 21.46 53.07 -21.86
CA PHE C 520 20.44 52.42 -22.69
C PHE C 520 21.02 51.21 -23.38
N VAL C 521 21.72 50.38 -22.62
CA VAL C 521 22.32 49.17 -23.17
C VAL C 521 21.24 48.12 -23.38
N ALA C 522 21.43 47.29 -24.39
CA ALA C 522 20.54 46.16 -24.67
C ALA C 522 21.36 45.05 -25.30
N THR C 523 21.11 43.83 -24.85
CA THR C 523 21.89 42.66 -25.27
C THR C 523 20.98 41.60 -25.83
N GLN C 524 21.46 40.94 -26.89
CA GLN C 524 20.76 39.80 -27.47
C GLN C 524 20.99 38.51 -26.70
N TYR C 525 21.99 38.49 -25.83
CA TYR C 525 22.26 37.31 -25.02
C TYR C 525 21.63 37.46 -23.64
N HIS C 526 21.72 36.41 -22.84
CA HIS C 526 21.18 36.37 -21.49
C HIS C 526 22.30 36.51 -20.48
N PRO C 527 22.60 37.72 -20.00
CA PRO C 527 23.69 37.87 -19.04
C PRO C 527 23.34 37.42 -17.63
N GLU C 528 22.09 37.05 -17.38
CA GLU C 528 21.67 36.66 -16.04
C GLU C 528 22.01 35.21 -15.71
N TYR C 529 22.35 34.40 -16.71
CA TYR C 529 22.70 33.01 -16.49
C TYR C 529 24.13 32.84 -16.00
N LEU C 530 24.93 33.90 -15.99
CA LEU C 530 26.31 33.84 -15.50
C LEU C 530 26.51 34.76 -14.31
N SER C 531 25.43 35.11 -13.62
CA SER C 531 25.47 36.02 -12.48
C SER C 531 25.42 35.20 -11.21
N ARG C 532 26.56 35.03 -10.58
CA ARG C 532 26.66 34.31 -9.34
C ARG C 532 26.60 35.28 -8.16
N PRO C 533 26.20 34.79 -6.98
CA PRO C 533 26.04 35.71 -5.84
C PRO C 533 27.26 36.55 -5.57
N LEU C 534 28.46 35.98 -5.70
CA LEU C 534 29.70 36.69 -5.46
C LEU C 534 30.29 37.28 -6.74
N LYS C 535 29.54 37.27 -7.84
CA LYS C 535 30.02 37.78 -9.13
C LYS C 535 28.82 38.32 -9.91
N PRO C 536 28.49 39.60 -9.77
CA PRO C 536 27.32 40.13 -10.48
C PRO C 536 27.62 40.40 -11.94
N SER C 537 26.60 40.24 -12.79
CA SER C 537 26.79 40.48 -14.21
C SER C 537 27.04 41.97 -14.45
N PRO C 538 28.00 42.33 -15.30
CA PRO C 538 28.33 43.73 -15.50
C PRO C 538 27.13 44.54 -15.98
N PRO C 539 26.30 44.01 -16.88
CA PRO C 539 25.15 44.81 -17.35
C PRO C 539 24.21 45.21 -16.23
N PHE C 540 23.77 44.25 -15.41
CA PHE C 540 22.89 44.57 -14.30
C PHE C 540 23.57 45.51 -13.31
N LEU C 541 24.87 45.30 -13.10
CA LEU C 541 25.62 46.16 -12.19
C LEU C 541 25.57 47.61 -12.66
N GLY C 542 25.85 47.82 -13.95
CA GLY C 542 25.79 49.16 -14.49
C GLY C 542 24.39 49.73 -14.47
N LEU C 543 23.38 48.88 -14.71
CA LEU C 543 22.00 49.34 -14.61
C LEU C 543 21.72 49.89 -13.23
N ILE C 544 22.07 49.12 -12.20
CA ILE C 544 21.80 49.57 -10.83
C ILE C 544 22.58 50.84 -10.53
N LEU C 545 23.86 50.87 -10.91
CA LEU C 545 24.67 52.05 -10.65
C LEU C 545 24.05 53.30 -11.27
N ALA C 546 23.82 53.27 -12.59
CA ALA C 546 23.20 54.40 -13.26
C ALA C 546 21.83 54.71 -12.70
N SER C 547 21.14 53.73 -12.13
CA SER C 547 19.81 53.97 -11.58
C SER C 547 19.87 54.74 -10.28
N VAL C 548 21.01 54.69 -9.58
CA VAL C 548 21.23 55.48 -8.38
C VAL C 548 22.16 56.65 -8.64
N ASP C 549 22.57 56.86 -9.90
CA ASP C 549 23.47 57.94 -10.28
C ASP C 549 24.84 57.77 -9.60
N ARG C 550 25.46 56.62 -9.87
CA ARG C 550 26.80 56.34 -9.37
C ARG C 550 27.67 55.66 -10.42
N LEU C 551 27.17 55.47 -11.64
CA LEU C 551 27.91 54.69 -12.63
C LEU C 551 29.19 55.40 -13.05
N ASN C 552 29.08 56.67 -13.45
CA ASN C 552 30.28 57.41 -13.85
C ASN C 552 31.32 57.41 -12.75
N GLN C 553 30.92 57.62 -11.51
CA GLN C 553 31.86 57.55 -10.40
C GLN C 553 32.49 56.18 -10.30
N TYR C 554 31.69 55.12 -10.45
CA TYR C 554 32.23 53.76 -10.36
C TYR C 554 33.28 53.52 -11.43
N ILE C 555 33.07 54.08 -12.63
CA ILE C 555 34.06 53.90 -13.70
C ILE C 555 35.34 54.65 -13.37
N GLN C 556 35.22 55.92 -13.02
CA GLN C 556 36.39 56.74 -12.73
C GLN C 556 36.89 56.47 -11.31
N MET D 1 -32.87 3.05 7.20
CA MET D 1 -32.10 4.25 7.63
C MET D 1 -31.05 4.61 6.60
N LYS D 2 -30.58 5.85 6.66
CA LYS D 2 -29.60 6.37 5.72
C LYS D 2 -28.43 6.96 6.50
N TYR D 3 -27.23 6.62 6.08
CA TYR D 3 -26.02 6.94 6.82
C TYR D 3 -25.12 7.87 6.03
N ILE D 4 -24.41 8.71 6.74
CA ILE D 4 -23.48 9.68 6.16
C ILE D 4 -22.19 9.58 6.97
N LEU D 5 -21.24 8.79 6.49
CA LEU D 5 -19.95 8.71 7.14
C LEU D 5 -19.13 9.94 6.76
N VAL D 6 -18.51 10.56 7.76
CA VAL D 6 -17.65 11.72 7.58
C VAL D 6 -16.24 11.32 7.97
N THR D 7 -15.30 11.50 7.05
CA THR D 7 -13.93 11.08 7.24
C THR D 7 -13.00 12.27 7.11
N GLY D 8 -11.79 12.11 7.64
CA GLY D 8 -10.80 13.16 7.63
C GLY D 8 -9.59 12.79 6.79
N GLY D 9 -8.85 13.80 6.37
CA GLY D 9 -7.75 13.59 5.45
C GLY D 9 -6.38 13.93 5.99
N VAL D 10 -5.85 15.07 5.56
CA VAL D 10 -4.44 15.37 5.76
C VAL D 10 -4.09 15.35 7.23
N ILE D 11 -4.85 16.08 8.05
CA ILE D 11 -4.55 16.23 9.47
C ILE D 11 -5.80 16.01 10.28
N SER D 12 -5.60 15.84 11.59
CA SER D 12 -6.69 15.81 12.55
C SER D 12 -6.82 17.18 13.19
N GLY D 13 -8.02 17.73 13.15
CA GLY D 13 -8.26 19.08 13.64
C GLY D 13 -8.55 20.02 12.49
N VAL D 14 -9.29 19.54 11.50
CA VAL D 14 -9.59 20.32 10.31
C VAL D 14 -11.06 20.72 10.23
N GLY D 15 -11.94 20.11 11.01
CA GLY D 15 -13.30 20.61 11.15
C GLY D 15 -14.40 19.61 10.93
N LYS D 16 -14.10 18.31 11.00
CA LYS D 16 -15.14 17.30 10.77
C LYS D 16 -16.32 17.48 11.72
N GLY D 17 -16.07 17.94 12.94
CA GLY D 17 -17.17 18.10 13.88
C GLY D 17 -18.21 19.08 13.39
N VAL D 18 -17.76 20.24 12.94
CA VAL D 18 -18.69 21.27 12.47
C VAL D 18 -19.33 20.85 11.15
N ILE D 19 -18.56 20.23 10.26
CA ILE D 19 -19.12 19.69 9.02
C ILE D 19 -20.28 18.76 9.32
N ALA D 20 -20.07 17.82 10.25
CA ALA D 20 -21.08 16.83 10.55
C ALA D 20 -22.29 17.46 11.23
N SER D 21 -22.05 18.31 12.22
CA SER D 21 -23.16 19.01 12.86
C SER D 21 -23.94 19.85 11.87
N SER D 22 -23.28 20.36 10.83
CA SER D 22 -23.97 21.16 9.84
C SER D 22 -24.84 20.31 8.94
N PHE D 23 -24.30 19.17 8.47
CA PHE D 23 -25.16 18.22 7.78
C PHE D 23 -26.38 17.91 8.63
N GLY D 24 -26.16 17.68 9.92
CA GLY D 24 -27.26 17.32 10.79
C GLY D 24 -28.31 18.40 10.90
N THR D 25 -27.89 19.65 11.10
CA THR D 25 -28.87 20.72 11.26
C THR D 25 -29.57 21.02 9.94
N LEU D 26 -28.88 20.88 8.81
CA LEU D 26 -29.55 21.00 7.52
C LEU D 26 -30.66 19.97 7.40
N LEU D 27 -30.31 18.69 7.54
CA LEU D 27 -31.31 17.65 7.41
C LEU D 27 -32.42 17.80 8.44
N LYS D 28 -32.11 18.37 9.61
CA LYS D 28 -33.11 18.51 10.66
C LYS D 28 -34.02 19.69 10.42
N SER D 29 -33.56 20.70 9.68
CA SER D 29 -34.42 21.81 9.33
C SER D 29 -35.37 21.44 8.19
N CYS D 30 -35.00 20.45 7.39
CA CYS D 30 -35.82 19.99 6.29
C CYS D 30 -36.86 18.95 6.71
N GLY D 31 -37.10 18.82 8.00
CA GLY D 31 -38.18 17.98 8.50
C GLY D 31 -37.79 16.57 8.90
N LEU D 32 -36.50 16.27 9.02
CA LEU D 32 -36.05 14.93 9.33
C LEU D 32 -35.76 14.78 10.83
N ASP D 33 -35.39 13.57 11.22
CA ASP D 33 -35.00 13.23 12.59
C ASP D 33 -33.61 12.61 12.52
N VAL D 34 -32.61 13.38 12.86
CA VAL D 34 -31.22 12.97 12.74
C VAL D 34 -30.72 12.42 14.06
N THR D 35 -29.77 11.51 13.98
CA THR D 35 -28.96 11.10 15.11
C THR D 35 -27.49 11.11 14.68
N SER D 36 -26.61 10.92 15.64
CA SER D 36 -25.20 11.12 15.39
C SER D 36 -24.39 10.10 16.17
N ILE D 37 -23.18 9.85 15.69
CA ILE D 37 -22.27 8.91 16.31
C ILE D 37 -20.85 9.41 16.08
N LYS D 38 -20.02 9.22 17.10
CA LYS D 38 -18.62 9.62 17.05
C LYS D 38 -17.78 8.39 17.33
N ILE D 39 -16.81 8.13 16.46
CA ILE D 39 -15.96 6.96 16.55
C ILE D 39 -14.56 7.42 16.88
N ASP D 40 -14.16 7.23 18.13
CA ASP D 40 -12.83 7.59 18.58
C ASP D 40 -11.96 6.34 18.54
N PRO D 41 -10.96 6.27 17.68
CA PRO D 41 -10.19 5.02 17.55
C PRO D 41 -9.22 4.76 18.70
N TYR D 42 -9.34 5.49 19.79
CA TYR D 42 -8.43 5.28 20.90
C TYR D 42 -8.95 4.19 21.84
N ILE D 43 -8.02 3.57 22.56
CA ILE D 43 -8.34 2.45 23.44
C ILE D 43 -8.68 3.06 24.80
N ASN D 44 -9.91 3.49 24.93
CA ASN D 44 -10.40 4.12 26.15
C ASN D 44 -11.91 3.97 26.19
N ILE D 45 -12.41 3.29 27.22
CA ILE D 45 -13.84 3.09 27.33
C ILE D 45 -14.57 4.43 27.31
N ASP D 46 -14.02 5.43 27.99
CA ASP D 46 -14.63 6.74 28.07
C ASP D 46 -13.56 7.75 28.43
N ALA D 47 -13.96 9.01 28.56
CA ALA D 47 -13.04 10.10 28.85
C ALA D 47 -13.08 10.53 30.32
N GLY D 48 -13.24 9.57 31.23
CA GLY D 48 -13.24 9.92 32.64
C GLY D 48 -11.84 10.10 33.18
N THR D 49 -10.89 9.32 32.66
CA THR D 49 -9.49 9.37 33.11
C THR D 49 -8.66 10.34 32.29
N PHE D 50 -9.28 11.37 31.71
CA PHE D 50 -8.61 12.27 30.80
C PHE D 50 -8.35 13.62 31.45
N SER D 51 -7.34 14.29 30.94
CA SER D 51 -7.06 15.66 31.30
C SER D 51 -7.45 16.60 30.15
N PRO D 52 -7.96 17.79 30.46
CA PRO D 52 -8.40 18.68 29.39
C PRO D 52 -7.34 18.97 28.34
N TYR D 53 -6.06 18.90 28.71
CA TYR D 53 -5.01 19.15 27.74
C TYR D 53 -5.03 18.11 26.62
N GLU D 54 -5.58 16.93 26.89
CA GLU D 54 -5.52 15.84 25.92
C GLU D 54 -6.53 16.06 24.80
N HIS D 55 -7.83 16.08 25.14
CA HIS D 55 -8.87 16.11 24.13
C HIS D 55 -9.94 17.15 24.41
N GLY D 56 -9.62 18.20 25.16
CA GLY D 56 -10.47 19.37 25.15
C GLY D 56 -11.81 19.30 25.86
N GLU D 57 -11.79 19.38 27.19
CA GLU D 57 -13.01 19.60 27.94
C GLU D 57 -14.02 18.47 27.86
N VAL D 58 -13.69 17.37 28.53
CA VAL D 58 -14.57 16.22 28.67
C VAL D 58 -16.02 16.67 28.87
N TYR D 59 -16.92 16.15 28.05
CA TYR D 59 -18.33 16.42 28.12
C TYR D 59 -18.99 15.47 29.14
N VAL D 60 -20.28 15.67 29.34
CA VAL D 60 -21.05 14.86 30.28
C VAL D 60 -22.48 14.76 29.75
N LEU D 61 -23.00 13.55 29.71
CA LEU D 61 -24.33 13.29 29.18
C LEU D 61 -25.29 13.00 30.33
N ASP D 62 -26.57 12.93 29.99
CA ASP D 62 -27.60 12.88 31.01
C ASP D 62 -27.53 11.61 31.84
N ASP D 63 -27.09 10.51 31.24
CA ASP D 63 -27.01 9.23 31.94
C ASP D 63 -25.72 9.07 32.73
N GLY D 64 -24.83 10.06 32.70
CA GLY D 64 -23.64 10.04 33.50
C GLY D 64 -22.36 9.74 32.77
N ALA D 65 -22.40 9.57 31.46
CA ALA D 65 -21.22 9.21 30.71
C ALA D 65 -20.33 10.42 30.46
N GLU D 66 -19.02 10.19 30.48
CA GLU D 66 -18.02 11.21 30.18
C GLU D 66 -17.43 10.89 28.82
N VAL D 67 -17.64 11.78 27.85
CA VAL D 67 -17.35 11.51 26.46
C VAL D 67 -16.52 12.67 25.89
N ASP D 68 -16.23 12.56 24.60
CA ASP D 68 -15.57 13.61 23.87
C ASP D 68 -16.43 14.87 23.83
N LEU D 69 -15.86 15.96 23.34
CA LEU D 69 -16.59 17.21 23.23
C LEU D 69 -17.37 17.33 21.93
N ASP D 70 -17.06 16.51 20.92
CA ASP D 70 -17.79 16.59 19.66
C ASP D 70 -19.26 16.26 19.85
N LEU D 71 -19.57 15.36 20.78
CA LEU D 71 -20.97 15.12 21.11
C LEU D 71 -21.62 16.38 21.65
N GLY D 72 -20.84 17.27 22.23
CA GLY D 72 -21.37 18.56 22.62
C GLY D 72 -21.76 19.39 21.42
N ASN D 73 -20.94 19.36 20.37
CA ASN D 73 -21.30 20.06 19.14
C ASN D 73 -22.59 19.49 18.56
N TYR D 74 -22.70 18.16 18.54
CA TYR D 74 -23.92 17.54 18.05
C TYR D 74 -25.12 18.00 18.87
N GLU D 75 -25.02 17.95 20.19
CA GLU D 75 -26.15 18.32 21.04
C GLU D 75 -26.51 19.78 20.88
N ARG D 76 -25.52 20.64 20.66
CA ARG D 76 -25.77 22.07 20.58
C ARG D 76 -26.33 22.47 19.22
N PHE D 77 -26.02 21.71 18.17
CA PHE D 77 -26.52 22.04 16.85
C PHE D 77 -27.84 21.37 16.51
N LEU D 78 -28.03 20.11 16.88
CA LEU D 78 -29.26 19.39 16.60
C LEU D 78 -30.29 19.46 17.71
N ASP D 79 -29.90 19.91 18.90
CA ASP D 79 -30.80 19.96 20.05
C ASP D 79 -31.36 18.57 20.34
N VAL D 80 -30.46 17.68 20.74
CA VAL D 80 -30.80 16.31 21.08
C VAL D 80 -30.08 15.94 22.38
N THR D 81 -30.44 14.77 22.92
CA THR D 81 -29.87 14.26 24.17
C THR D 81 -29.34 12.86 23.88
N LEU D 82 -28.07 12.79 23.50
CA LEU D 82 -27.47 11.52 23.14
C LEU D 82 -27.30 10.63 24.37
N HIS D 83 -26.75 9.45 24.14
CA HIS D 83 -26.55 8.45 25.17
C HIS D 83 -25.09 8.00 25.16
N ARG D 84 -24.81 6.96 25.94
CA ARG D 84 -23.45 6.48 26.07
C ARG D 84 -23.01 5.68 24.86
N ASP D 85 -23.92 4.94 24.25
CA ASP D 85 -23.61 4.10 23.10
C ASP D 85 -23.42 4.91 21.83
N ASN D 86 -23.55 6.22 21.89
CA ASN D 86 -23.31 7.10 20.76
C ASN D 86 -21.87 7.55 20.68
N ASN D 87 -20.97 6.87 21.39
CA ASN D 87 -19.54 7.21 21.42
C ASN D 87 -18.80 5.88 21.37
N ILE D 88 -18.44 5.47 20.18
CA ILE D 88 -17.79 4.18 19.98
C ILE D 88 -16.30 4.37 20.13
N THR D 89 -15.63 3.38 20.71
CA THR D 89 -14.20 3.34 20.82
C THR D 89 -13.72 1.95 20.48
N THR D 90 -12.42 1.84 20.23
CA THR D 90 -11.83 0.53 19.98
C THR D 90 -11.89 -0.34 21.23
N GLY D 91 -11.78 0.28 22.40
CA GLY D 91 -11.81 -0.48 23.64
C GLY D 91 -13.17 -1.08 23.92
N LYS D 92 -14.22 -0.28 23.76
CA LYS D 92 -15.57 -0.81 23.92
C LYS D 92 -15.78 -2.04 23.05
N ILE D 93 -15.43 -1.93 21.77
CA ILE D 93 -15.66 -3.02 20.83
C ILE D 93 -14.87 -4.26 21.24
N TYR D 94 -13.56 -4.10 21.42
CA TYR D 94 -12.74 -5.26 21.76
C TYR D 94 -13.16 -5.89 23.07
N LYS D 95 -13.57 -5.09 24.05
CA LYS D 95 -13.99 -5.62 25.33
C LYS D 95 -15.30 -6.39 25.20
N LEU D 96 -16.25 -5.84 24.46
CA LEU D 96 -17.49 -6.55 24.20
C LEU D 96 -17.21 -7.90 23.55
N VAL D 97 -16.36 -7.90 22.54
CA VAL D 97 -16.09 -9.14 21.80
C VAL D 97 -15.37 -10.15 22.68
N ILE D 98 -14.44 -9.68 23.51
CA ILE D 98 -13.69 -10.59 24.38
C ILE D 98 -14.61 -11.19 25.43
N GLU D 99 -15.52 -10.39 25.99
CA GLU D 99 -16.49 -10.93 26.93
C GLU D 99 -17.37 -11.96 26.25
N LYS D 100 -17.88 -11.65 25.06
CA LYS D 100 -18.68 -12.61 24.31
C LYS D 100 -17.92 -13.91 24.12
N GLU D 101 -16.64 -13.82 23.77
CA GLU D 101 -15.83 -15.02 23.55
C GLU D 101 -15.70 -15.82 24.84
N ARG D 102 -15.22 -15.19 25.91
CA ARG D 102 -15.00 -15.91 27.15
C ARG D 102 -16.29 -16.56 27.65
N THR D 103 -17.42 -15.90 27.45
CA THR D 103 -18.70 -16.49 27.83
C THR D 103 -19.00 -17.74 27.00
N GLY D 104 -18.89 -17.62 25.68
CA GLY D 104 -19.12 -18.74 24.79
C GLY D 104 -20.18 -18.48 23.74
N GLU D 105 -20.40 -17.21 23.42
CA GLU D 105 -21.39 -16.84 22.41
C GLU D 105 -20.85 -16.93 20.99
N TYR D 106 -19.54 -17.18 20.83
CA TYR D 106 -18.93 -17.48 19.53
C TYR D 106 -18.60 -18.94 19.43
N LEU D 107 -19.48 -19.79 19.95
CA LEU D 107 -19.20 -21.17 20.30
C LEU D 107 -18.30 -21.86 19.29
N GLY D 108 -17.16 -22.35 19.76
CA GLY D 108 -16.32 -23.26 19.02
C GLY D 108 -15.48 -22.64 17.92
N LYS D 109 -15.82 -21.44 17.47
CA LYS D 109 -15.18 -20.88 16.30
C LYS D 109 -14.03 -19.96 16.69
N THR D 110 -13.26 -19.58 15.69
CA THR D 110 -12.13 -18.68 15.85
C THR D 110 -12.60 -17.25 15.64
N VAL D 111 -12.25 -16.38 16.58
CA VAL D 111 -12.61 -14.97 16.53
C VAL D 111 -11.44 -14.20 15.92
N GLN D 112 -11.72 -13.43 14.89
CA GLN D 112 -10.71 -12.63 14.20
C GLN D 112 -11.24 -11.22 14.05
N VAL D 113 -10.34 -10.31 13.69
CA VAL D 113 -10.76 -8.94 13.41
C VAL D 113 -11.84 -8.93 12.35
N VAL D 114 -11.53 -9.43 11.16
CA VAL D 114 -12.53 -9.71 10.14
C VAL D 114 -12.95 -11.17 10.29
N PRO D 115 -14.24 -11.47 10.40
CA PRO D 115 -15.41 -10.60 10.30
C PRO D 115 -16.01 -10.16 11.62
N HIS D 116 -15.47 -10.60 12.75
CA HIS D 116 -16.19 -10.50 14.01
C HIS D 116 -16.18 -9.08 14.57
N ILE D 117 -15.01 -8.45 14.63
CA ILE D 117 -14.93 -7.09 15.13
C ILE D 117 -15.74 -6.15 14.24
N THR D 118 -15.64 -6.33 12.92
CA THR D 118 -16.39 -5.47 12.01
C THR D 118 -17.88 -5.74 12.09
N ASP D 119 -18.29 -6.97 12.34
CA ASP D 119 -19.70 -7.25 12.55
C ASP D 119 -20.20 -6.61 13.84
N ALA D 120 -19.37 -6.61 14.87
CA ALA D 120 -19.72 -5.92 16.10
C ALA D 120 -19.90 -4.43 15.85
N ILE D 121 -19.00 -3.83 15.09
CA ILE D 121 -19.11 -2.42 14.78
C ILE D 121 -20.40 -2.14 14.01
N GLN D 122 -20.69 -2.96 13.00
CA GLN D 122 -21.90 -2.76 12.20
C GLN D 122 -23.15 -2.90 13.05
N GLU D 123 -23.24 -3.96 13.85
CA GLU D 123 -24.41 -4.15 14.70
C GLU D 123 -24.55 -3.02 15.70
N TRP D 124 -23.45 -2.56 16.26
CA TRP D 124 -23.49 -1.41 17.16
C TRP D 124 -24.09 -0.20 16.46
N VAL D 125 -23.58 0.12 15.28
CA VAL D 125 -24.05 1.30 14.57
C VAL D 125 -25.53 1.18 14.25
N GLU D 126 -25.95 0.01 13.76
CA GLU D 126 -27.35 -0.17 13.40
C GLU D 126 -28.26 -0.09 14.62
N ARG D 127 -27.86 -0.73 15.72
CA ARG D 127 -28.67 -0.70 16.94
C ARG D 127 -28.76 0.71 17.50
N VAL D 128 -27.67 1.47 17.42
CA VAL D 128 -27.65 2.80 18.03
C VAL D 128 -28.41 3.80 17.17
N ALA D 129 -28.37 3.67 15.85
CA ALA D 129 -29.06 4.63 15.02
C ALA D 129 -30.57 4.49 15.08
N GLN D 130 -31.09 3.54 15.85
CA GLN D 130 -32.52 3.33 15.99
C GLN D 130 -33.02 3.65 17.40
N THR D 131 -32.16 4.19 18.27
CA THR D 131 -32.56 4.54 19.61
C THR D 131 -33.20 5.93 19.61
N PRO D 132 -34.47 6.07 19.95
CA PRO D 132 -35.09 7.40 19.94
C PRO D 132 -34.31 8.37 20.80
N VAL D 133 -33.82 9.44 20.18
CA VAL D 133 -32.88 10.36 20.81
C VAL D 133 -33.48 11.72 21.09
N GLN D 134 -34.64 12.04 20.55
CA GLN D 134 -35.35 13.28 20.83
C GLN D 134 -36.77 12.99 21.27
N GLY D 135 -36.91 12.03 22.19
CA GLY D 135 -38.21 11.63 22.68
C GLY D 135 -38.53 10.19 22.33
N SER D 136 -39.52 10.00 21.49
CA SER D 136 -39.90 8.68 21.00
C SER D 136 -39.78 8.55 19.49
N SER D 137 -39.44 9.64 18.80
CA SER D 137 -39.32 9.60 17.35
C SER D 137 -38.12 8.74 16.94
N LYS D 138 -38.33 7.91 15.93
CA LYS D 138 -37.25 7.06 15.46
C LYS D 138 -36.41 7.80 14.42
N PRO D 139 -35.08 7.76 14.52
CA PRO D 139 -34.26 8.48 13.55
C PRO D 139 -34.47 7.98 12.13
N GLN D 140 -34.10 8.83 11.18
CA GLN D 140 -34.10 8.50 9.78
C GLN D 140 -32.74 8.64 9.14
N VAL D 141 -31.89 9.52 9.66
CA VAL D 141 -30.52 9.68 9.20
C VAL D 141 -29.59 9.54 10.41
N CYS D 142 -28.42 8.96 10.18
CA CYS D 142 -27.40 8.82 11.20
C CYS D 142 -26.08 9.32 10.64
N ILE D 143 -25.49 10.30 11.31
CA ILE D 143 -24.23 10.87 10.87
C ILE D 143 -23.09 10.27 11.70
N VAL D 144 -22.31 9.41 11.08
CA VAL D 144 -21.14 8.85 11.73
C VAL D 144 -19.93 9.71 11.40
N GLU D 145 -19.17 10.05 12.44
CA GLU D 145 -17.94 10.81 12.29
C GLU D 145 -16.79 9.96 12.76
N LEU D 146 -15.91 9.60 11.82
CA LEU D 146 -14.77 8.72 12.09
C LEU D 146 -13.58 9.58 12.44
N GLY D 147 -13.27 9.65 13.73
CA GLY D 147 -12.15 10.44 14.17
C GLY D 147 -10.83 9.88 13.68
N GLY D 148 -9.85 10.78 13.59
CA GLY D 148 -8.55 10.42 13.08
C GLY D 148 -8.36 10.85 11.64
N THR D 149 -7.43 10.16 10.98
CA THR D 149 -7.13 10.39 9.58
C THR D 149 -7.06 9.04 8.87
N ILE D 150 -7.57 9.01 7.64
CA ILE D 150 -7.59 7.76 6.89
C ILE D 150 -6.16 7.39 6.52
N GLY D 151 -5.70 6.25 7.02
CA GLY D 151 -4.35 5.80 6.75
C GLY D 151 -3.69 5.25 8.00
N ASP D 152 -4.16 5.71 9.16
CA ASP D 152 -3.57 5.31 10.42
C ASP D 152 -3.95 3.87 10.77
N ILE D 153 -3.08 3.25 11.56
CA ILE D 153 -3.29 1.86 11.95
C ILE D 153 -4.39 1.72 13.00
N GLU D 154 -4.86 2.84 13.55
CA GLU D 154 -5.86 2.76 14.62
C GLU D 154 -7.26 2.56 14.06
N GLY D 155 -7.52 3.07 12.85
CA GLY D 155 -8.86 3.08 12.31
C GLY D 155 -9.06 2.27 11.05
N MET D 156 -8.35 1.16 10.94
CA MET D 156 -8.54 0.26 9.81
C MET D 156 -9.73 -0.66 10.03
N PRO D 157 -9.92 -1.20 11.24
CA PRO D 157 -11.15 -1.96 11.50
C PRO D 157 -12.40 -1.22 11.08
N PHE D 158 -12.48 0.08 11.38
CA PHE D 158 -13.69 0.84 11.09
C PHE D 158 -13.85 1.08 9.59
N VAL D 159 -12.75 1.39 8.91
CA VAL D 159 -12.83 1.60 7.47
C VAL D 159 -13.26 0.32 6.77
N GLU D 160 -12.71 -0.83 7.17
CA GLU D 160 -13.16 -2.10 6.61
C GLU D 160 -14.62 -2.36 6.93
N ALA D 161 -15.03 -2.09 8.16
CA ALA D 161 -16.43 -2.26 8.55
C ALA D 161 -17.35 -1.48 7.63
N PHE D 162 -16.98 -0.25 7.32
CA PHE D 162 -17.86 0.58 6.50
C PHE D 162 -17.78 0.22 5.03
N ARG D 163 -16.61 -0.25 4.58
CA ARG D 163 -16.51 -0.83 3.26
C ARG D 163 -17.51 -1.96 3.07
N GLN D 164 -17.68 -2.78 4.10
CA GLN D 164 -18.70 -3.82 4.03
C GLN D 164 -20.11 -3.26 4.26
N PHE D 165 -20.21 -2.19 5.03
CA PHE D 165 -21.51 -1.61 5.37
C PHE D 165 -22.18 -1.02 4.14
N GLN D 166 -21.41 -0.45 3.23
CA GLN D 166 -22.02 0.18 2.06
C GLN D 166 -22.68 -0.87 1.17
N PHE D 167 -22.14 -2.09 1.16
CA PHE D 167 -22.80 -3.18 0.45
C PHE D 167 -23.94 -3.75 1.26
N ARG D 168 -23.78 -3.80 2.59
CA ARG D 168 -24.81 -4.35 3.45
C ARG D 168 -26.07 -3.51 3.46
N VAL D 169 -25.95 -2.21 3.19
CA VAL D 169 -27.09 -1.30 3.28
C VAL D 169 -27.36 -0.61 1.94
N LYS D 170 -27.06 -1.26 0.82
CA LYS D 170 -27.69 -0.81 -0.42
C LYS D 170 -27.34 0.64 -0.75
N ARG D 171 -26.14 0.85 -1.30
CA ARG D 171 -25.47 2.14 -1.38
C ARG D 171 -26.42 3.33 -1.53
N GLU D 172 -27.61 3.13 -2.10
CA GLU D 172 -28.59 4.21 -2.10
C GLU D 172 -28.97 4.66 -0.69
N ASN D 173 -28.53 3.96 0.34
CA ASN D 173 -28.71 4.36 1.73
C ASN D 173 -27.36 4.55 2.41
N PHE D 174 -26.44 5.23 1.74
CA PHE D 174 -25.10 5.44 2.30
C PHE D 174 -24.33 6.48 1.51
N CYS D 175 -23.78 7.47 2.21
CA CYS D 175 -22.94 8.49 1.62
C CYS D 175 -21.67 8.64 2.45
N LEU D 176 -20.63 9.16 1.82
CA LEU D 176 -19.33 9.34 2.47
C LEU D 176 -18.77 10.70 2.06
N ALA D 177 -18.53 11.56 3.05
CA ALA D 177 -18.00 12.89 2.84
C ALA D 177 -16.60 12.95 3.42
N HIS D 178 -15.64 13.39 2.62
CA HIS D 178 -14.24 13.45 2.99
C HIS D 178 -13.82 14.89 3.17
N VAL D 179 -13.32 15.21 4.36
CA VAL D 179 -12.88 16.55 4.70
C VAL D 179 -11.36 16.58 4.62
N SER D 180 -10.82 17.44 3.78
CA SER D 180 -9.39 17.52 3.55
C SER D 180 -8.93 18.96 3.66
N LEU D 181 -7.61 19.12 3.73
CA LEU D 181 -6.98 20.42 3.91
C LEU D 181 -6.24 20.82 2.64
N VAL D 182 -6.41 22.08 2.25
CA VAL D 182 -5.73 22.63 1.07
C VAL D 182 -4.72 23.65 1.56
N PRO D 183 -3.48 23.26 1.83
CA PRO D 183 -2.52 24.21 2.39
C PRO D 183 -2.11 25.25 1.36
N LEU D 184 -1.92 26.48 1.83
CA LEU D 184 -1.50 27.61 1.01
C LEU D 184 -0.23 28.18 1.63
N PRO D 185 0.93 27.58 1.37
CA PRO D 185 2.17 28.09 1.97
C PRO D 185 2.43 29.52 1.56
N LYS D 186 3.26 30.19 2.36
CA LYS D 186 3.59 31.58 2.10
C LYS D 186 4.77 31.72 1.14
N ALA D 187 5.51 30.64 0.91
CA ALA D 187 6.59 30.67 -0.07
C ALA D 187 6.04 30.58 -1.49
N THR D 188 5.35 29.48 -1.79
CA THR D 188 4.80 29.28 -3.12
C THR D 188 3.65 30.24 -3.40
N GLY D 189 2.94 30.68 -2.36
CA GLY D 189 1.81 31.56 -2.54
C GLY D 189 0.78 31.00 -3.49
N GLU D 190 0.50 29.70 -3.37
CA GLU D 190 -0.43 29.04 -4.26
C GLU D 190 -1.02 27.84 -3.52
N PRO D 191 -2.33 27.61 -3.60
CA PRO D 191 -2.91 26.45 -2.93
C PRO D 191 -2.42 25.15 -3.53
N LYS D 192 -2.11 24.19 -2.66
CA LYS D 192 -1.58 22.90 -3.06
C LYS D 192 -2.65 21.83 -2.86
N THR D 193 -2.82 20.98 -3.87
CA THR D 193 -3.86 19.97 -3.90
C THR D 193 -3.32 18.55 -3.72
N LYS D 194 -2.01 18.40 -3.62
CA LYS D 194 -1.40 17.07 -3.60
C LYS D 194 -1.74 16.32 -2.31
N PRO D 195 -1.81 16.99 -1.17
CA PRO D 195 -2.25 16.28 0.04
C PRO D 195 -3.62 15.66 -0.11
N THR D 196 -4.59 16.42 -0.64
CA THR D 196 -5.92 15.88 -0.86
C THR D 196 -5.88 14.72 -1.84
N GLN D 197 -5.02 14.81 -2.85
CA GLN D 197 -4.89 13.71 -3.81
C GLN D 197 -4.41 12.45 -3.10
N SER D 198 -3.35 12.55 -2.32
CA SER D 198 -2.84 11.39 -1.60
C SER D 198 -3.86 10.83 -0.64
N SER D 199 -4.64 11.70 0.02
CA SER D 199 -5.63 11.23 0.97
C SER D 199 -6.74 10.48 0.27
N VAL D 200 -7.24 11.02 -0.83
CA VAL D 200 -8.28 10.32 -1.59
C VAL D 200 -7.75 9.01 -2.17
N ARG D 201 -6.47 8.98 -2.55
CA ARG D 201 -5.88 7.76 -3.05
C ARG D 201 -5.79 6.70 -1.96
N GLU D 202 -5.31 7.08 -0.78
CA GLU D 202 -5.27 6.16 0.36
C GLU D 202 -6.66 5.65 0.69
N LEU D 203 -7.66 6.54 0.66
CA LEU D 203 -9.03 6.13 0.91
C LEU D 203 -9.49 5.10 -0.09
N ARG D 204 -9.44 5.43 -1.39
CA ARG D 204 -9.86 4.48 -2.42
C ARG D 204 -9.06 3.19 -2.34
N GLY D 205 -7.84 3.23 -1.84
CA GLY D 205 -7.10 2.03 -1.58
C GLY D 205 -7.59 1.22 -0.40
N CYS D 206 -8.67 1.66 0.23
CA CYS D 206 -9.31 0.93 1.31
C CYS D 206 -10.71 0.45 0.95
N GLY D 207 -11.18 0.76 -0.26
CA GLY D 207 -12.46 0.29 -0.73
C GLY D 207 -13.57 1.32 -0.71
N LEU D 208 -13.28 2.56 -0.38
CA LEU D 208 -14.28 3.61 -0.30
C LEU D 208 -13.96 4.73 -1.28
N SER D 209 -15.02 5.29 -1.86
CA SER D 209 -14.90 6.36 -2.83
C SER D 209 -15.76 7.53 -2.37
N PRO D 210 -15.19 8.73 -2.26
CA PRO D 210 -15.99 9.85 -1.75
C PRO D 210 -17.08 10.28 -2.71
N ASP D 211 -18.18 10.77 -2.13
CA ASP D 211 -19.24 11.42 -2.86
C ASP D 211 -19.15 12.93 -2.77
N LEU D 212 -18.77 13.46 -1.60
CA LEU D 212 -18.44 14.87 -1.43
C LEU D 212 -17.00 14.97 -0.93
N ILE D 213 -16.35 16.08 -1.30
CA ILE D 213 -15.00 16.38 -0.84
C ILE D 213 -15.03 17.81 -0.35
N VAL D 214 -15.15 17.99 0.96
CA VAL D 214 -15.17 19.31 1.58
C VAL D 214 -13.72 19.73 1.81
N CYS D 215 -13.29 20.77 1.10
CA CYS D 215 -11.91 21.22 1.16
C CYS D 215 -11.83 22.41 2.10
N ARG D 216 -11.10 22.25 3.19
CA ARG D 216 -10.93 23.28 4.21
C ARG D 216 -9.65 24.05 3.94
N SER D 217 -9.77 25.33 3.68
CA SER D 217 -8.63 26.21 3.47
C SER D 217 -8.80 27.45 4.34
N GLU D 218 -7.72 28.22 4.46
CA GLU D 218 -7.79 29.45 5.24
C GLU D 218 -8.49 30.56 4.47
N LYS D 219 -8.18 30.69 3.18
CA LYS D 219 -8.80 31.67 2.31
C LYS D 219 -9.52 30.98 1.16
N PRO D 220 -10.49 31.64 0.55
CA PRO D 220 -11.23 31.00 -0.53
C PRO D 220 -10.33 30.65 -1.71
N ILE D 221 -10.60 29.50 -2.31
CA ILE D 221 -9.87 29.04 -3.48
C ILE D 221 -10.78 29.16 -4.69
N GLY D 222 -10.16 29.25 -5.87
CA GLY D 222 -10.89 29.52 -7.08
C GLY D 222 -11.37 28.27 -7.80
N LEU D 223 -12.06 28.50 -8.92
CA LEU D 223 -12.59 27.38 -9.70
C LEU D 223 -11.50 26.53 -10.30
N GLU D 224 -10.30 27.07 -10.47
CA GLU D 224 -9.18 26.28 -10.99
C GLU D 224 -8.88 25.09 -10.09
N VAL D 225 -8.73 25.35 -8.78
CA VAL D 225 -8.43 24.28 -7.85
C VAL D 225 -9.63 23.36 -7.70
N LYS D 226 -10.85 23.91 -7.73
CA LYS D 226 -12.04 23.07 -7.67
C LYS D 226 -12.05 22.06 -8.80
N GLU D 227 -11.83 22.51 -10.03
CA GLU D 227 -11.85 21.58 -11.15
C GLU D 227 -10.67 20.64 -11.14
N LYS D 228 -9.51 21.09 -10.64
CA LYS D 228 -8.39 20.18 -10.47
C LYS D 228 -8.76 19.04 -9.54
N ILE D 229 -9.41 19.36 -8.42
CA ILE D 229 -9.83 18.33 -7.47
C ILE D 229 -10.86 17.41 -8.11
N SER D 230 -11.82 18.00 -8.83
CA SER D 230 -12.85 17.20 -9.49
C SER D 230 -12.21 16.20 -10.45
N ASN D 231 -11.24 16.65 -11.25
CA ASN D 231 -10.53 15.77 -12.16
C ASN D 231 -9.81 14.67 -11.39
N PHE D 232 -8.89 15.06 -10.52
CA PHE D 232 -8.03 14.10 -9.84
C PHE D 232 -8.74 13.32 -8.75
N CYS D 233 -10.06 13.46 -8.62
CA CYS D 233 -10.83 12.67 -7.67
C CYS D 233 -12.09 12.07 -8.28
N HIS D 234 -12.32 12.28 -9.57
CA HIS D 234 -13.46 11.69 -10.28
C HIS D 234 -14.79 12.07 -9.66
N VAL D 235 -14.82 13.16 -8.89
CA VAL D 235 -16.06 13.73 -8.42
C VAL D 235 -16.42 14.88 -9.35
N GLY D 236 -17.71 15.21 -9.40
CA GLY D 236 -18.17 16.29 -10.22
C GLY D 236 -17.56 17.62 -9.82
N PRO D 237 -17.97 18.69 -10.48
CA PRO D 237 -17.51 20.02 -10.10
C PRO D 237 -18.42 20.73 -9.11
N ASP D 238 -19.59 20.16 -8.83
CA ASP D 238 -20.54 20.73 -7.89
C ASP D 238 -20.60 19.98 -6.57
N GLN D 239 -20.02 18.79 -6.49
CA GLN D 239 -19.92 18.05 -5.24
C GLN D 239 -18.52 18.14 -4.65
N VAL D 240 -17.86 19.28 -4.85
CA VAL D 240 -16.60 19.62 -4.21
C VAL D 240 -16.84 20.92 -3.46
N ILE D 241 -17.20 20.80 -2.19
CA ILE D 241 -17.54 21.96 -1.38
C ILE D 241 -16.28 22.60 -0.85
N CYS D 242 -16.24 23.92 -0.87
CA CYS D 242 -15.10 24.69 -0.39
C CYS D 242 -15.54 25.50 0.82
N ILE D 243 -14.87 25.30 1.93
CA ILE D 243 -15.24 25.91 3.21
C ILE D 243 -14.00 26.59 3.75
N HIS D 244 -13.94 27.91 3.63
CA HIS D 244 -12.82 28.68 4.12
C HIS D 244 -13.04 29.03 5.59
N ASP D 245 -12.13 29.79 6.18
CA ASP D 245 -12.23 30.20 7.57
C ASP D 245 -13.24 31.33 7.68
N LEU D 246 -14.40 31.04 8.24
CA LEU D 246 -15.47 32.01 8.37
C LEU D 246 -15.36 32.72 9.72
N ASN D 247 -16.16 33.78 9.87
CA ASN D 247 -16.19 34.52 11.12
C ASN D 247 -16.56 33.61 12.28
N SER D 248 -17.78 33.08 12.24
CA SER D 248 -18.28 32.14 13.23
C SER D 248 -18.58 30.81 12.56
N ILE D 249 -19.13 29.88 13.33
CA ILE D 249 -19.46 28.55 12.82
C ILE D 249 -20.92 28.41 12.44
N TYR D 250 -21.76 29.39 12.78
CA TYR D 250 -23.13 29.43 12.30
C TYR D 250 -23.21 29.81 10.82
N HIS D 251 -22.07 30.08 10.19
CA HIS D 251 -22.01 30.33 8.76
C HIS D 251 -21.88 29.05 7.94
N VAL D 252 -21.35 27.98 8.54
CA VAL D 252 -21.01 26.75 7.84
C VAL D 252 -22.27 26.11 7.25
N PRO D 253 -23.32 25.87 8.04
CA PRO D 253 -24.55 25.34 7.44
C PRO D 253 -25.06 26.18 6.28
N LEU D 254 -24.96 27.50 6.38
CA LEU D 254 -25.41 28.36 5.30
C LEU D 254 -24.51 28.25 4.09
N LEU D 255 -23.19 28.26 4.31
CA LEU D 255 -22.25 28.10 3.21
C LEU D 255 -22.39 26.75 2.54
N MET D 256 -22.97 25.76 3.23
CA MET D 256 -23.21 24.46 2.63
C MET D 256 -24.51 24.44 1.86
N GLU D 257 -25.58 24.98 2.45
CA GLU D 257 -26.85 25.07 1.74
C GLU D 257 -26.68 25.84 0.43
N GLN D 258 -26.02 26.99 0.50
CA GLN D 258 -25.83 27.80 -0.70
C GLN D 258 -25.06 27.05 -1.77
N ASN D 259 -24.25 26.06 -1.39
CA ASN D 259 -23.49 25.27 -2.33
C ASN D 259 -24.26 24.06 -2.84
N GLY D 260 -25.55 23.96 -2.51
CA GLY D 260 -26.38 22.91 -3.07
C GLY D 260 -26.15 21.53 -2.52
N VAL D 261 -25.83 21.42 -1.23
CA VAL D 261 -25.63 20.10 -0.63
C VAL D 261 -26.96 19.47 -0.26
N ILE D 262 -27.94 20.27 0.13
CA ILE D 262 -29.26 19.72 0.48
C ILE D 262 -29.85 19.01 -0.73
N GLU D 263 -29.83 19.67 -1.87
CA GLU D 263 -30.39 19.08 -3.09
C GLU D 263 -29.62 17.82 -3.48
N TYR D 264 -28.29 17.90 -3.44
CA TYR D 264 -27.47 16.74 -3.76
C TYR D 264 -27.85 15.54 -2.90
N LEU D 265 -27.94 15.74 -1.59
CA LEU D 265 -28.27 14.63 -0.71
C LEU D 265 -29.68 14.13 -0.97
N ASN D 266 -30.65 15.04 -1.13
CA ASN D 266 -32.01 14.63 -1.41
C ASN D 266 -32.08 13.78 -2.68
N GLU D 267 -31.18 14.02 -3.62
CA GLU D 267 -31.16 13.25 -4.86
C GLU D 267 -30.34 11.98 -4.74
N ARG D 268 -29.40 11.94 -3.79
CA ARG D 268 -28.45 10.84 -3.69
C ARG D 268 -28.90 9.78 -2.69
N LEU D 269 -29.44 10.18 -1.55
CA LEU D 269 -29.98 9.25 -0.58
C LEU D 269 -31.47 9.01 -0.76
N GLN D 270 -32.13 9.76 -1.64
CA GLN D 270 -33.56 9.60 -1.89
C GLN D 270 -34.36 9.78 -0.60
N LEU D 271 -34.29 11.00 -0.07
CA LEU D 271 -34.93 11.32 1.21
C LEU D 271 -36.34 11.86 1.05
N ASN D 272 -36.73 12.26 -0.16
CA ASN D 272 -38.07 12.79 -0.42
C ASN D 272 -38.31 14.07 0.38
N ILE D 273 -37.45 15.07 0.10
CA ILE D 273 -37.53 16.38 0.73
C ILE D 273 -38.29 17.30 -0.21
N ASP D 274 -39.41 17.83 0.26
CA ASP D 274 -40.23 18.74 -0.55
C ASP D 274 -39.52 20.08 -0.66
N MET D 275 -38.97 20.37 -1.84
CA MET D 275 -38.17 21.57 -2.02
C MET D 275 -38.97 22.84 -1.73
N SER D 276 -40.19 22.91 -2.26
CA SER D 276 -40.98 24.13 -2.13
C SER D 276 -41.19 24.55 -0.68
N LYS D 277 -41.13 23.61 0.26
CA LYS D 277 -41.33 23.92 1.67
C LYS D 277 -40.02 24.01 2.44
N ARG D 278 -38.91 23.54 1.87
CA ARG D 278 -37.62 23.64 2.55
C ARG D 278 -37.02 25.03 2.45
N THR D 279 -37.81 26.03 2.09
CA THR D 279 -37.36 27.41 2.15
C THR D 279 -37.76 28.03 3.48
N LYS D 280 -36.88 28.88 4.01
CA LYS D 280 -37.15 29.62 5.25
C LYS D 280 -37.25 28.66 6.45
N CYS D 281 -36.39 27.66 6.47
CA CYS D 281 -36.21 26.83 7.65
C CYS D 281 -34.96 27.19 8.43
N LEU D 282 -33.90 27.62 7.75
CA LEU D 282 -32.68 28.09 8.38
C LEU D 282 -32.76 29.57 8.75
N GLN D 283 -33.98 30.12 8.86
CA GLN D 283 -34.12 31.54 9.16
C GLN D 283 -33.50 31.88 10.51
N GLN D 284 -33.70 31.01 11.50
CA GLN D 284 -33.10 31.24 12.81
C GLN D 284 -31.58 31.32 12.71
N TRP D 285 -30.99 30.42 11.92
CA TRP D 285 -29.53 30.42 11.80
C TRP D 285 -29.03 31.61 10.99
N ARG D 286 -29.80 32.07 10.01
CA ARG D 286 -29.42 33.29 9.30
C ARG D 286 -29.46 34.48 10.24
N ASP D 287 -30.50 34.57 11.08
CA ASP D 287 -30.57 35.64 12.06
C ASP D 287 -29.40 35.58 13.03
N LEU D 288 -29.07 34.39 13.53
CA LEU D 288 -27.96 34.25 14.46
C LEU D 288 -26.65 34.62 13.80
N ALA D 289 -26.45 34.21 12.55
CA ALA D 289 -25.22 34.53 11.84
C ALA D 289 -25.11 36.02 11.55
N ARG D 290 -26.24 36.70 11.38
CA ARG D 290 -26.21 38.15 11.19
C ARG D 290 -25.92 38.86 12.50
N ARG D 291 -26.52 38.40 13.60
CA ARG D 291 -26.24 38.97 14.91
C ARG D 291 -24.79 38.77 15.32
N THR D 292 -24.09 37.83 14.68
CA THR D 292 -22.67 37.65 14.98
C THR D 292 -21.82 38.75 14.37
N GLU D 293 -22.35 39.46 13.38
CA GLU D 293 -21.65 40.57 12.74
C GLU D 293 -22.17 41.93 13.17
N THR D 294 -23.43 42.00 13.62
CA THR D 294 -24.09 43.26 13.93
C THR D 294 -24.11 43.54 15.43
N VAL D 295 -23.05 43.19 16.15
CA VAL D 295 -22.96 43.44 17.58
C VAL D 295 -21.64 44.15 17.84
N ARG D 296 -21.72 45.37 18.40
CA ARG D 296 -20.54 46.14 18.80
C ARG D 296 -20.85 46.80 20.14
N ARG D 297 -20.54 46.10 21.23
CA ARG D 297 -20.70 46.66 22.57
C ARG D 297 -19.55 46.32 23.51
N GLU D 298 -18.77 45.27 23.23
CA GLU D 298 -17.51 44.99 23.91
C GLU D 298 -17.75 44.79 25.41
N VAL D 299 -18.47 43.72 25.72
CA VAL D 299 -18.51 43.18 27.08
C VAL D 299 -17.30 42.26 27.24
N CYS D 300 -16.56 42.46 28.32
CA CYS D 300 -15.34 41.69 28.58
C CYS D 300 -15.56 40.84 29.82
N ILE D 301 -15.15 39.57 29.72
CA ILE D 301 -15.31 38.61 30.80
C ILE D 301 -13.96 38.00 31.11
N ALA D 302 -13.76 37.65 32.38
CA ALA D 302 -12.52 37.04 32.85
C ALA D 302 -12.75 35.56 33.13
N VAL D 303 -11.91 34.72 32.54
CA VAL D 303 -11.98 33.28 32.72
C VAL D 303 -10.78 32.89 33.58
N VAL D 304 -10.99 32.82 34.89
CA VAL D 304 -9.92 32.51 35.84
C VAL D 304 -9.81 30.99 35.90
N GLY D 305 -8.97 30.43 35.04
CA GLY D 305 -8.77 29.00 34.98
C GLY D 305 -7.30 28.62 35.12
N LYS D 306 -7.07 27.32 35.15
CA LYS D 306 -5.73 26.76 35.30
C LYS D 306 -5.18 26.12 34.04
N TYR D 307 -6.03 25.82 33.07
CA TYR D 307 -5.60 25.26 31.78
C TYR D 307 -5.62 26.31 30.68
N THR D 308 -5.55 27.58 31.04
CA THR D 308 -5.83 28.66 30.09
C THR D 308 -4.83 28.70 28.95
N LYS D 309 -3.79 27.86 29.00
CA LYS D 309 -2.90 27.72 27.85
C LYS D 309 -3.61 27.09 26.66
N PHE D 310 -4.79 26.52 26.86
CA PHE D 310 -5.59 25.94 25.81
C PHE D 310 -6.94 26.64 25.76
N THR D 311 -7.46 26.83 24.54
CA THR D 311 -8.75 27.44 24.34
C THR D 311 -9.85 26.41 24.06
N ASP D 312 -9.49 25.13 23.98
CA ASP D 312 -10.46 24.06 23.80
C ASP D 312 -10.82 23.36 25.10
N SER D 313 -10.08 23.62 26.18
CA SER D 313 -10.38 23.05 27.48
C SER D 313 -11.53 23.73 28.18
N TYR D 314 -12.10 24.78 27.56
CA TYR D 314 -13.27 25.46 28.10
C TYR D 314 -14.32 25.66 27.01
N ALA D 315 -14.34 24.78 26.01
CA ALA D 315 -15.20 24.95 24.85
C ALA D 315 -16.63 25.28 25.22
N SER D 316 -17.26 24.42 26.03
CA SER D 316 -18.67 24.64 26.37
C SER D 316 -18.87 25.94 27.11
N VAL D 317 -17.94 26.30 27.99
CA VAL D 317 -18.05 27.54 28.75
C VAL D 317 -18.02 28.74 27.81
N VAL D 318 -16.99 28.81 26.97
CA VAL D 318 -16.86 29.90 26.01
C VAL D 318 -18.11 29.98 25.14
N LYS D 319 -18.60 28.84 24.68
CA LYS D 319 -19.72 28.85 23.75
C LYS D 319 -21.02 29.27 24.44
N ALA D 320 -21.18 28.92 25.72
CA ALA D 320 -22.36 29.38 26.44
C ALA D 320 -22.29 30.88 26.67
N LEU D 321 -21.09 31.39 26.97
CA LEU D 321 -20.93 32.84 27.07
C LEU D 321 -21.27 33.51 25.76
N GLN D 322 -20.86 32.93 24.64
CA GLN D 322 -21.17 33.51 23.33
C GLN D 322 -22.67 33.51 23.08
N HIS D 323 -23.34 32.39 23.39
CA HIS D 323 -24.79 32.34 23.21
C HIS D 323 -25.48 33.41 24.04
N ALA D 324 -25.12 33.52 25.32
CA ALA D 324 -25.75 34.52 26.16
C ALA D 324 -25.49 35.93 25.64
N ALA D 325 -24.26 36.22 25.24
CA ALA D 325 -23.95 37.53 24.69
C ALA D 325 -24.80 37.83 23.46
N LEU D 326 -24.80 36.91 22.50
CA LEU D 326 -25.61 37.10 21.30
C LEU D 326 -27.08 37.34 21.65
N ALA D 327 -27.57 36.69 22.70
CA ALA D 327 -28.94 36.95 23.13
C ALA D 327 -29.08 38.31 23.81
N VAL D 328 -27.99 38.85 24.35
CA VAL D 328 -27.99 40.19 24.94
C VAL D 328 -27.56 41.24 23.93
N ASN D 329 -27.13 40.84 22.73
CA ASN D 329 -26.72 41.76 21.68
C ASN D 329 -25.45 42.52 22.10
N ARG D 330 -24.42 41.76 22.44
CA ARG D 330 -23.14 42.31 22.83
C ARG D 330 -22.02 41.49 22.19
N LYS D 331 -20.87 42.15 21.99
CA LYS D 331 -19.71 41.50 21.37
C LYS D 331 -18.79 41.03 22.49
N LEU D 332 -18.79 39.72 22.73
CA LEU D 332 -17.99 39.16 23.79
C LEU D 332 -16.50 39.30 23.49
N GLU D 333 -15.73 39.59 24.52
CA GLU D 333 -14.27 39.58 24.46
C GLU D 333 -13.76 38.87 25.69
N LEU D 334 -13.03 37.78 25.49
CA LEU D 334 -12.62 36.90 26.58
C LEU D 334 -11.13 37.09 26.86
N VAL D 335 -10.80 37.31 28.12
CA VAL D 335 -9.42 37.34 28.59
C VAL D 335 -9.19 36.10 29.44
N PHE D 336 -8.16 35.35 29.11
CA PHE D 336 -7.88 34.07 29.75
C PHE D 336 -6.78 34.29 30.79
N ILE D 337 -7.20 34.40 32.04
CA ILE D 337 -6.30 34.68 33.16
C ILE D 337 -5.92 33.35 33.81
N GLU D 338 -4.63 33.05 33.82
CA GLU D 338 -4.15 31.85 34.50
C GLU D 338 -4.12 32.10 36.01
N SER D 339 -4.77 31.22 36.76
CA SER D 339 -4.88 31.41 38.20
C SER D 339 -3.57 31.20 38.93
N CYS D 340 -2.59 30.56 38.27
CA CYS D 340 -1.30 30.35 38.91
C CYS D 340 -0.53 31.65 39.05
N LEU D 341 -0.77 32.60 38.15
CA LEU D 341 -0.05 33.86 38.12
C LEU D 341 -0.67 34.93 39.02
N LEU D 342 -1.63 34.56 39.85
CA LEU D 342 -2.22 35.48 40.82
C LEU D 342 -1.69 35.25 42.23
N GLU D 343 -0.93 34.19 42.46
CA GLU D 343 -0.36 33.92 43.77
C GLU D 343 0.95 34.68 43.93
N GLU D 344 1.29 34.96 45.19
CA GLU D 344 2.51 35.69 45.49
C GLU D 344 3.77 34.95 45.10
N GLU D 345 3.69 33.65 44.85
CA GLU D 345 4.88 32.89 44.49
C GLU D 345 5.46 33.36 43.17
N THR D 346 4.61 33.86 42.26
CA THR D 346 5.11 34.47 41.04
C THR D 346 5.51 35.92 41.24
N LEU D 347 4.97 36.59 42.26
CA LEU D 347 5.45 37.92 42.61
C LEU D 347 6.92 37.86 43.02
N HIS D 348 7.31 36.79 43.71
CA HIS D 348 8.71 36.58 44.06
C HIS D 348 9.53 36.09 42.87
N SER D 349 8.89 35.79 41.74
CA SER D 349 9.58 35.29 40.56
C SER D 349 9.49 36.27 39.40
N GLU D 350 8.28 36.68 38.99
CA GLU D 350 8.11 37.63 37.90
C GLU D 350 7.01 38.62 38.29
N PRO D 351 7.34 39.65 39.07
CA PRO D 351 6.34 40.68 39.38
C PRO D 351 5.66 41.24 38.15
N SER D 352 6.36 41.27 37.01
CA SER D 352 5.76 41.77 35.78
C SER D 352 4.51 40.98 35.43
N LYS D 353 4.64 39.65 35.35
CA LYS D 353 3.49 38.80 35.01
C LYS D 353 2.41 38.91 36.06
N TYR D 354 2.79 38.91 37.34
CA TYR D 354 1.82 39.05 38.43
C TYR D 354 0.95 40.28 38.22
N HIS D 355 1.60 41.45 38.10
CA HIS D 355 0.86 42.69 37.96
C HIS D 355 0.09 42.75 36.66
N LYS D 356 0.63 42.18 35.58
CA LYS D 356 -0.08 42.19 34.31
C LYS D 356 -1.38 41.38 34.40
N GLU D 357 -1.31 40.18 34.96
CA GLU D 357 -2.51 39.36 35.09
C GLU D 357 -3.51 40.00 36.04
N TRP D 358 -3.03 40.56 37.15
CA TRP D 358 -3.95 41.21 38.07
C TRP D 358 -4.59 42.45 37.44
N GLN D 359 -3.85 43.15 36.57
CA GLN D 359 -4.43 44.26 35.84
C GLN D 359 -5.54 43.77 34.91
N LYS D 360 -5.22 42.77 34.09
CA LYS D 360 -6.24 42.13 33.27
C LYS D 360 -7.49 41.83 34.07
N LEU D 361 -7.32 41.16 35.20
CA LEU D 361 -8.46 40.79 36.04
C LEU D 361 -9.19 42.01 36.57
N CYS D 362 -8.48 43.12 36.77
CA CYS D 362 -9.08 44.27 37.42
C CYS D 362 -9.85 45.16 36.46
N ASP D 363 -9.48 45.17 35.18
CA ASP D 363 -10.13 46.02 34.19
C ASP D 363 -11.16 45.26 33.36
N SER D 364 -11.79 44.24 33.95
CA SER D 364 -12.80 43.45 33.29
C SER D 364 -14.15 43.67 33.94
N HIS D 365 -15.21 43.46 33.17
CA HIS D 365 -16.58 43.73 33.63
C HIS D 365 -17.18 42.55 34.37
N GLY D 366 -16.51 41.41 34.43
CA GLY D 366 -17.06 40.24 35.06
C GLY D 366 -16.01 39.17 35.21
N ILE D 367 -16.32 38.19 36.06
CA ILE D 367 -15.37 37.13 36.40
C ILE D 367 -16.09 35.79 36.36
N LEU D 368 -15.46 34.83 35.69
CA LEU D 368 -15.96 33.46 35.64
C LEU D 368 -14.86 32.54 36.15
N VAL D 369 -15.17 31.77 37.19
CA VAL D 369 -14.24 30.83 37.81
C VAL D 369 -14.67 29.42 37.44
N PRO D 370 -14.15 28.84 36.38
CA PRO D 370 -14.65 27.53 35.94
C PRO D 370 -14.27 26.41 36.90
N GLY D 371 -14.64 25.19 36.54
CA GLY D 371 -14.30 24.03 37.32
C GLY D 371 -12.90 23.53 37.03
N GLY D 372 -12.63 22.34 37.53
CA GLY D 372 -11.32 21.72 37.37
C GLY D 372 -11.07 20.73 38.48
N PHE D 373 -10.01 19.95 38.30
CA PHE D 373 -9.64 18.91 39.24
C PHE D 373 -8.21 19.12 39.69
N GLY D 374 -7.96 18.80 40.96
CA GLY D 374 -6.62 18.84 41.50
C GLY D 374 -6.39 19.98 42.48
N SER D 375 -5.14 20.42 42.57
CA SER D 375 -4.75 21.47 43.51
C SER D 375 -3.99 22.61 42.87
N ARG D 376 -3.31 22.39 41.75
CA ARG D 376 -2.46 23.41 41.14
C ARG D 376 -3.31 24.59 40.69
N GLY D 377 -3.19 25.70 41.38
CA GLY D 377 -3.80 26.94 40.96
C GLY D 377 -5.15 27.24 41.57
N MET D 378 -5.47 26.70 42.74
CA MET D 378 -6.73 27.03 43.39
C MET D 378 -6.63 28.26 44.27
N GLU D 379 -5.48 28.50 44.90
CA GLU D 379 -5.33 29.70 45.72
C GLU D 379 -5.65 30.96 44.91
N GLY D 380 -5.24 30.99 43.65
CA GLY D 380 -5.56 32.12 42.80
C GLY D 380 -7.06 32.29 42.61
N LYS D 381 -7.78 31.18 42.47
CA LYS D 381 -9.23 31.26 42.38
C LYS D 381 -9.83 31.89 43.62
N ILE D 382 -9.26 31.59 44.79
CA ILE D 382 -9.79 32.15 46.03
C ILE D 382 -9.48 33.63 46.12
N ARG D 383 -8.27 34.01 45.71
CA ARG D 383 -7.92 35.43 45.64
C ARG D 383 -8.89 36.17 44.73
N ALA D 384 -9.22 35.57 43.59
CA ALA D 384 -10.10 36.24 42.64
C ALA D 384 -11.52 36.35 43.20
N CYS D 385 -12.02 35.29 43.83
CA CYS D 385 -13.33 35.37 44.46
C CYS D 385 -13.37 36.48 45.50
N GLN D 386 -12.34 36.55 46.34
CA GLN D 386 -12.28 37.62 47.33
C GLN D 386 -12.30 38.99 46.67
N TRP D 387 -11.39 39.21 45.71
CA TRP D 387 -11.32 40.50 45.05
C TRP D 387 -12.65 40.89 44.42
N ALA D 388 -13.36 39.92 43.84
CA ALA D 388 -14.66 40.21 43.25
C ALA D 388 -15.74 40.41 44.30
N ARG D 389 -15.49 39.95 45.53
CA ARG D 389 -16.44 40.21 46.62
C ARG D 389 -16.17 41.53 47.31
N GLU D 390 -14.94 42.02 47.27
CA GLU D 390 -14.57 43.27 47.92
C GLU D 390 -14.54 44.45 46.95
N ASN D 391 -14.90 44.24 45.69
CA ASN D 391 -14.90 45.30 44.70
C ASN D 391 -16.23 45.36 43.93
N GLN D 392 -17.26 44.66 44.41
CA GLN D 392 -18.57 44.64 43.77
C GLN D 392 -18.43 44.32 42.28
N LYS D 393 -17.79 43.20 41.99
CA LYS D 393 -17.59 42.72 40.64
C LYS D 393 -18.32 41.39 40.46
N PRO D 394 -19.18 41.26 39.45
CA PRO D 394 -19.93 40.02 39.31
C PRO D 394 -19.01 38.81 39.17
N LEU D 395 -19.51 37.65 39.60
CA LEU D 395 -18.73 36.43 39.57
C LEU D 395 -19.65 35.24 39.40
N LEU D 396 -19.17 34.24 38.66
CA LEU D 396 -19.88 32.97 38.54
C LEU D 396 -18.90 31.82 38.67
N GLY D 397 -19.18 30.91 39.60
CA GLY D 397 -18.33 29.74 39.83
C GLY D 397 -19.07 28.47 39.52
N ILE D 398 -18.33 27.47 39.02
CA ILE D 398 -18.92 26.24 38.49
C ILE D 398 -18.19 25.06 39.12
N CYS D 399 -18.72 24.55 40.24
CA CYS D 399 -18.35 23.26 40.80
C CYS D 399 -16.95 23.25 41.40
N LEU D 400 -16.17 24.29 41.13
CA LEU D 400 -14.94 24.54 41.85
C LEU D 400 -14.78 25.99 42.28
N GLY D 401 -15.38 26.94 41.56
CA GLY D 401 -15.46 28.29 42.06
C GLY D 401 -16.43 28.42 43.21
N LEU D 402 -17.33 27.44 43.35
CA LEU D 402 -18.22 27.44 44.52
C LEU D 402 -17.46 27.03 45.77
N GLN D 403 -16.69 25.95 45.68
CA GLN D 403 -15.84 25.56 46.80
C GLN D 403 -14.86 26.67 47.12
N ALA D 404 -14.24 27.25 46.09
CA ALA D 404 -13.29 28.34 46.33
C ALA D 404 -13.97 29.54 46.96
N ALA D 405 -15.19 29.87 46.52
CA ALA D 405 -15.90 31.00 47.10
C ALA D 405 -16.24 30.75 48.56
N VAL D 406 -16.69 29.54 48.89
CA VAL D 406 -17.00 29.21 50.27
C VAL D 406 -15.75 29.27 51.12
N ILE D 407 -14.63 28.76 50.59
CA ILE D 407 -13.36 28.81 51.31
C ILE D 407 -12.95 30.26 51.56
N GLU D 408 -13.12 31.12 50.55
CA GLU D 408 -12.80 32.52 50.71
C GLU D 408 -13.66 33.16 51.80
N PHE D 409 -14.98 32.95 51.72
CA PHE D 409 -15.88 33.50 52.72
C PHE D 409 -15.46 33.05 54.11
N ALA D 410 -15.16 31.76 54.26
CA ALA D 410 -14.73 31.25 55.55
C ALA D 410 -13.47 31.96 56.04
N ARG D 411 -12.39 31.86 55.27
CA ARG D 411 -11.09 32.36 55.72
C ARG D 411 -10.99 33.88 55.71
N ASN D 412 -12.02 34.60 55.24
CA ASN D 412 -11.97 36.05 55.24
C ASN D 412 -13.13 36.71 55.98
N LYS D 413 -14.04 35.93 56.56
CA LYS D 413 -15.11 36.50 57.37
C LYS D 413 -15.19 35.79 58.71
N LEU D 414 -14.78 34.53 58.76
CA LEU D 414 -14.64 33.78 60.00
C LEU D 414 -13.20 33.73 60.48
N GLY D 415 -12.27 34.31 59.72
CA GLY D 415 -10.87 34.31 60.11
C GLY D 415 -10.22 32.95 60.13
N LEU D 416 -10.92 31.90 59.68
CA LEU D 416 -10.38 30.54 59.70
C LEU D 416 -9.35 30.43 58.57
N LYS D 417 -8.16 30.93 58.86
CA LYS D 417 -7.07 30.89 57.89
C LYS D 417 -6.73 29.46 57.46
N ASP D 418 -7.19 28.46 58.19
CA ASP D 418 -6.94 27.06 57.85
C ASP D 418 -8.06 26.46 57.00
N ALA D 419 -9.08 27.24 56.66
CA ALA D 419 -10.16 26.72 55.83
C ALA D 419 -9.60 26.18 54.53
N ASN D 420 -10.05 24.99 54.13
CA ASN D 420 -9.55 24.33 52.94
C ASN D 420 -10.44 23.14 52.65
N THR D 421 -10.13 22.45 51.55
CA THR D 421 -10.82 21.23 51.18
C THR D 421 -10.11 20.02 51.77
N THR D 422 -10.80 18.89 51.74
CA THR D 422 -10.14 17.62 52.08
C THR D 422 -9.28 17.11 50.94
N GLU D 423 -9.19 17.83 49.83
CA GLU D 423 -8.41 17.41 48.67
C GLU D 423 -7.01 18.01 48.69
N ILE D 424 -6.89 19.31 48.97
CA ILE D 424 -5.58 19.96 48.91
C ILE D 424 -4.71 19.47 50.07
N ASP D 425 -5.29 19.37 51.26
CA ASP D 425 -4.57 18.91 52.44
C ASP D 425 -5.53 18.12 53.32
N PRO D 426 -5.44 16.79 53.34
CA PRO D 426 -6.47 16.00 54.04
C PRO D 426 -6.44 16.15 55.54
N ASN D 427 -5.27 16.34 56.15
CA ASN D 427 -5.14 16.39 57.60
C ASN D 427 -5.35 17.78 58.17
N THR D 428 -6.11 18.62 57.47
CA THR D 428 -6.36 19.97 57.95
C THR D 428 -7.26 19.96 59.17
N ALA D 429 -7.12 20.99 60.00
CA ALA D 429 -7.98 21.11 61.17
C ALA D 429 -9.40 21.51 60.77
N ASN D 430 -9.52 22.56 59.97
CA ASN D 430 -10.81 23.01 59.47
C ASN D 430 -10.97 22.56 58.01
N ALA D 431 -12.10 21.93 57.71
CA ALA D 431 -12.37 21.39 56.38
C ALA D 431 -13.76 21.83 55.96
N LEU D 432 -13.82 22.77 55.02
CA LEU D 432 -15.09 23.26 54.51
C LEU D 432 -15.66 22.37 53.40
N VAL D 433 -14.82 21.56 52.77
CA VAL D 433 -15.22 20.72 51.64
C VAL D 433 -14.82 19.29 51.95
N ILE D 434 -15.80 18.40 51.96
CA ILE D 434 -15.59 17.00 52.30
C ILE D 434 -16.28 16.13 51.27
N ASP D 435 -15.80 14.89 51.15
CA ASP D 435 -16.38 13.96 50.18
C ASP D 435 -17.79 13.56 50.62
N MET D 436 -18.65 13.37 49.64
CA MET D 436 -19.97 12.80 49.87
C MET D 436 -20.34 11.94 48.67
N PRO D 437 -19.56 10.87 48.40
CA PRO D 437 -19.90 10.00 47.27
C PRO D 437 -21.36 9.64 47.23
N GLU D 438 -21.96 9.70 46.03
CA GLU D 438 -23.38 9.44 45.90
C GLU D 438 -23.76 8.13 46.57
N HIS D 439 -23.19 7.02 46.11
CA HIS D 439 -23.44 5.74 46.76
C HIS D 439 -22.21 4.84 46.81
N HIS D 440 -21.04 5.32 46.37
CA HIS D 440 -19.83 4.51 46.54
C HIS D 440 -19.65 4.12 47.99
N THR D 441 -20.15 4.93 48.91
CA THR D 441 -20.20 4.54 50.31
C THR D 441 -21.25 3.46 50.47
N GLY D 442 -20.84 2.20 50.36
CA GLY D 442 -21.77 1.09 50.33
C GLY D 442 -21.48 0.12 49.20
N GLN D 443 -20.97 0.65 48.08
CA GLN D 443 -20.65 -0.19 46.93
C GLN D 443 -19.61 0.50 46.04
N LEU D 444 -19.33 -0.07 44.87
CA LEU D 444 -18.45 0.54 43.90
C LEU D 444 -19.20 1.18 42.74
N GLY D 445 -20.50 0.92 42.59
CA GLY D 445 -21.33 1.44 41.54
C GLY D 445 -21.94 2.81 41.75
N GLY D 446 -21.21 3.90 41.50
CA GLY D 446 -21.80 5.23 41.62
C GLY D 446 -21.05 6.25 42.45
N THR D 447 -19.72 6.17 42.49
CA THR D 447 -18.94 7.05 43.34
C THR D 447 -19.20 8.54 43.08
N MET D 448 -19.07 9.00 41.84
CA MET D 448 -19.15 10.42 41.58
C MET D 448 -20.57 10.80 41.15
N ARG D 449 -21.00 11.97 41.59
CA ARG D 449 -22.36 12.44 41.32
C ARG D 449 -22.44 12.87 39.86
N LEU D 450 -22.36 11.87 38.99
CA LEU D 450 -22.34 12.08 37.55
C LEU D 450 -23.76 12.05 36.98
N GLY D 451 -23.97 12.87 35.98
CA GLY D 451 -25.22 12.82 35.25
C GLY D 451 -26.21 13.86 35.71
N LYS D 452 -27.40 13.79 35.14
CA LYS D 452 -28.41 14.80 35.41
C LYS D 452 -29.16 14.46 36.69
N ARG D 453 -29.24 15.43 37.58
CA ARG D 453 -29.90 15.29 38.86
C ARG D 453 -30.81 16.50 39.08
N ILE D 454 -31.67 16.35 40.07
CA ILE D 454 -32.66 17.36 40.42
C ILE D 454 -32.07 18.29 41.47
N THR D 455 -32.48 19.55 41.42
CA THR D 455 -32.09 20.55 42.40
C THR D 455 -33.31 21.41 42.67
N VAL D 456 -33.81 21.35 43.90
CA VAL D 456 -34.98 22.14 44.30
C VAL D 456 -34.49 23.45 44.91
N PHE D 457 -35.38 24.44 44.94
CA PHE D 457 -35.04 25.78 45.39
C PHE D 457 -35.56 26.01 46.79
N SER D 458 -34.66 26.33 47.71
CA SER D 458 -35.07 26.70 49.05
C SER D 458 -35.77 28.06 49.02
N ASP D 459 -36.70 28.24 49.97
CA ASP D 459 -37.51 29.45 49.97
C ASP D 459 -36.66 30.69 50.15
N GLY D 460 -37.10 31.78 49.53
CA GLY D 460 -36.40 33.04 49.59
C GLY D 460 -36.22 33.64 48.22
N PRO D 461 -36.51 34.94 48.06
CA PRO D 461 -36.33 35.56 46.74
C PRO D 461 -34.87 35.53 46.32
N SER D 462 -34.60 34.86 45.21
CA SER D 462 -33.26 34.71 44.68
C SER D 462 -33.25 35.11 43.21
N VAL D 463 -32.19 35.82 42.81
CA VAL D 463 -32.09 36.26 41.42
C VAL D 463 -31.88 35.07 40.50
N ILE D 464 -31.18 34.04 40.98
CA ILE D 464 -30.92 32.88 40.13
C ILE D 464 -32.20 32.12 39.85
N ARG D 465 -33.09 32.02 40.85
CA ARG D 465 -34.38 31.39 40.62
C ARG D 465 -35.25 32.25 39.70
N GLN D 466 -35.11 33.57 39.77
CA GLN D 466 -35.86 34.44 38.87
C GLN D 466 -35.37 34.25 37.43
N LEU D 467 -34.07 34.08 37.24
CA LEU D 467 -33.54 33.86 35.90
C LEU D 467 -34.02 32.55 35.32
N TYR D 468 -34.05 31.49 36.13
CA TYR D 468 -34.48 30.18 35.67
C TYR D 468 -35.96 30.10 35.35
N GLY D 469 -36.71 31.19 35.53
CA GLY D 469 -38.14 31.19 35.27
C GLY D 469 -39.00 30.97 36.49
N ASN D 470 -38.46 31.19 37.69
CA ASN D 470 -39.17 30.93 38.93
C ASN D 470 -39.78 29.53 38.97
N PRO D 471 -38.98 28.49 38.78
CA PRO D 471 -39.48 27.13 38.93
C PRO D 471 -39.28 26.60 40.34
N LYS D 472 -39.80 25.39 40.57
CA LYS D 472 -39.59 24.70 41.83
C LYS D 472 -38.30 23.90 41.84
N SER D 473 -37.82 23.47 40.68
CA SER D 473 -36.65 22.62 40.60
C SER D 473 -36.08 22.70 39.19
N VAL D 474 -34.84 22.24 39.07
CA VAL D 474 -34.16 22.19 37.77
C VAL D 474 -33.38 20.89 37.66
N GLN D 475 -33.24 20.41 36.43
CA GLN D 475 -32.44 19.24 36.11
C GLN D 475 -31.12 19.72 35.52
N GLU D 476 -30.01 19.36 36.16
CA GLU D 476 -28.71 19.81 35.68
C GLU D 476 -27.69 18.69 35.82
N ARG D 477 -26.62 18.81 35.04
CA ARG D 477 -25.63 17.75 34.91
C ARG D 477 -24.49 17.99 35.90
N HIS D 478 -24.28 17.01 36.78
CA HIS D 478 -23.29 17.08 37.83
C HIS D 478 -22.11 16.19 37.51
N ARG D 479 -20.92 16.63 37.90
CA ARG D 479 -19.70 15.82 37.86
C ARG D 479 -18.81 16.31 39.00
N HIS D 480 -18.93 15.66 40.15
CA HIS D 480 -18.17 16.08 41.32
C HIS D 480 -18.37 15.08 42.45
N ARG D 481 -17.33 14.93 43.27
CA ARG D 481 -17.37 14.12 44.48
C ARG D 481 -17.64 14.95 45.72
N TYR D 482 -16.92 16.05 45.89
CA TYR D 482 -16.92 16.81 47.13
C TYR D 482 -18.24 17.55 47.32
N GLU D 483 -18.31 18.36 48.37
CA GLU D 483 -19.53 19.03 48.77
C GLU D 483 -19.20 19.99 49.90
N VAL D 484 -20.06 20.99 50.09
CA VAL D 484 -19.89 21.93 51.18
C VAL D 484 -20.18 21.23 52.50
N ASN D 485 -19.38 21.53 53.51
CA ASN D 485 -19.53 20.86 54.79
C ASN D 485 -20.90 21.16 55.39
N PRO D 486 -21.65 20.16 55.86
CA PRO D 486 -22.97 20.43 56.44
C PRO D 486 -22.92 20.97 57.87
N LYS D 487 -21.75 21.06 58.49
CA LYS D 487 -21.64 21.58 59.84
C LYS D 487 -21.35 23.07 59.87
N TYR D 488 -20.51 23.55 58.94
CA TYR D 488 -20.26 24.97 58.79
C TYR D 488 -21.38 25.69 58.06
N VAL D 489 -22.51 25.03 57.83
CA VAL D 489 -23.62 25.66 57.10
C VAL D 489 -24.04 26.95 57.79
N HIS D 490 -24.30 26.88 59.09
CA HIS D 490 -24.72 28.08 59.81
C HIS D 490 -23.53 28.98 60.14
N LEU D 491 -22.35 28.40 60.36
CA LEU D 491 -21.16 29.21 60.61
C LEU D 491 -20.92 30.19 59.48
N LEU D 492 -21.34 29.86 58.26
CA LEU D 492 -21.16 30.71 57.10
C LEU D 492 -22.46 31.31 56.58
N GLU D 493 -23.61 30.84 57.06
CA GLU D 493 -24.89 31.38 56.65
C GLU D 493 -25.37 32.52 57.54
N GLU D 494 -24.89 32.61 58.77
CA GLU D 494 -25.18 33.77 59.61
C GLU D 494 -24.25 34.91 59.20
N GLN D 495 -24.25 35.21 57.91
CA GLN D 495 -23.33 36.14 57.28
C GLN D 495 -23.87 36.41 55.88
N GLY D 496 -23.07 37.08 55.06
CA GLY D 496 -23.49 37.38 53.70
C GLY D 496 -23.45 36.19 52.77
N MET D 497 -24.13 35.10 53.12
CA MET D 497 -24.24 33.93 52.27
C MET D 497 -25.64 33.36 52.38
N ARG D 498 -26.07 32.69 51.31
CA ARG D 498 -27.43 32.15 51.25
C ARG D 498 -27.45 30.95 50.31
N PHE D 499 -27.96 29.82 50.81
CA PHE D 499 -28.02 28.58 50.03
C PHE D 499 -29.45 28.43 49.53
N VAL D 500 -29.65 28.72 48.24
CA VAL D 500 -30.98 28.76 47.66
C VAL D 500 -31.34 27.49 46.91
N GLY D 501 -30.38 26.61 46.69
CA GLY D 501 -30.64 25.40 45.92
C GLY D 501 -30.00 24.18 46.54
N THR D 502 -30.78 23.10 46.63
CA THR D 502 -30.30 21.86 47.22
C THR D 502 -31.07 20.70 46.61
N ASP D 503 -30.64 19.49 46.95
CA ASP D 503 -31.27 18.29 46.45
C ASP D 503 -32.53 17.98 47.26
N VAL D 504 -33.19 16.87 46.91
CA VAL D 504 -34.44 16.51 47.58
C VAL D 504 -34.19 16.07 49.01
N ASP D 505 -32.94 15.75 49.36
CA ASP D 505 -32.59 15.31 50.70
C ASP D 505 -32.07 16.46 51.57
N LYS D 506 -31.87 17.64 51.01
CA LYS D 506 -31.51 18.84 51.75
C LYS D 506 -30.17 18.69 52.46
N THR D 507 -29.33 17.77 52.00
CA THR D 507 -28.01 17.57 52.58
C THR D 507 -26.88 18.01 51.65
N ARG D 508 -27.20 18.51 50.46
CA ARG D 508 -26.21 18.92 49.47
C ARG D 508 -26.61 20.27 48.90
N MET D 509 -25.86 21.31 49.23
CA MET D 509 -26.09 22.63 48.70
C MET D 509 -25.28 22.82 47.43
N GLU D 510 -25.96 23.26 46.36
CA GLU D 510 -25.32 23.41 45.07
C GLU D 510 -25.66 24.73 44.37
N ILE D 511 -26.36 25.64 45.03
CA ILE D 511 -26.59 26.99 44.51
C ILE D 511 -26.50 27.95 45.68
N ILE D 512 -25.48 28.81 45.67
CA ILE D 512 -25.27 29.79 46.72
C ILE D 512 -25.38 31.19 46.13
N GLU D 513 -25.48 32.17 47.02
CA GLU D 513 -25.56 33.58 46.65
C GLU D 513 -25.03 34.41 47.80
N LEU D 514 -24.65 35.64 47.49
CA LEU D 514 -24.20 36.59 48.50
C LEU D 514 -25.26 37.67 48.69
N SER D 515 -25.40 38.13 49.92
CA SER D 515 -26.33 39.20 50.25
C SER D 515 -25.66 40.55 50.05
N GLY D 516 -26.30 41.43 49.29
CA GLY D 516 -25.78 42.74 48.99
C GLY D 516 -24.96 42.80 47.72
N HIS D 517 -24.24 41.73 47.39
CA HIS D 517 -23.49 41.71 46.15
C HIS D 517 -24.45 41.71 44.96
N PRO D 518 -24.16 42.49 43.91
CA PRO D 518 -25.07 42.50 42.75
C PRO D 518 -25.25 41.12 42.13
N TYR D 519 -24.17 40.39 41.92
CA TYR D 519 -24.25 39.06 41.31
C TYR D 519 -23.02 38.26 41.75
N PHE D 520 -23.23 37.34 42.68
CA PHE D 520 -22.18 36.43 43.14
C PHE D 520 -22.71 35.01 43.23
N VAL D 521 -23.37 34.57 42.18
CA VAL D 521 -23.94 33.23 42.14
C VAL D 521 -22.82 32.23 41.88
N ALA D 522 -22.96 31.04 42.43
CA ALA D 522 -22.03 29.94 42.19
C ALA D 522 -22.80 28.64 42.26
N THR D 523 -22.51 27.73 41.32
CA THR D 523 -23.24 26.48 41.18
C THR D 523 -22.29 25.31 41.24
N GLN D 524 -22.74 24.24 41.89
CA GLN D 524 -21.98 22.99 41.92
C GLN D 524 -22.18 22.16 40.67
N TYR D 525 -23.18 22.47 39.87
CA TYR D 525 -23.41 21.76 38.62
C TYR D 525 -22.81 22.53 37.45
N HIS D 526 -22.87 21.93 36.27
CA HIS D 526 -22.33 22.51 35.05
C HIS D 526 -23.46 23.03 34.19
N PRO D 527 -23.82 24.32 34.28
CA PRO D 527 -24.93 24.83 33.47
C PRO D 527 -24.56 25.06 32.01
N GLU D 528 -23.30 24.87 31.64
CA GLU D 528 -22.88 25.12 30.27
C GLU D 528 -23.17 23.96 29.33
N TYR D 529 -23.47 22.78 29.88
CA TYR D 529 -23.76 21.62 29.06
C TYR D 529 -25.20 21.62 28.54
N LEU D 530 -26.03 22.55 28.98
CA LEU D 530 -27.41 22.66 28.51
C LEU D 530 -27.66 24.00 27.83
N SER D 531 -26.60 24.65 27.38
CA SER D 531 -26.68 25.96 26.75
C SER D 531 -26.61 25.79 25.25
N ARG D 532 -27.76 25.87 24.60
CA ARG D 532 -27.84 25.76 23.16
C ARG D 532 -27.82 27.15 22.53
N PRO D 533 -27.42 27.24 21.26
CA PRO D 533 -27.30 28.57 20.64
C PRO D 533 -28.55 29.40 20.75
N LEU D 534 -29.72 28.78 20.61
CA LEU D 534 -31.00 29.48 20.69
C LEU D 534 -31.59 29.43 22.09
N LYS D 535 -30.83 28.97 23.09
CA LYS D 535 -31.31 28.85 24.47
C LYS D 535 -30.14 29.03 25.42
N PRO D 536 -29.86 30.25 25.85
CA PRO D 536 -28.70 30.46 26.73
C PRO D 536 -29.00 30.06 28.16
N SER D 537 -27.97 29.59 28.86
CA SER D 537 -28.16 29.17 30.24
C SER D 537 -28.46 30.39 31.11
N PRO D 538 -29.42 30.31 32.02
CA PRO D 538 -29.80 31.47 32.81
C PRO D 538 -28.63 32.03 33.61
N PRO D 539 -27.78 31.20 34.20
CA PRO D 539 -26.65 31.75 34.97
C PRO D 539 -25.73 32.63 34.15
N PHE D 540 -25.26 32.15 33.00
CA PHE D 540 -24.40 32.95 32.15
C PHE D 540 -25.13 34.20 31.66
N LEU D 541 -26.43 34.06 31.37
CA LEU D 541 -27.22 35.20 30.92
C LEU D 541 -27.22 36.29 31.98
N GLY D 542 -27.49 35.92 33.23
CA GLY D 542 -27.47 36.88 34.30
C GLY D 542 -26.08 37.46 34.54
N LEU D 543 -25.05 36.63 34.39
CA LEU D 543 -23.69 37.13 34.52
C LEU D 543 -23.44 38.24 33.52
N ILE D 544 -23.77 37.99 32.25
CA ILE D 544 -23.54 39.00 31.22
C ILE D 544 -24.37 40.25 31.50
N LEU D 545 -25.64 40.06 31.84
CA LEU D 545 -26.50 41.20 32.11
C LEU D 545 -25.92 42.08 33.23
N ALA D 546 -25.68 41.48 34.40
CA ALA D 546 -25.09 42.23 35.50
C ALA D 546 -23.73 42.81 35.15
N SER D 547 -23.02 42.20 34.21
CA SER D 547 -21.71 42.70 33.83
C SER D 547 -21.80 43.96 33.00
N VAL D 548 -22.94 44.18 32.34
CA VAL D 548 -23.20 45.41 31.61
C VAL D 548 -24.18 46.31 32.34
N ASP D 549 -24.58 45.93 33.56
CA ASP D 549 -25.52 46.70 34.37
C ASP D 549 -26.88 46.79 33.67
N ARG D 550 -27.46 45.62 33.40
CA ARG D 550 -28.79 45.54 32.83
C ARG D 550 -29.63 44.44 33.46
N LEU D 551 -29.12 43.75 34.48
CA LEU D 551 -29.82 42.59 35.02
C LEU D 551 -31.12 43.00 35.70
N ASN D 552 -31.05 43.97 36.62
CA ASN D 552 -32.27 44.42 37.29
C ASN D 552 -33.32 44.85 36.29
N GLN D 553 -32.94 45.61 35.27
CA GLN D 553 -33.89 45.99 34.24
C GLN D 553 -34.46 44.77 33.54
N TYR D 554 -33.63 43.79 33.22
CA TYR D 554 -34.11 42.59 32.54
C TYR D 554 -35.15 41.86 33.39
N ILE D 555 -34.95 41.85 34.71
CA ILE D 555 -35.92 41.18 35.59
C ILE D 555 -37.23 41.96 35.60
N GLN D 556 -37.16 43.25 35.85
CA GLN D 556 -38.37 44.07 35.94
C GLN D 556 -38.86 44.44 34.54
#